data_7JLP
#
_entry.id   7JLP
#
_cell.length_a   1.00
_cell.length_b   1.00
_cell.length_c   1.00
_cell.angle_alpha   90.00
_cell.angle_beta   90.00
_cell.angle_gamma   90.00
#
_symmetry.space_group_name_H-M   'P 1'
#
loop_
_entity.id
_entity.type
_entity.pdbx_description
1 polymer 'Autophagy-related protein 9A'
2 non-polymer '(2S)-3-(hexadecanoyloxy)-2-[(9Z)-octadec-9-enoyloxy]propyl 2-(trimethylammonio)ethyl phosphate'
#
_entity_poly.entity_id   1
_entity_poly.type   'polypeptide(L)'
_entity_poly.pdbx_seq_one_letter_code
;MAQFDTEYQRLEASYSDSPPGEEDLLVHVAEGSKSPWHHIENLDLFFSRVYNLHQKNGFTCMLIGEIFELMQFLFVVAFT
TFLVSCVDYDILFANKMVNHSLHPTEPVKVTLPDAFLPAQVCSARIQENGSLITILVIAGVFWIHRLIKFIYNICCYWEI
HSFYLHALRIPMSALPYCTWQEVQARIVQTQKEHQICIHKRELTELDIYHRILRFQNYMVALVNKSLLPLRFRLPGLGEA
VFFTRGLKYNFELILFWGPGSLFLNEWSLKAEYKRGGQRLELAQRLSNRILWIGIANFLLCPLILIWQILYAFFSYAEVL
KREPGALGARCWSLYGRCYLRHFNELEHELQSRLNRGYKPASKYMNCFLSPLLTLLAKNGAFFAGSILAVLIALTIYDED
VLAVEHVLTTVTLLGVTVTVCRSFIPDQHMVFCPEQLLRVILAHIHYMPDHWQGNAHRSQTRDEFAQLFQYKAVFILEEL
LSPIVTPLILIFCLRPRALEIIDFFRNFTVEVVGVGDTCSFAQMDVRQHGHPQWLSAGQTEASVYQQAEDGKTELSLMHF
AITNPGWQPPRESTAFLG
;
_entity_poly.pdbx_strand_id   A,B,C
#
loop_
_chem_comp.id
_chem_comp.type
_chem_comp.name
_chem_comp.formula
POV non-polymer '(2S)-3-(hexadecanoyloxy)-2-[(9Z)-octadec-9-enoyloxy]propyl 2-(trimethylammonio)ethyl phosphate' 'C42 H82 N O8 P'
#
# COMPACT_ATOMS: atom_id res chain seq x y z
N PRO A 36 29.29 6.52 45.08
CA PRO A 36 28.26 7.54 44.86
C PRO A 36 26.85 6.97 44.90
N TRP A 37 26.71 5.71 44.49
CA TRP A 37 25.40 5.05 44.45
C TRP A 37 25.12 4.30 45.75
N HIS A 38 25.27 4.99 46.87
CA HIS A 38 24.89 4.48 48.18
C HIS A 38 23.86 5.36 48.88
N HIS A 39 24.03 6.68 48.84
CA HIS A 39 23.08 7.61 49.44
C HIS A 39 22.11 8.07 48.34
N ILE A 40 21.07 7.28 48.13
CA ILE A 40 20.04 7.59 47.15
C ILE A 40 18.75 7.95 47.88
N GLU A 41 18.30 7.05 48.75
CA GLU A 41 17.10 7.18 49.58
C GLU A 41 15.81 7.27 48.76
N ASN A 42 15.90 7.22 47.43
CA ASN A 42 14.74 7.33 46.54
C ASN A 42 14.83 6.28 45.46
N LEU A 43 15.05 5.03 45.87
CA LEU A 43 15.27 3.93 44.91
C LEU A 43 14.16 3.84 43.88
N ASP A 44 12.94 4.25 44.23
CA ASP A 44 11.85 4.27 43.26
C ASP A 44 12.20 5.13 42.06
N LEU A 45 12.55 6.39 42.31
CA LEU A 45 12.89 7.31 41.22
C LEU A 45 14.16 6.87 40.50
N PHE A 46 15.13 6.32 41.24
CA PHE A 46 16.36 5.87 40.62
C PHE A 46 16.10 4.74 39.63
N PHE A 47 15.31 3.74 40.04
CA PHE A 47 15.02 2.63 39.13
C PHE A 47 14.12 3.08 37.98
N SER A 48 13.19 4.00 38.24
CA SER A 48 12.38 4.56 37.16
C SER A 48 13.26 5.24 36.12
N ARG A 49 14.27 5.99 36.57
CA ARG A 49 15.15 6.67 35.63
C ARG A 49 16.05 5.67 34.89
N VAL A 50 16.53 4.64 35.59
CA VAL A 50 17.34 3.61 34.95
C VAL A 50 16.54 2.91 33.85
N TYR A 51 15.25 2.67 34.08
CA TYR A 51 14.42 2.06 33.06
C TYR A 51 14.12 3.04 31.92
N ASN A 52 13.84 4.30 32.26
CA ASN A 52 13.46 5.27 31.25
C ASN A 52 14.63 5.62 30.33
N LEU A 53 15.85 5.60 30.85
CA LEU A 53 17.00 5.90 30.00
C LEU A 53 17.28 4.76 29.02
N HIS A 54 16.98 3.53 29.40
CA HIS A 54 17.11 2.42 28.47
C HIS A 54 15.96 2.42 27.46
N GLN A 55 14.76 2.81 27.88
CA GLN A 55 13.64 2.84 26.95
C GLN A 55 13.75 4.00 25.96
N LYS A 56 14.58 4.99 26.26
CA LYS A 56 14.79 6.13 25.38
C LYS A 56 16.02 5.98 24.50
N ASN A 57 16.65 4.80 24.50
CA ASN A 57 17.76 4.48 23.60
C ASN A 57 18.98 5.36 23.88
N GLY A 58 19.29 5.57 25.15
CA GLY A 58 20.49 6.28 25.53
C GLY A 58 20.22 7.64 26.14
N PHE A 59 21.28 8.42 26.26
CA PHE A 59 21.24 9.74 26.88
C PHE A 59 21.04 10.87 25.87
N THR A 60 21.77 10.82 24.76
CA THR A 60 21.67 11.88 23.76
C THR A 60 20.28 11.93 23.15
N CYS A 61 19.67 10.76 22.93
CA CYS A 61 18.31 10.73 22.37
C CYS A 61 17.30 11.31 23.35
N MET A 62 17.46 11.01 24.65
CA MET A 62 16.57 11.58 25.66
C MET A 62 16.70 13.10 25.71
N LEU A 63 17.93 13.60 25.76
CA LEU A 63 18.17 15.04 25.77
C LEU A 63 17.56 15.69 24.54
N ILE A 64 17.74 15.08 23.38
CA ILE A 64 17.25 15.65 22.13
C ILE A 64 15.73 15.63 22.07
N GLY A 65 15.09 14.58 22.60
CA GLY A 65 13.64 14.57 22.65
C GLY A 65 13.09 15.65 23.54
N GLU A 66 13.70 15.83 24.72
CA GLU A 66 13.24 16.89 25.61
C GLU A 66 13.41 18.27 24.97
N ILE A 67 14.55 18.48 24.30
CA ILE A 67 14.79 19.75 23.64
C ILE A 67 13.75 19.99 22.55
N PHE A 68 13.42 18.96 21.76
CA PHE A 68 12.42 19.17 20.72
C PHE A 68 11.02 19.38 21.29
N GLU A 69 10.70 18.78 22.44
CA GLU A 69 9.42 19.07 23.07
C GLU A 69 9.33 20.55 23.47
N LEU A 70 10.37 21.04 24.14
CA LEU A 70 10.39 22.47 24.49
C LEU A 70 10.29 23.34 23.26
N MET A 71 11.03 22.98 22.19
CA MET A 71 10.98 23.78 20.97
C MET A 71 9.62 23.69 20.29
N GLN A 72 8.92 22.57 20.41
CA GLN A 72 7.57 22.45 19.85
C GLN A 72 6.62 23.43 20.53
N PHE A 73 6.66 23.46 21.87
CA PHE A 73 5.80 24.41 22.59
C PHE A 73 6.14 25.84 22.20
N LEU A 74 7.43 26.19 22.22
CA LEU A 74 7.84 27.56 21.90
C LEU A 74 7.43 27.92 20.47
N PHE A 75 7.61 27.00 19.53
CA PHE A 75 7.28 27.27 18.13
C PHE A 75 5.78 27.48 17.96
N VAL A 76 4.95 26.64 18.59
CA VAL A 76 3.51 26.82 18.47
C VAL A 76 3.12 28.20 18.96
N VAL A 77 3.59 28.58 20.16
CA VAL A 77 3.19 29.87 20.72
C VAL A 77 3.68 31.02 19.84
N ALA A 78 4.94 30.99 19.44
CA ALA A 78 5.51 32.08 18.66
C ALA A 78 4.85 32.20 17.29
N PHE A 79 4.59 31.07 16.64
CA PHE A 79 3.96 31.10 15.31
C PHE A 79 2.54 31.63 15.40
N THR A 80 1.78 31.21 16.42
CA THR A 80 0.42 31.72 16.56
C THR A 80 0.42 33.23 16.83
N THR A 81 1.33 33.69 17.70
CA THR A 81 1.41 35.12 17.96
C THR A 81 1.80 35.90 16.70
N PHE A 82 2.76 35.38 15.94
CA PHE A 82 3.18 36.05 14.70
C PHE A 82 2.03 36.11 13.70
N LEU A 83 1.27 35.02 13.56
CA LEU A 83 0.13 35.03 12.65
C LEU A 83 -0.92 36.02 13.11
N VAL A 84 -1.12 36.16 14.42
CA VAL A 84 -2.16 37.04 14.92
C VAL A 84 -1.76 38.51 14.74
N SER A 85 -0.50 38.85 14.99
CA SER A 85 -0.09 40.24 15.08
C SER A 85 0.65 40.76 13.85
N CYS A 86 1.73 40.09 13.44
CA CYS A 86 2.62 40.67 12.44
C CYS A 86 1.93 40.79 11.08
N VAL A 87 1.50 39.66 10.51
CA VAL A 87 0.93 39.68 9.17
C VAL A 87 -0.33 40.54 9.14
N ASP A 88 -0.56 41.19 8.00
CA ASP A 88 -1.66 42.14 7.87
C ASP A 88 -2.82 41.64 7.04
N TYR A 89 -2.59 40.71 6.12
CA TYR A 89 -3.64 40.06 5.34
C TYR A 89 -4.38 41.02 4.42
N ASP A 90 -3.97 42.29 4.36
CA ASP A 90 -4.57 43.22 3.42
C ASP A 90 -3.84 43.20 2.09
N ILE A 91 -2.53 43.49 2.11
CA ILE A 91 -1.72 43.37 0.89
C ILE A 91 -1.34 41.93 0.59
N LEU A 92 -1.80 40.98 1.40
CA LEU A 92 -1.60 39.57 1.08
C LEU A 92 -2.75 39.05 0.23
N PHE A 93 -3.99 39.38 0.59
CA PHE A 93 -5.16 39.01 -0.19
C PHE A 93 -5.37 39.92 -1.39
N ALA A 94 -4.44 40.82 -1.68
CA ALA A 94 -4.51 41.73 -2.82
C ALA A 94 -5.78 42.57 -2.79
N ASN A 95 -5.92 43.35 -1.72
CA ASN A 95 -7.03 44.28 -1.58
C ASN A 95 -6.72 45.37 -0.56
N VAL A 108 3.06 45.04 -10.51
CA VAL A 108 4.28 44.42 -9.99
C VAL A 108 3.91 43.36 -8.96
N LYS A 109 4.63 42.24 -8.99
CA LYS A 109 4.35 41.12 -8.10
C LYS A 109 4.76 41.48 -6.67
N VAL A 110 3.95 41.07 -5.70
CA VAL A 110 4.13 41.43 -4.30
C VAL A 110 4.84 40.28 -3.61
N THR A 111 5.85 40.59 -2.81
CA THR A 111 6.61 39.58 -2.09
C THR A 111 5.93 39.21 -0.78
N LEU A 112 6.38 38.10 -0.20
CA LEU A 112 5.95 37.76 1.16
C LEU A 112 6.44 38.76 2.19
N PRO A 113 7.71 39.18 2.20
CA PRO A 113 8.15 40.14 3.22
C PRO A 113 7.40 41.46 3.24
N ASP A 114 6.70 41.83 2.15
CA ASP A 114 5.88 43.04 2.22
C ASP A 114 4.72 42.87 3.18
N ALA A 115 4.08 41.69 3.20
CA ALA A 115 2.97 41.46 4.11
C ALA A 115 3.42 41.42 5.57
N PHE A 116 4.70 41.15 5.83
CA PHE A 116 5.21 41.13 7.19
C PHE A 116 5.48 42.56 7.65
N LEU A 117 4.85 42.94 8.76
CA LEU A 117 5.13 44.24 9.35
C LEU A 117 6.55 44.27 9.91
N PRO A 118 7.21 45.42 9.90
CA PRO A 118 8.53 45.52 10.53
C PRO A 118 8.44 45.22 12.02
N ALA A 119 9.59 44.87 12.59
CA ALA A 119 9.62 44.35 13.95
C ALA A 119 9.05 45.35 14.95
N GLN A 120 9.30 46.64 14.75
CA GLN A 120 8.89 47.64 15.73
C GLN A 120 7.38 47.76 15.80
N VAL A 121 6.71 47.90 14.65
CA VAL A 121 5.26 48.06 14.68
C VAL A 121 4.58 46.76 15.11
N CYS A 122 5.19 45.62 14.80
CA CYS A 122 4.61 44.36 15.27
C CYS A 122 4.72 44.23 16.78
N SER A 123 5.86 44.63 17.35
CA SER A 123 6.00 44.64 18.81
C SER A 123 5.02 45.62 19.45
N ALA A 124 4.81 46.77 18.81
CA ALA A 124 3.87 47.74 19.34
C ALA A 124 2.44 47.21 19.29
N ARG A 125 2.10 46.46 18.23
CA ARG A 125 0.77 45.87 18.14
C ARG A 125 0.61 44.72 19.12
N ILE A 126 1.69 44.01 19.42
CA ILE A 126 1.63 42.92 20.40
C ILE A 126 1.42 43.49 21.80
N GLN A 127 2.24 44.47 22.18
CA GLN A 127 2.21 45.02 23.53
C GLN A 127 1.02 45.92 23.80
N GLU A 128 0.03 45.99 22.92
CA GLU A 128 -1.17 46.78 23.14
C GLU A 128 -2.44 45.96 23.07
N ASN A 129 -2.33 44.64 22.87
CA ASN A 129 -3.53 43.82 22.71
C ASN A 129 -4.26 43.57 24.02
N GLY A 130 -3.53 43.51 25.14
CA GLY A 130 -4.15 43.33 26.43
C GLY A 130 -4.65 41.93 26.67
N SER A 131 -5.57 41.46 25.82
CA SER A 131 -6.09 40.11 25.92
C SER A 131 -5.14 39.07 25.35
N LEU A 132 -3.99 39.49 24.83
CA LEU A 132 -2.97 38.58 24.32
C LEU A 132 -1.72 38.55 25.19
N ILE A 133 -1.34 39.69 25.77
CA ILE A 133 -0.17 39.72 26.65
C ILE A 133 -0.45 38.96 27.94
N THR A 134 -1.71 38.93 28.38
CA THR A 134 -2.06 38.18 29.58
C THR A 134 -2.02 36.67 29.33
N ILE A 135 -2.19 36.24 28.08
CA ILE A 135 -2.00 34.84 27.74
C ILE A 135 -0.52 34.54 27.55
N LEU A 136 0.23 35.48 26.96
CA LEU A 136 1.65 35.28 26.75
C LEU A 136 2.42 35.19 28.06
N VAL A 137 2.00 35.96 29.08
CA VAL A 137 2.69 35.89 30.38
C VAL A 137 2.54 34.50 30.99
N ILE A 138 1.32 33.94 30.92
CA ILE A 138 1.09 32.62 31.48
C ILE A 138 1.80 31.54 30.67
N ALA A 139 1.74 31.64 29.35
CA ALA A 139 2.45 30.70 28.49
C ALA A 139 3.97 30.83 28.62
N GLY A 140 4.45 31.95 29.16
CA GLY A 140 5.86 32.10 29.42
C GLY A 140 6.27 31.54 30.76
N VAL A 141 5.44 31.74 31.79
CA VAL A 141 5.79 31.17 33.10
C VAL A 141 5.66 29.66 33.08
N PHE A 142 4.69 29.11 32.33
CA PHE A 142 4.59 27.66 32.21
C PHE A 142 5.80 27.08 31.51
N TRP A 143 6.23 27.73 30.42
CA TRP A 143 7.42 27.27 29.71
C TRP A 143 8.67 27.43 30.55
N ILE A 144 8.74 28.46 31.41
CA ILE A 144 9.88 28.62 32.29
C ILE A 144 9.93 27.50 33.31
N HIS A 145 8.78 27.15 33.90
CA HIS A 145 8.74 26.02 34.81
C HIS A 145 9.16 24.73 34.12
N ARG A 146 8.69 24.52 32.88
CA ARG A 146 9.08 23.33 32.13
C ARG A 146 10.58 23.29 31.87
N LEU A 147 11.15 24.44 31.48
CA LEU A 147 12.58 24.49 31.19
C LEU A 147 13.41 24.26 32.45
N ILE A 148 12.95 24.78 33.60
CA ILE A 148 13.66 24.56 34.85
C ILE A 148 13.61 23.08 35.22
N LYS A 149 12.44 22.45 35.05
CA LYS A 149 12.34 21.01 35.32
C LYS A 149 13.27 20.23 34.40
N PHE A 150 13.37 20.63 33.14
CA PHE A 150 14.26 19.95 32.20
C PHE A 150 15.73 20.10 32.60
N ILE A 151 16.12 21.31 32.99
CA ILE A 151 17.49 21.56 33.44
C ILE A 151 17.81 20.71 34.66
N TYR A 152 16.85 20.60 35.59
CA TYR A 152 17.07 19.76 36.76
C TYR A 152 17.13 18.29 36.40
N ASN A 153 16.35 17.85 35.40
CA ASN A 153 16.35 16.44 35.04
C ASN A 153 17.62 16.02 34.31
N ILE A 154 18.25 16.95 33.59
CA ILE A 154 19.49 16.60 32.88
C ILE A 154 20.61 16.30 33.88
N CYS A 155 20.72 17.11 34.94
CA CYS A 155 21.76 16.89 35.93
C CYS A 155 21.55 15.60 36.71
N CYS A 156 20.33 15.06 36.72
CA CYS A 156 20.06 13.78 37.37
C CYS A 156 20.16 12.61 36.41
N TYR A 157 19.95 12.82 35.11
CA TYR A 157 20.11 11.75 34.13
C TYR A 157 21.56 11.55 33.75
N TRP A 158 22.41 12.58 33.87
CA TRP A 158 23.84 12.36 33.68
C TRP A 158 24.38 11.36 34.70
N GLU A 159 23.85 11.38 35.92
CA GLU A 159 24.29 10.42 36.93
C GLU A 159 23.86 9.00 36.57
N ILE A 160 22.67 8.84 35.99
CA ILE A 160 22.25 7.52 35.52
C ILE A 160 23.10 7.08 34.34
N HIS A 161 23.51 8.02 33.49
CA HIS A 161 24.44 7.70 32.41
C HIS A 161 25.75 7.17 32.97
N SER A 162 26.30 7.83 33.98
CA SER A 162 27.51 7.35 34.62
C SER A 162 27.30 6.00 35.29
N PHE A 163 26.13 5.78 35.88
CA PHE A 163 25.82 4.50 36.51
C PHE A 163 25.76 3.39 35.47
N TYR A 164 25.25 3.70 34.27
CA TYR A 164 25.27 2.71 33.19
C TYR A 164 26.70 2.43 32.73
N LEU A 165 27.50 3.48 32.57
CA LEU A 165 28.84 3.31 32.00
C LEU A 165 29.75 2.54 32.93
N HIS A 166 29.78 2.90 34.21
CA HIS A 166 30.76 2.34 35.14
C HIS A 166 30.22 1.12 35.89
N ALA A 167 29.09 1.28 36.58
CA ALA A 167 28.61 0.22 37.46
C ALA A 167 28.12 -1.00 36.68
N LEU A 168 27.52 -0.80 35.52
CA LEU A 168 27.01 -1.91 34.71
C LEU A 168 27.95 -2.31 33.59
N ARG A 169 28.95 -1.50 33.27
CA ARG A 169 29.88 -1.78 32.17
C ARG A 169 29.13 -1.97 30.85
N ILE A 170 28.12 -1.14 30.62
CA ILE A 170 27.36 -1.14 29.38
C ILE A 170 27.59 0.20 28.68
N PRO A 171 28.30 0.22 27.55
CA PRO A 171 28.51 1.49 26.84
C PRO A 171 27.19 2.05 26.34
N MET A 172 27.16 3.37 26.15
CA MET A 172 25.95 4.03 25.66
C MET A 172 25.67 3.73 24.20
N SER A 173 26.54 2.99 23.52
CA SER A 173 26.32 2.55 22.15
C SER A 173 25.82 1.11 22.07
N ALA A 174 25.70 0.42 23.20
CA ALA A 174 25.17 -0.93 23.24
C ALA A 174 23.80 -1.00 23.90
N LEU A 175 23.21 0.15 24.25
CA LEU A 175 21.88 0.14 24.85
C LEU A 175 20.80 -0.34 23.88
N PRO A 176 20.70 0.17 22.64
CA PRO A 176 19.59 -0.26 21.78
C PRO A 176 19.67 -1.71 21.33
N TYR A 177 20.70 -2.43 21.79
CA TYR A 177 20.88 -3.83 21.44
C TYR A 177 20.92 -4.73 22.67
N CYS A 178 20.54 -4.20 23.83
CA CYS A 178 20.47 -4.97 25.07
C CYS A 178 19.02 -4.98 25.53
N THR A 179 18.41 -6.16 25.54
CA THR A 179 17.06 -6.28 26.07
C THR A 179 17.04 -5.92 27.55
N TRP A 180 15.85 -5.55 28.03
CA TRP A 180 15.73 -5.13 29.43
C TRP A 180 16.08 -6.26 30.39
N GLN A 181 15.93 -7.52 29.96
CA GLN A 181 16.29 -8.63 30.84
C GLN A 181 17.79 -8.64 31.12
N GLU A 182 18.61 -8.32 30.12
CA GLU A 182 20.05 -8.27 30.32
C GLU A 182 20.45 -7.14 31.27
N VAL A 183 19.83 -5.97 31.12
CA VAL A 183 20.11 -4.86 32.01
C VAL A 183 19.66 -5.18 33.43
N GLN A 184 18.52 -5.85 33.57
CA GLN A 184 18.05 -6.26 34.89
C GLN A 184 19.01 -7.25 35.53
N ALA A 185 19.50 -8.22 34.75
CA ALA A 185 20.45 -9.19 35.27
C ALA A 185 21.75 -8.52 35.69
N ARG A 186 22.23 -7.57 34.89
CA ARG A 186 23.45 -6.85 35.25
C ARG A 186 23.24 -5.96 36.46
N ILE A 187 22.01 -5.49 36.68
CA ILE A 187 21.72 -4.72 37.88
C ILE A 187 21.75 -5.62 39.11
N VAL A 188 21.10 -6.78 39.02
CA VAL A 188 20.92 -7.61 40.21
C VAL A 188 22.19 -8.37 40.55
N GLN A 189 22.98 -8.79 39.55
CA GLN A 189 24.12 -9.64 39.84
C GLN A 189 25.33 -8.84 40.33
N THR A 190 25.41 -7.56 39.97
CA THR A 190 26.50 -6.71 40.44
C THR A 190 26.10 -5.84 41.62
N GLN A 191 25.08 -6.24 42.39
CA GLN A 191 24.60 -5.43 43.49
C GLN A 191 25.54 -5.44 44.69
N LYS A 192 26.70 -6.10 44.59
CA LYS A 192 27.68 -6.10 45.65
C LYS A 192 28.67 -4.94 45.52
N GLU A 193 28.93 -4.48 44.31
CA GLU A 193 29.90 -3.40 44.08
C GLU A 193 29.29 -2.03 44.36
N HIS A 194 28.22 -1.67 43.64
CA HIS A 194 27.61 -0.36 43.83
C HIS A 194 26.79 -0.27 45.11
N GLN A 195 26.46 -1.42 45.71
CA GLN A 195 25.78 -1.52 47.01
C GLN A 195 24.69 -0.45 47.18
N ILE A 196 23.72 -0.48 46.26
CA ILE A 196 22.65 0.51 46.29
C ILE A 196 21.66 0.21 47.40
N CYS A 197 21.38 -1.08 47.64
CA CYS A 197 20.40 -1.50 48.63
C CYS A 197 21.04 -2.51 49.58
N ILE A 198 21.44 -2.04 50.76
CA ILE A 198 22.00 -2.91 51.79
C ILE A 198 21.00 -3.20 52.91
N HIS A 199 20.04 -2.31 53.14
CA HIS A 199 19.02 -2.53 54.16
C HIS A 199 18.34 -3.89 53.96
N LYS A 200 17.75 -4.09 52.78
CA LYS A 200 17.28 -5.43 52.43
C LYS A 200 18.48 -6.34 52.18
N ARG A 201 18.32 -7.62 52.53
CA ARG A 201 19.44 -8.56 52.49
C ARG A 201 20.02 -8.67 51.09
N GLU A 202 19.18 -8.70 50.07
CA GLU A 202 19.65 -8.83 48.69
C GLU A 202 18.73 -7.99 47.81
N LEU A 203 19.01 -7.99 46.51
CA LEU A 203 18.15 -7.37 45.52
C LEU A 203 17.57 -8.45 44.61
N THR A 204 16.34 -8.23 44.16
CA THR A 204 15.62 -9.21 43.37
C THR A 204 14.96 -8.52 42.19
N GLU A 205 14.75 -9.27 41.12
CA GLU A 205 14.03 -8.72 39.96
C GLU A 205 12.63 -8.28 40.35
N LEU A 206 11.98 -9.02 41.25
CA LEU A 206 10.68 -8.61 41.74
C LEU A 206 10.76 -7.29 42.50
N ASP A 207 11.87 -7.05 43.20
CA ASP A 207 12.05 -5.76 43.88
C ASP A 207 12.08 -4.61 42.88
N ILE A 208 12.82 -4.78 41.78
CA ILE A 208 12.85 -3.75 40.75
C ILE A 208 11.48 -3.55 40.13
N TYR A 209 10.78 -4.66 39.85
CA TYR A 209 9.44 -4.56 39.28
C TYR A 209 8.50 -3.79 40.21
N HIS A 210 8.63 -4.02 41.52
CA HIS A 210 7.79 -3.29 42.48
C HIS A 210 8.19 -1.82 42.57
N ARG A 211 9.49 -1.53 42.50
CA ARG A 211 9.95 -0.15 42.61
C ARG A 211 9.51 0.68 41.42
N ILE A 212 9.57 0.11 40.22
CA ILE A 212 9.20 0.88 39.03
C ILE A 212 7.70 1.08 38.95
N LEU A 213 6.92 0.06 39.29
CA LEU A 213 5.49 0.02 39.03
C LEU A 213 4.65 0.10 40.30
N ARG A 214 5.04 0.96 41.25
CA ARG A 214 4.29 1.05 42.50
C ARG A 214 2.96 1.76 42.31
N PHE A 215 2.88 2.73 41.40
CA PHE A 215 1.66 3.49 41.18
C PHE A 215 0.83 2.98 40.01
N GLN A 216 1.47 2.37 39.01
CA GLN A 216 0.71 1.81 37.90
C GLN A 216 -0.13 0.63 38.36
N ASN A 217 0.35 -0.15 39.33
CA ASN A 217 -0.46 -1.22 39.89
C ASN A 217 -1.68 -0.66 40.60
N TYR A 218 -1.51 0.45 41.33
CA TYR A 218 -2.64 1.08 41.98
C TYR A 218 -3.64 1.60 40.96
N MET A 219 -3.15 2.17 39.86
CA MET A 219 -4.06 2.65 38.83
C MET A 219 -4.82 1.51 38.17
N VAL A 220 -4.14 0.39 37.92
CA VAL A 220 -4.80 -0.77 37.33
C VAL A 220 -5.88 -1.30 38.27
N ALA A 221 -5.54 -1.43 39.55
CA ALA A 221 -6.52 -1.94 40.52
C ALA A 221 -7.69 -0.99 40.70
N LEU A 222 -7.45 0.32 40.59
CA LEU A 222 -8.54 1.28 40.74
C LEU A 222 -9.44 1.28 39.52
N VAL A 223 -8.88 1.14 38.33
CA VAL A 223 -9.68 1.15 37.11
C VAL A 223 -10.47 -0.14 36.98
N ASN A 224 -9.86 -1.28 37.35
CA ASN A 224 -10.50 -2.57 37.14
C ASN A 224 -11.50 -2.92 38.24
N LYS A 225 -11.56 -2.16 39.32
CA LYS A 225 -12.59 -2.34 40.34
C LYS A 225 -13.71 -1.32 40.22
N SER A 226 -13.74 -0.56 39.11
CA SER A 226 -14.78 0.43 38.86
C SER A 226 -14.86 1.46 39.99
N LEU A 227 -13.70 1.84 40.50
CA LEU A 227 -13.60 2.85 41.55
C LEU A 227 -13.38 4.26 41.01
N LEU A 228 -13.29 4.41 39.69
CA LEU A 228 -13.10 5.71 39.08
C LEU A 228 -14.22 5.99 38.09
N PRO A 229 -14.71 7.23 38.01
CA PRO A 229 -15.86 7.53 37.15
C PRO A 229 -15.50 7.70 35.69
N LEU A 230 -15.43 6.61 34.93
CA LEU A 230 -15.07 6.67 33.52
C LEU A 230 -16.06 5.92 32.64
N ARG A 231 -17.26 5.66 33.16
CA ARG A 231 -18.35 5.13 32.35
C ARG A 231 -19.55 6.05 32.50
N PHE A 232 -20.16 6.45 31.39
CA PHE A 232 -21.27 7.40 31.42
C PHE A 232 -22.36 6.96 30.45
N ARG A 233 -23.58 7.35 30.78
CA ARG A 233 -24.75 7.11 29.94
C ARG A 233 -25.15 8.41 29.25
N LEU A 234 -25.14 8.40 27.92
CA LEU A 234 -25.47 9.60 27.17
C LEU A 234 -26.67 9.36 26.27
N PRO A 235 -27.59 10.33 26.17
CA PRO A 235 -28.75 10.17 25.27
C PRO A 235 -28.34 10.21 23.82
N GLY A 236 -28.58 9.11 23.09
CA GLY A 236 -28.22 8.99 21.70
C GLY A 236 -26.93 8.23 21.45
N LEU A 237 -26.16 7.97 22.50
CA LEU A 237 -24.91 7.22 22.39
C LEU A 237 -24.89 5.97 23.24
N GLY A 238 -25.50 6.01 24.42
CA GLY A 238 -25.53 4.84 25.30
C GLY A 238 -24.35 4.86 26.26
N GLU A 239 -23.65 3.74 26.34
CA GLU A 239 -22.46 3.63 27.18
C GLU A 239 -21.30 4.35 26.51
N ALA A 240 -20.57 5.14 27.28
CA ALA A 240 -19.42 5.88 26.76
C ALA A 240 -18.31 5.85 27.82
N VAL A 241 -17.12 5.43 27.39
CA VAL A 241 -15.95 5.40 28.26
C VAL A 241 -15.11 6.62 27.95
N PHE A 242 -15.07 7.56 28.89
CA PHE A 242 -14.33 8.81 28.74
C PHE A 242 -13.13 8.77 29.67
N PHE A 243 -11.99 8.34 29.15
CA PHE A 243 -10.74 8.29 29.91
C PHE A 243 -9.67 8.93 29.04
N THR A 244 -9.16 10.08 29.46
CA THR A 244 -8.18 10.84 28.69
C THR A 244 -6.90 11.01 29.51
N ARG A 245 -5.97 11.79 28.95
CA ARG A 245 -4.72 12.04 29.66
C ARG A 245 -4.89 13.08 30.75
N GLY A 246 -5.79 14.04 30.55
CA GLY A 246 -6.08 15.00 31.61
C GLY A 246 -6.69 14.35 32.83
N LEU A 247 -7.66 13.44 32.62
CA LEU A 247 -8.27 12.75 33.74
C LEU A 247 -7.27 11.89 34.50
N LYS A 248 -6.41 11.18 33.78
CA LYS A 248 -5.42 10.35 34.45
C LYS A 248 -4.40 11.19 35.21
N TYR A 249 -3.96 12.29 34.60
CA TYR A 249 -3.04 13.20 35.29
C TYR A 249 -3.68 13.76 36.55
N ASN A 250 -4.96 14.12 36.48
CA ASN A 250 -5.63 14.67 37.64
C ASN A 250 -5.81 13.62 38.73
N PHE A 251 -6.13 12.38 38.35
CA PHE A 251 -6.25 11.30 39.33
C PHE A 251 -4.93 11.08 40.05
N GLU A 252 -3.83 11.00 39.28
CA GLU A 252 -2.53 10.76 39.90
C GLU A 252 -2.07 11.95 40.72
N LEU A 253 -2.45 13.16 40.34
CA LEU A 253 -2.11 14.33 41.15
C LEU A 253 -2.92 14.37 42.43
N ILE A 254 -4.17 13.92 42.38
CA ILE A 254 -5.03 13.94 43.57
C ILE A 254 -4.60 12.86 44.56
N LEU A 255 -4.21 11.70 44.05
CA LEU A 255 -3.99 10.55 44.92
C LEU A 255 -2.52 10.30 45.26
N PHE A 256 -1.59 10.61 44.36
CA PHE A 256 -0.19 10.20 44.54
C PHE A 256 0.77 11.36 44.73
N TRP A 257 0.81 12.32 43.81
CA TRP A 257 1.78 13.39 43.89
C TRP A 257 1.26 14.54 44.75
N GLY A 258 2.17 15.43 45.11
CA GLY A 258 1.85 16.57 45.93
C GLY A 258 2.09 16.30 47.40
N PRO A 259 2.29 17.37 48.19
CA PRO A 259 2.49 17.19 49.63
C PRO A 259 1.22 16.89 50.40
N GLY A 260 0.05 16.93 49.75
CA GLY A 260 -1.20 16.61 50.39
C GLY A 260 -1.87 15.33 49.94
N SER A 261 -1.16 14.48 49.20
CA SER A 261 -1.74 13.25 48.68
C SER A 261 -1.80 12.19 49.78
N LEU A 262 -2.14 10.96 49.40
CA LEU A 262 -2.26 9.88 50.36
C LEU A 262 -0.93 9.26 50.75
N PHE A 263 0.11 9.45 49.95
CA PHE A 263 1.41 8.82 50.17
C PHE A 263 2.34 9.82 50.83
N LEU A 264 2.95 9.40 51.95
CA LEU A 264 3.73 10.32 52.77
C LEU A 264 4.94 10.87 52.02
N ASN A 265 5.95 10.04 51.76
CA ASN A 265 7.13 10.50 51.05
C ASN A 265 7.19 9.98 49.61
N GLU A 266 7.42 8.69 49.41
CA GLU A 266 7.37 8.13 48.07
C GLU A 266 6.79 6.71 48.08
N TRP A 267 6.94 6.02 49.22
CA TRP A 267 6.75 4.58 49.28
C TRP A 267 6.01 4.16 50.53
N SER A 268 5.26 5.07 51.14
CA SER A 268 4.49 4.75 52.33
C SER A 268 3.31 5.72 52.40
N LEU A 269 2.09 5.19 52.29
CA LEU A 269 0.93 6.02 52.53
C LEU A 269 0.84 6.34 54.01
N LYS A 270 0.34 7.54 54.32
CA LYS A 270 0.34 8.03 55.68
C LYS A 270 -0.39 7.06 56.60
N ALA A 271 0.20 6.82 57.78
CA ALA A 271 -0.31 5.81 58.69
C ALA A 271 -1.76 6.07 59.08
N GLU A 272 -2.17 7.35 59.06
CA GLU A 272 -3.57 7.67 59.35
C GLU A 272 -4.53 7.03 58.36
N TYR A 273 -4.04 6.62 57.18
CA TYR A 273 -4.86 5.96 56.19
C TYR A 273 -4.89 4.44 56.36
N LYS A 274 -4.29 3.93 57.44
CA LYS A 274 -4.35 2.50 57.75
C LYS A 274 -5.24 2.22 58.96
N ARG A 275 -5.96 3.22 59.46
CA ARG A 275 -6.84 3.08 60.60
C ARG A 275 -8.26 3.43 60.20
N GLY A 276 -9.18 2.50 60.40
CA GLY A 276 -10.57 2.69 60.07
C GLY A 276 -11.36 3.53 61.05
N GLY A 277 -10.73 4.01 62.12
CA GLY A 277 -11.43 4.82 63.11
C GLY A 277 -11.81 6.20 62.62
N GLN A 278 -11.23 6.65 61.52
CA GLN A 278 -11.48 7.99 60.98
C GLN A 278 -11.76 7.93 59.48
N ARG A 279 -12.62 7.01 59.05
CA ARG A 279 -12.95 6.90 57.63
C ARG A 279 -13.66 8.15 57.14
N LEU A 280 -14.62 8.67 57.93
CA LEU A 280 -15.44 9.78 57.48
C LEU A 280 -14.61 11.06 57.35
N GLU A 281 -13.75 11.34 58.32
CA GLU A 281 -12.93 12.55 58.28
C GLU A 281 -11.97 12.53 57.10
N LEU A 282 -11.32 11.38 56.86
CA LEU A 282 -10.41 11.27 55.72
C LEU A 282 -11.16 11.38 54.41
N ALA A 283 -12.35 10.78 54.33
CA ALA A 283 -13.16 10.91 53.12
C ALA A 283 -13.53 12.37 52.87
N GLN A 284 -13.88 13.10 53.93
CA GLN A 284 -14.24 14.50 53.76
C GLN A 284 -13.04 15.34 53.30
N ARG A 285 -11.87 15.07 53.88
CA ARG A 285 -10.67 15.79 53.46
C ARG A 285 -10.33 15.51 52.00
N LEU A 286 -10.46 14.24 51.59
CA LEU A 286 -10.21 13.89 50.20
C LEU A 286 -11.22 14.55 49.28
N SER A 287 -12.47 14.66 49.72
CA SER A 287 -13.49 15.33 48.92
C SER A 287 -13.16 16.81 48.75
N ASN A 288 -12.70 17.46 49.82
CA ASN A 288 -12.30 18.86 49.71
C ASN A 288 -11.12 19.02 48.75
N ARG A 289 -10.14 18.11 48.83
CA ARG A 289 -9.01 18.17 47.92
C ARG A 289 -9.46 18.03 46.47
N ILE A 290 -10.33 17.06 46.20
CA ILE A 290 -10.84 16.86 44.85
C ILE A 290 -11.58 18.10 44.37
N LEU A 291 -12.38 18.71 45.25
CA LEU A 291 -13.13 19.89 44.87
C LEU A 291 -12.19 21.04 44.51
N TRP A 292 -11.13 21.24 45.29
CA TRP A 292 -10.21 22.33 44.99
C TRP A 292 -9.46 22.08 43.69
N ILE A 293 -9.03 20.84 43.44
CA ILE A 293 -8.34 20.55 42.19
C ILE A 293 -9.29 20.73 41.01
N GLY A 294 -10.56 20.35 41.16
CA GLY A 294 -11.52 20.56 40.10
C GLY A 294 -11.78 22.03 39.83
N ILE A 295 -11.81 22.85 40.89
CA ILE A 295 -11.97 24.29 40.71
C ILE A 295 -10.78 24.87 39.95
N ALA A 296 -9.56 24.41 40.29
CA ALA A 296 -8.38 24.88 39.57
C ALA A 296 -8.44 24.50 38.10
N ASN A 297 -8.88 23.27 37.81
CA ASN A 297 -9.03 22.85 36.42
C ASN A 297 -10.07 23.69 35.69
N PHE A 298 -11.18 23.98 36.36
CA PHE A 298 -12.23 24.79 35.73
C PHE A 298 -11.72 26.20 35.45
N LEU A 299 -10.86 26.73 36.31
CA LEU A 299 -10.28 28.05 36.06
C LEU A 299 -9.31 28.00 34.89
N LEU A 300 -8.47 26.97 34.82
CA LEU A 300 -7.49 26.87 33.74
C LEU A 300 -8.07 26.37 32.42
N CYS A 301 -9.35 25.97 32.40
CA CYS A 301 -10.00 25.45 31.20
C CYS A 301 -9.73 26.22 29.91
N PRO A 302 -9.89 27.56 29.84
CA PRO A 302 -9.76 28.21 28.52
C PRO A 302 -8.35 28.14 27.95
N LEU A 303 -7.32 28.27 28.78
CA LEU A 303 -5.96 28.21 28.30
C LEU A 303 -5.64 26.84 27.73
N ILE A 304 -5.98 25.78 28.47
CA ILE A 304 -5.73 24.42 28.00
C ILE A 304 -6.54 24.14 26.74
N LEU A 305 -7.77 24.67 26.67
CA LEU A 305 -8.58 24.46 25.47
C LEU A 305 -7.95 25.13 24.25
N ILE A 306 -7.47 26.36 24.41
CA ILE A 306 -6.80 27.05 23.31
C ILE A 306 -5.57 26.29 22.87
N TRP A 307 -4.77 25.83 23.83
CA TRP A 307 -3.57 25.07 23.50
C TRP A 307 -3.92 23.79 22.75
N GLN A 308 -4.97 23.09 23.19
CA GLN A 308 -5.35 21.84 22.52
C GLN A 308 -5.84 22.10 21.11
N ILE A 309 -6.64 23.15 20.91
CA ILE A 309 -7.10 23.49 19.56
C ILE A 309 -5.92 23.80 18.66
N LEU A 310 -5.00 24.64 19.13
CA LEU A 310 -3.85 25.02 18.31
C LEU A 310 -2.98 23.80 17.99
N TYR A 311 -2.74 22.93 18.97
CA TYR A 311 -1.90 21.76 18.72
C TYR A 311 -2.57 20.79 17.77
N ALA A 312 -3.89 20.57 17.93
CA ALA A 312 -4.60 19.68 17.02
C ALA A 312 -4.56 20.21 15.59
N PHE A 313 -4.72 21.52 15.41
CA PHE A 313 -4.64 22.08 14.08
C PHE A 313 -3.24 21.92 13.50
N PHE A 314 -2.22 22.35 14.24
CA PHE A 314 -0.86 22.30 13.73
C PHE A 314 -0.37 20.88 13.51
N SER A 315 -0.99 19.88 14.14
CA SER A 315 -0.53 18.51 14.03
C SER A 315 -1.31 17.66 13.05
N TYR A 316 -2.61 17.91 12.87
CA TYR A 316 -3.44 17.02 12.08
C TYR A 316 -4.14 17.69 10.89
N ALA A 317 -4.05 19.00 10.73
CA ALA A 317 -4.78 19.67 9.66
C ALA A 317 -4.15 19.44 8.29
N GLU A 318 -2.98 18.82 8.21
CA GLU A 318 -2.38 18.45 6.94
C GLU A 318 -2.66 17.01 6.56
N VAL A 319 -2.79 16.12 7.55
CA VAL A 319 -3.12 14.72 7.25
C VAL A 319 -4.51 14.62 6.64
N LEU A 320 -5.42 15.52 7.02
CA LEU A 320 -6.73 15.56 6.39
C LEU A 320 -6.62 15.84 4.90
N LYS A 321 -5.74 16.77 4.52
CA LYS A 321 -5.58 17.11 3.11
C LYS A 321 -4.96 15.97 2.32
N ARG A 322 -3.83 15.47 2.79
CA ARG A 322 -3.03 14.52 2.01
C ARG A 322 -3.58 13.10 2.10
N GLU A 323 -3.78 12.59 3.31
CA GLU A 323 -4.17 11.21 3.53
C GLU A 323 -5.17 11.14 4.68
N PRO A 324 -6.44 11.46 4.39
CA PRO A 324 -7.46 11.46 5.45
C PRO A 324 -7.83 10.07 5.95
N GLY A 325 -7.32 9.01 5.32
CA GLY A 325 -7.57 7.67 5.81
C GLY A 325 -6.75 7.27 7.02
N ALA A 326 -5.73 8.06 7.36
CA ALA A 326 -4.91 7.75 8.52
C ALA A 326 -5.63 8.07 9.83
N LEU A 327 -6.66 8.90 9.79
CA LEU A 327 -7.45 9.21 10.98
C LEU A 327 -8.64 8.29 11.14
N GLY A 328 -8.75 7.25 10.31
CA GLY A 328 -9.78 6.26 10.46
C GLY A 328 -9.21 4.98 11.04
N ALA A 329 -7.89 4.87 11.01
CA ALA A 329 -7.21 3.73 11.62
C ALA A 329 -7.33 3.81 13.14
N ARG A 330 -7.58 2.67 13.75
CA ARG A 330 -7.86 2.59 15.17
C ARG A 330 -6.59 2.47 15.98
N CYS A 331 -6.71 2.72 17.28
CA CYS A 331 -5.60 2.61 18.21
C CYS A 331 -6.14 2.18 19.57
N TRP A 332 -5.28 1.56 20.38
CA TRP A 332 -5.68 1.11 21.70
C TRP A 332 -5.92 2.31 22.60
N SER A 333 -7.14 2.46 23.10
CA SER A 333 -7.50 3.61 23.91
C SER A 333 -6.76 3.59 25.24
N LEU A 334 -6.81 4.72 25.93
CA LEU A 334 -6.16 4.83 27.24
C LEU A 334 -6.83 3.96 28.29
N TYR A 335 -8.12 3.64 28.11
CA TYR A 335 -8.79 2.72 29.02
C TYR A 335 -8.45 1.28 28.68
N GLY A 336 -8.29 0.96 27.40
CA GLY A 336 -7.87 -0.36 26.99
C GLY A 336 -6.44 -0.70 27.36
N ARG A 337 -5.63 0.29 27.68
CA ARG A 337 -4.28 0.04 28.17
C ARG A 337 -4.26 -0.27 29.66
N CYS A 338 -5.25 0.20 30.41
CA CYS A 338 -5.36 -0.10 31.82
C CYS A 338 -6.26 -1.30 32.10
N TYR A 339 -7.07 -1.70 31.12
CA TYR A 339 -7.92 -2.88 31.29
C TYR A 339 -7.22 -4.17 30.91
N LEU A 340 -6.33 -4.14 29.92
CA LEU A 340 -5.61 -5.32 29.45
C LEU A 340 -4.21 -5.44 30.05
N ARG A 341 -3.93 -4.75 31.15
CA ARG A 341 -2.61 -4.71 31.72
C ARG A 341 -2.52 -5.67 32.91
N HIS A 342 -1.48 -6.50 32.90
CA HIS A 342 -1.23 -7.39 34.03
C HIS A 342 -0.69 -6.58 35.22
N PHE A 343 -0.60 -7.25 36.36
CA PHE A 343 0.09 -6.67 37.51
C PHE A 343 1.58 -6.94 37.39
N ASN A 344 2.38 -5.93 37.74
CA ASN A 344 3.83 -5.99 37.63
C ASN A 344 4.25 -6.28 36.18
N GLU A 345 3.83 -5.38 35.29
CA GLU A 345 4.11 -5.49 33.86
C GLU A 345 4.63 -4.14 33.37
N LEU A 346 5.87 -4.12 32.89
CA LEU A 346 6.46 -2.90 32.42
C LEU A 346 5.79 -2.43 31.13
N GLU A 347 6.15 -1.22 30.70
CA GLU A 347 5.47 -0.61 29.56
C GLU A 347 5.75 -1.36 28.26
N HIS A 348 7.00 -1.79 28.06
CA HIS A 348 7.32 -2.49 26.82
C HIS A 348 6.73 -3.89 26.78
N GLU A 349 6.61 -4.54 27.93
CA GLU A 349 5.98 -5.86 27.98
C GLU A 349 4.51 -5.79 27.57
N LEU A 350 3.83 -4.70 27.93
CA LEU A 350 2.44 -4.51 27.50
C LEU A 350 2.38 -4.06 26.05
N GLN A 351 3.31 -3.20 25.63
CA GLN A 351 3.30 -2.71 24.26
C GLN A 351 3.55 -3.82 23.26
N SER A 352 4.36 -4.82 23.62
CA SER A 352 4.57 -5.95 22.72
C SER A 352 3.28 -6.70 22.47
N ARG A 353 2.50 -6.95 23.53
CA ARG A 353 1.22 -7.64 23.36
C ARG A 353 0.22 -6.78 22.60
N LEU A 354 0.21 -5.47 22.86
CA LEU A 354 -0.70 -4.60 22.12
C LEU A 354 -0.27 -4.42 20.67
N ASN A 355 0.99 -4.70 20.35
CA ASN A 355 1.44 -4.67 18.96
C ASN A 355 1.09 -5.95 18.24
N ARG A 356 1.36 -7.09 18.87
CA ARG A 356 1.07 -8.38 18.23
C ARG A 356 -0.41 -8.55 17.94
N GLY A 357 -1.27 -7.95 18.75
CA GLY A 357 -2.70 -8.09 18.56
C GLY A 357 -3.34 -6.88 17.91
N TYR A 358 -2.59 -6.17 17.08
CA TYR A 358 -3.11 -4.97 16.41
C TYR A 358 -3.69 -5.26 15.04
N LYS A 359 -3.08 -6.16 14.28
CA LYS A 359 -3.61 -6.47 12.95
C LYS A 359 -4.84 -7.36 13.02
N PRO A 360 -4.88 -8.42 13.84
CA PRO A 360 -6.15 -9.15 14.00
C PRO A 360 -7.27 -8.27 14.52
N ALA A 361 -6.98 -7.33 15.40
CA ALA A 361 -8.03 -6.45 15.90
C ALA A 361 -8.55 -5.52 14.81
N SER A 362 -7.65 -5.01 13.97
CA SER A 362 -8.09 -4.19 12.84
C SER A 362 -8.94 -5.00 11.87
N LYS A 363 -8.51 -6.23 11.57
CA LYS A 363 -9.30 -7.10 10.70
C LYS A 363 -10.67 -7.34 11.30
N TYR A 364 -10.73 -7.60 12.61
CA TYR A 364 -12.01 -7.88 13.26
C TYR A 364 -12.93 -6.68 13.20
N MET A 365 -12.43 -5.50 13.57
CA MET A 365 -13.24 -4.30 13.52
C MET A 365 -13.59 -3.88 12.09
N ASN A 366 -12.89 -4.41 11.09
CA ASN A 366 -13.25 -4.15 9.70
C ASN A 366 -14.33 -5.09 9.20
N CYS A 367 -14.58 -6.20 9.90
CA CYS A 367 -15.59 -7.17 9.50
C CYS A 367 -17.02 -6.69 9.74
N PHE A 368 -17.20 -5.46 10.22
CA PHE A 368 -18.52 -4.91 10.50
C PHE A 368 -18.81 -3.82 9.48
N LEU A 369 -19.53 -4.18 8.42
CA LEU A 369 -19.86 -3.22 7.37
C LEU A 369 -20.88 -2.20 7.86
N SER A 370 -20.57 -0.93 7.69
CA SER A 370 -21.51 0.16 7.93
C SER A 370 -22.21 0.49 6.62
N PRO A 371 -23.46 0.06 6.44
CA PRO A 371 -24.09 0.16 5.12
C PRO A 371 -24.39 1.58 4.68
N LEU A 372 -24.99 2.38 5.58
CA LEU A 372 -25.38 3.73 5.23
C LEU A 372 -24.16 4.59 4.90
N LEU A 373 -23.10 4.45 5.69
CA LEU A 373 -21.89 5.22 5.43
C LEU A 373 -21.29 4.85 4.07
N THR A 374 -21.31 3.57 3.71
CA THR A 374 -20.77 3.15 2.43
C THR A 374 -21.62 3.66 1.28
N LEU A 375 -22.94 3.64 1.43
CA LEU A 375 -23.82 4.21 0.41
C LEU A 375 -23.51 5.70 0.20
N LEU A 376 -23.49 6.46 1.29
CA LEU A 376 -23.23 7.89 1.18
C LEU A 376 -21.86 8.16 0.58
N ALA A 377 -20.85 7.38 0.97
CA ALA A 377 -19.51 7.58 0.44
C ALA A 377 -19.47 7.30 -1.06
N LYS A 378 -20.07 6.19 -1.49
CA LYS A 378 -20.11 5.86 -2.91
C LYS A 378 -20.76 6.97 -3.72
N ASN A 379 -21.92 7.44 -3.26
CA ASN A 379 -22.65 8.43 -4.05
C ASN A 379 -21.95 9.78 -4.06
N GLY A 380 -21.44 10.23 -2.90
CA GLY A 380 -20.70 11.47 -2.86
C GLY A 380 -19.45 11.42 -3.71
N ALA A 381 -18.73 10.30 -3.68
CA ALA A 381 -17.55 10.15 -4.53
C ALA A 381 -17.94 10.21 -6.00
N PHE A 382 -19.04 9.56 -6.37
CA PHE A 382 -19.48 9.60 -7.76
C PHE A 382 -19.75 11.04 -8.20
N PHE A 383 -20.53 11.78 -7.43
CA PHE A 383 -20.88 13.15 -7.82
C PHE A 383 -19.65 14.04 -7.88
N ALA A 384 -18.82 14.00 -6.83
CA ALA A 384 -17.64 14.85 -6.77
C ALA A 384 -16.67 14.54 -7.92
N GLY A 385 -16.44 13.25 -8.18
CA GLY A 385 -15.56 12.88 -9.27
C GLY A 385 -16.14 13.22 -10.63
N SER A 386 -17.46 13.16 -10.77
CA SER A 386 -18.08 13.52 -12.04
C SER A 386 -17.94 15.00 -12.34
N ILE A 387 -18.00 15.85 -11.31
CA ILE A 387 -17.75 17.27 -11.54
C ILE A 387 -16.26 17.53 -11.76
N LEU A 388 -15.41 16.85 -10.99
CA LEU A 388 -13.97 17.08 -11.08
C LEU A 388 -13.39 16.62 -12.40
N ALA A 389 -13.97 15.57 -13.01
CA ALA A 389 -13.48 15.12 -14.31
C ALA A 389 -13.74 16.19 -15.37
N VAL A 390 -14.92 16.80 -15.35
CA VAL A 390 -15.22 17.88 -16.28
C VAL A 390 -14.26 19.05 -16.06
N LEU A 391 -14.05 19.42 -14.79
CA LEU A 391 -13.15 20.52 -14.51
C LEU A 391 -11.73 20.22 -14.99
N ILE A 392 -11.26 19.00 -14.78
CA ILE A 392 -9.90 18.64 -15.16
C ILE A 392 -9.76 18.61 -16.68
N ALA A 393 -10.78 18.11 -17.38
CA ALA A 393 -10.73 18.10 -18.84
C ALA A 393 -10.71 19.52 -19.40
N LEU A 394 -11.57 20.40 -18.87
CA LEU A 394 -11.57 21.78 -19.33
C LEU A 394 -10.25 22.47 -19.00
N THR A 395 -9.63 22.11 -17.88
CA THR A 395 -8.33 22.67 -17.53
C THR A 395 -7.23 22.19 -18.48
N ILE A 396 -7.27 20.92 -18.87
CA ILE A 396 -6.23 20.36 -19.71
C ILE A 396 -6.36 20.89 -21.14
N TYR A 397 -7.59 21.02 -21.64
CA TYR A 397 -7.79 21.49 -23.00
C TYR A 397 -7.21 22.88 -23.21
N ASP A 398 -7.74 23.87 -22.50
CA ASP A 398 -7.25 25.23 -22.54
C ASP A 398 -7.02 25.69 -21.11
N GLU A 399 -5.81 26.14 -20.82
CA GLU A 399 -5.42 26.41 -19.44
C GLU A 399 -5.80 27.82 -18.97
N ASP A 400 -6.31 28.68 -19.87
CA ASP A 400 -6.82 29.97 -19.42
C ASP A 400 -7.97 29.82 -18.44
N VAL A 401 -8.58 28.62 -18.36
CA VAL A 401 -9.60 28.35 -17.37
C VAL A 401 -9.05 28.40 -15.96
N LEU A 402 -7.76 28.17 -15.77
CA LEU A 402 -7.17 28.25 -14.44
C LEU A 402 -7.20 29.67 -13.86
N ALA A 403 -7.47 30.68 -14.68
CA ALA A 403 -7.54 32.06 -14.22
C ALA A 403 -8.94 32.45 -13.76
N VAL A 404 -9.96 31.66 -14.07
CA VAL A 404 -11.29 31.94 -13.55
C VAL A 404 -11.25 31.84 -12.02
N GLU A 405 -12.07 32.65 -11.36
CA GLU A 405 -11.87 32.92 -9.93
C GLU A 405 -11.92 31.64 -9.11
N HIS A 406 -13.08 30.98 -9.07
CA HIS A 406 -13.32 29.90 -8.14
C HIS A 406 -13.11 28.53 -8.76
N VAL A 407 -12.13 28.40 -9.66
CA VAL A 407 -11.84 27.11 -10.25
C VAL A 407 -10.77 26.35 -9.46
N LEU A 408 -9.73 27.04 -9.01
CA LEU A 408 -8.68 26.38 -8.24
C LEU A 408 -9.19 25.87 -6.91
N THR A 409 -9.93 26.71 -6.18
CA THR A 409 -10.50 26.29 -4.91
C THR A 409 -11.50 25.15 -5.12
N THR A 410 -12.27 25.20 -6.20
CA THR A 410 -13.23 24.14 -6.47
C THR A 410 -12.51 22.82 -6.74
N VAL A 411 -11.45 22.86 -7.55
CA VAL A 411 -10.69 21.65 -7.84
C VAL A 411 -10.09 21.09 -6.55
N THR A 412 -9.53 21.96 -5.71
CA THR A 412 -8.93 21.49 -4.46
C THR A 412 -9.97 20.85 -3.55
N LEU A 413 -11.11 21.51 -3.36
CA LEU A 413 -12.13 20.99 -2.46
C LEU A 413 -12.76 19.72 -2.99
N LEU A 414 -12.93 19.62 -4.31
CA LEU A 414 -13.49 18.40 -4.88
C LEU A 414 -12.51 17.24 -4.79
N GLY A 415 -11.22 17.51 -4.96
CA GLY A 415 -10.22 16.47 -4.73
C GLY A 415 -10.22 15.99 -3.30
N VAL A 416 -10.33 16.92 -2.34
CA VAL A 416 -10.41 16.53 -0.93
C VAL A 416 -11.66 15.70 -0.68
N THR A 417 -12.78 16.08 -1.29
CA THR A 417 -14.02 15.35 -1.09
C THR A 417 -13.92 13.93 -1.64
N VAL A 418 -13.37 13.79 -2.85
CA VAL A 418 -13.20 12.47 -3.44
C VAL A 418 -12.28 11.61 -2.58
N THR A 419 -11.17 12.19 -2.12
CA THR A 419 -10.20 11.43 -1.34
C THR A 419 -10.79 11.00 0.00
N VAL A 420 -11.61 11.87 0.60
CA VAL A 420 -12.23 11.52 1.88
C VAL A 420 -13.29 10.44 1.68
N CYS A 421 -14.12 10.59 0.64
CA CYS A 421 -15.20 9.62 0.41
C CYS A 421 -14.66 8.26 0.01
N ARG A 422 -13.56 8.21 -0.73
CA ARG A 422 -12.97 6.93 -1.13
C ARG A 422 -12.23 6.25 0.01
N SER A 423 -12.28 6.78 1.22
CA SER A 423 -11.66 6.17 2.38
C SER A 423 -12.65 5.44 3.27
N PHE A 424 -13.94 5.59 3.02
CA PHE A 424 -14.98 4.87 3.76
C PHE A 424 -15.46 3.63 3.02
N ILE A 425 -14.99 3.38 1.81
CA ILE A 425 -15.42 2.25 1.00
C ILE A 425 -14.46 1.10 1.27
N PRO A 426 -14.90 0.01 1.88
CA PRO A 426 -14.01 -1.12 2.15
C PRO A 426 -13.65 -1.87 0.87
N ASP A 427 -12.72 -2.81 1.02
CA ASP A 427 -12.36 -3.68 -0.09
C ASP A 427 -13.53 -4.61 -0.42
N GLN A 428 -13.97 -4.58 -1.68
CA GLN A 428 -15.18 -5.29 -2.06
C GLN A 428 -15.01 -6.80 -1.95
N HIS A 429 -13.77 -7.29 -1.98
CA HIS A 429 -13.47 -8.70 -1.84
C HIS A 429 -12.69 -8.91 -0.55
N MET A 430 -13.42 -9.07 0.55
CA MET A 430 -12.83 -9.34 1.84
C MET A 430 -13.57 -10.49 2.51
N VAL A 431 -12.84 -11.31 3.26
CA VAL A 431 -13.40 -12.50 3.87
C VAL A 431 -13.99 -12.15 5.22
N PHE A 432 -14.87 -13.02 5.72
CA PHE A 432 -15.56 -12.82 6.98
C PHE A 432 -15.28 -14.03 7.88
N CYS A 433 -14.34 -13.87 8.81
CA CYS A 433 -14.01 -14.90 9.80
C CYS A 433 -13.97 -14.27 11.19
N PRO A 434 -15.11 -13.79 11.69
CA PRO A 434 -15.10 -13.06 12.96
C PRO A 434 -15.04 -13.95 14.19
N GLU A 435 -14.81 -15.25 14.04
CA GLU A 435 -14.70 -16.15 15.19
C GLU A 435 -13.28 -16.56 15.48
N GLN A 436 -12.48 -16.84 14.44
CA GLN A 436 -11.06 -17.10 14.66
C GLN A 436 -10.32 -15.84 15.06
N LEU A 437 -10.81 -14.69 14.63
CA LEU A 437 -10.15 -13.43 14.95
C LEU A 437 -10.17 -13.15 16.45
N LEU A 438 -11.29 -13.43 17.13
CA LEU A 438 -11.31 -13.22 18.57
C LEU A 438 -10.37 -14.18 19.29
N ARG A 439 -10.23 -15.41 18.78
CA ARG A 439 -9.27 -16.33 19.37
C ARG A 439 -7.85 -15.81 19.22
N VAL A 440 -7.50 -15.32 18.02
CA VAL A 440 -6.16 -14.80 17.80
C VAL A 440 -5.91 -13.57 18.67
N ILE A 441 -6.93 -12.73 18.84
CA ILE A 441 -6.76 -11.51 19.65
C ILE A 441 -6.59 -11.87 21.12
N LEU A 442 -7.48 -12.72 21.65
CA LEU A 442 -7.39 -13.15 23.04
C LEU A 442 -6.07 -13.86 23.32
N ALA A 443 -5.51 -14.53 22.32
CA ALA A 443 -4.20 -15.15 22.51
C ALA A 443 -3.09 -14.13 22.74
N HIS A 444 -3.37 -12.84 22.54
CA HIS A 444 -2.38 -11.78 22.74
C HIS A 444 -2.75 -10.86 23.90
N ILE A 445 -3.98 -10.31 23.91
CA ILE A 445 -4.36 -9.36 24.94
C ILE A 445 -4.74 -10.03 26.25
N HIS A 446 -5.01 -11.34 26.23
CA HIS A 446 -5.17 -12.16 27.44
C HIS A 446 -6.43 -11.84 28.24
N TYR A 447 -7.19 -10.83 27.85
CA TYR A 447 -8.36 -10.41 28.62
C TYR A 447 -9.54 -10.17 27.69
N MET A 448 -10.68 -10.75 28.03
CA MET A 448 -11.91 -10.59 27.27
C MET A 448 -13.07 -10.90 28.19
N PRO A 449 -14.15 -10.11 28.17
CA PRO A 449 -15.35 -10.49 28.92
C PRO A 449 -15.82 -11.88 28.48
N ASP A 450 -16.43 -12.59 29.42
CA ASP A 450 -16.77 -13.99 29.19
C ASP A 450 -17.86 -14.16 28.13
N HIS A 451 -18.71 -13.16 27.93
CA HIS A 451 -19.77 -13.25 26.92
C HIS A 451 -19.32 -12.70 25.58
N TRP A 452 -18.18 -13.17 25.10
CA TRP A 452 -17.61 -12.74 23.83
C TRP A 452 -17.25 -13.89 22.91
N GLN A 453 -16.91 -15.05 23.48
CA GLN A 453 -16.41 -16.15 22.65
C GLN A 453 -17.49 -16.69 21.73
N GLY A 454 -18.67 -16.99 22.27
CA GLY A 454 -19.75 -17.51 21.47
C GLY A 454 -20.30 -16.52 20.48
N ASN A 455 -20.91 -15.44 20.98
CA ASN A 455 -21.52 -14.42 20.14
C ASN A 455 -20.45 -13.44 19.70
N ALA A 456 -19.71 -13.82 18.65
CA ALA A 456 -18.58 -13.06 18.15
C ALA A 456 -18.96 -12.01 17.12
N HIS A 457 -20.19 -12.05 16.58
CA HIS A 457 -20.59 -11.17 15.50
C HIS A 457 -21.76 -10.26 15.86
N ARG A 458 -22.22 -10.27 17.11
CA ARG A 458 -23.35 -9.45 17.49
C ARG A 458 -22.97 -7.97 17.51
N SER A 459 -23.98 -7.12 17.65
CA SER A 459 -23.76 -5.68 17.75
C SER A 459 -23.31 -5.26 19.14
N GLN A 460 -23.47 -6.11 20.15
CA GLN A 460 -23.03 -5.78 21.50
C GLN A 460 -21.55 -6.04 21.70
N THR A 461 -21.01 -7.08 21.06
CA THR A 461 -19.57 -7.35 21.18
C THR A 461 -18.75 -6.28 20.49
N ARG A 462 -19.22 -5.77 19.35
CA ARG A 462 -18.50 -4.72 18.65
C ARG A 462 -18.48 -3.43 19.46
N ASP A 463 -19.63 -3.07 20.04
CA ASP A 463 -19.74 -1.85 20.83
C ASP A 463 -18.99 -1.92 22.15
N GLU A 464 -18.59 -3.12 22.57
CA GLU A 464 -17.77 -3.28 23.76
C GLU A 464 -16.30 -3.44 23.45
N PHE A 465 -15.96 -3.93 22.26
CA PHE A 465 -14.58 -3.96 21.81
C PHE A 465 -14.11 -2.59 21.34
N ALA A 466 -15.03 -1.78 20.80
CA ALA A 466 -14.67 -0.45 20.32
C ALA A 466 -14.24 0.49 21.45
N GLN A 467 -14.56 0.16 22.70
CA GLN A 467 -14.07 0.95 23.82
C GLN A 467 -12.63 0.61 24.17
N LEU A 468 -12.16 -0.58 23.79
CA LEU A 468 -10.76 -0.96 23.93
C LEU A 468 -9.94 -0.59 22.72
N PHE A 469 -10.58 -0.49 21.55
CA PHE A 469 -9.91 -0.24 20.27
C PHE A 469 -10.70 0.86 19.58
N GLN A 470 -10.34 2.11 19.85
CA GLN A 470 -11.10 3.27 19.41
C GLN A 470 -10.49 3.88 18.15
N TYR A 471 -11.28 4.72 17.49
CA TYR A 471 -10.81 5.44 16.33
C TYR A 471 -9.70 6.42 16.73
N LYS A 472 -8.98 6.91 15.72
CA LYS A 472 -8.02 7.99 15.97
C LYS A 472 -8.74 9.33 16.02
N ALA A 473 -9.75 9.51 15.16
CA ALA A 473 -10.51 10.75 15.17
C ALA A 473 -11.27 10.93 16.47
N VAL A 474 -11.79 9.83 17.04
CA VAL A 474 -12.46 9.92 18.33
C VAL A 474 -11.46 10.27 19.43
N PHE A 475 -10.25 9.70 19.35
CA PHE A 475 -9.19 10.06 20.29
C PHE A 475 -8.91 11.55 20.24
N ILE A 476 -8.73 12.11 19.04
CA ILE A 476 -8.47 13.54 18.92
C ILE A 476 -9.65 14.35 19.45
N LEU A 477 -10.87 13.95 19.09
CA LEU A 477 -12.05 14.72 19.45
C LEU A 477 -12.24 14.76 20.96
N GLU A 478 -12.05 13.64 21.64
CA GLU A 478 -12.17 13.62 23.09
C GLU A 478 -10.91 14.11 23.79
N GLU A 479 -9.82 14.30 23.06
CA GLU A 479 -8.70 15.07 23.58
C GLU A 479 -9.01 16.56 23.55
N LEU A 480 -9.81 17.01 22.58
CA LEU A 480 -10.21 18.40 22.51
C LEU A 480 -11.23 18.75 23.60
N LEU A 481 -12.17 17.85 23.88
CA LEU A 481 -13.21 18.09 24.88
C LEU A 481 -12.73 17.83 26.29
N SER A 482 -11.52 17.29 26.47
CA SER A 482 -11.06 16.95 27.82
C SER A 482 -10.99 18.14 28.77
N PRO A 483 -10.43 19.31 28.39
CA PRO A 483 -10.39 20.43 29.35
C PRO A 483 -11.76 20.98 29.71
N ILE A 484 -12.81 20.62 28.98
CA ILE A 484 -14.15 21.08 29.32
C ILE A 484 -14.87 20.09 30.22
N VAL A 485 -14.69 18.79 29.96
CA VAL A 485 -15.42 17.77 30.71
C VAL A 485 -14.70 17.36 32.00
N THR A 486 -13.37 17.44 32.01
CA THR A 486 -12.60 17.01 33.18
C THR A 486 -13.05 17.68 34.48
N PRO A 487 -13.23 19.01 34.55
CA PRO A 487 -13.71 19.59 35.81
C PRO A 487 -15.09 19.09 36.22
N LEU A 488 -15.99 18.89 35.25
CA LEU A 488 -17.31 18.38 35.57
C LEU A 488 -17.23 16.96 36.12
N ILE A 489 -16.31 16.16 35.60
CA ILE A 489 -16.15 14.80 36.10
C ILE A 489 -15.54 14.81 37.49
N LEU A 490 -14.60 15.71 37.74
CA LEU A 490 -13.92 15.73 39.02
C LEU A 490 -14.79 16.30 40.13
N ILE A 491 -15.66 17.27 39.81
CA ILE A 491 -16.44 17.93 40.84
C ILE A 491 -17.67 17.12 41.22
N PHE A 492 -18.36 16.57 40.22
CA PHE A 492 -19.66 15.94 40.45
C PHE A 492 -19.61 14.42 40.52
N CYS A 493 -18.66 13.78 39.82
CA CYS A 493 -18.65 12.32 39.73
C CYS A 493 -17.62 11.66 40.64
N LEU A 494 -16.39 12.16 40.68
CA LEU A 494 -15.37 11.53 41.51
C LEU A 494 -15.52 11.89 42.98
N ARG A 495 -16.04 13.08 43.28
CA ARG A 495 -16.14 13.52 44.67
C ARG A 495 -17.02 12.62 45.53
N PRO A 496 -18.20 12.16 45.10
CA PRO A 496 -19.02 11.30 45.97
C PRO A 496 -18.38 9.96 46.27
N ARG A 497 -17.44 9.49 45.45
CA ARG A 497 -16.77 8.22 45.69
C ARG A 497 -15.62 8.33 46.67
N ALA A 498 -15.33 9.53 47.17
CA ALA A 498 -14.16 9.75 48.01
C ALA A 498 -14.11 8.85 49.23
N LEU A 499 -15.25 8.32 49.65
CA LEU A 499 -15.25 7.39 50.78
C LEU A 499 -14.76 6.01 50.35
N GLU A 500 -15.33 5.48 49.26
CA GLU A 500 -15.00 4.12 48.84
C GLU A 500 -13.50 3.98 48.58
N ILE A 501 -12.90 4.96 47.91
CA ILE A 501 -11.46 4.95 47.67
C ILE A 501 -10.70 4.81 48.97
N ILE A 502 -11.12 5.56 50.00
CA ILE A 502 -10.43 5.50 51.29
C ILE A 502 -10.46 4.07 51.85
N ASP A 503 -11.54 3.35 51.59
CA ASP A 503 -11.59 1.96 52.03
C ASP A 503 -10.60 1.11 51.23
N PHE A 504 -10.54 1.33 49.91
CA PHE A 504 -9.67 0.54 49.05
C PHE A 504 -8.22 0.59 49.54
N PHE A 505 -7.66 1.80 49.60
CA PHE A 505 -6.28 1.96 50.06
C PHE A 505 -6.07 1.41 51.47
N ARG A 506 -7.14 1.23 52.24
CA ARG A 506 -7.00 0.67 53.58
C ARG A 506 -7.07 -0.85 53.58
N ASN A 507 -7.80 -1.45 52.65
CA ASN A 507 -7.98 -2.89 52.62
C ASN A 507 -7.10 -3.60 51.60
N PHE A 508 -6.56 -2.87 50.63
CA PHE A 508 -5.81 -3.50 49.55
C PHE A 508 -4.41 -2.90 49.42
N THR A 509 -3.72 -2.77 50.56
CA THR A 509 -2.34 -2.30 50.58
C THR A 509 -1.54 -3.23 51.48
N VAL A 510 -0.61 -3.96 50.88
CA VAL A 510 0.24 -4.89 51.63
C VAL A 510 1.61 -4.24 51.80
N GLU A 511 2.41 -4.83 52.68
CA GLU A 511 3.72 -4.30 53.04
C GLU A 511 4.78 -5.34 52.65
N VAL A 512 5.33 -5.19 51.45
CA VAL A 512 6.40 -6.07 51.01
C VAL A 512 7.70 -5.64 51.68
N VAL A 513 8.38 -6.59 52.32
CA VAL A 513 9.59 -6.28 53.07
C VAL A 513 10.67 -5.78 52.12
N GLY A 514 11.39 -4.74 52.55
CA GLY A 514 12.42 -4.14 51.75
C GLY A 514 11.95 -3.20 50.66
N VAL A 515 10.71 -3.38 50.18
CA VAL A 515 10.17 -2.53 49.13
C VAL A 515 9.33 -1.42 49.76
N GLY A 516 8.28 -1.81 50.49
CA GLY A 516 7.40 -0.84 51.11
C GLY A 516 5.94 -1.18 50.96
N ASP A 517 5.08 -0.17 50.90
CA ASP A 517 3.64 -0.37 50.79
C ASP A 517 3.28 -0.48 49.32
N THR A 518 2.88 -1.69 48.90
CA THR A 518 2.47 -1.97 47.53
C THR A 518 1.01 -2.37 47.51
N CYS A 519 0.47 -2.47 46.29
CA CYS A 519 -0.93 -2.85 46.10
C CYS A 519 -1.08 -4.36 46.11
N SER A 520 -2.21 -4.82 46.62
CA SER A 520 -2.50 -6.24 46.62
C SER A 520 -2.63 -6.75 45.19
N PHE A 521 -2.18 -7.99 44.98
CA PHE A 521 -2.12 -8.57 43.63
C PHE A 521 -3.49 -9.04 43.18
N ALA A 522 -3.53 -9.84 42.12
CA ALA A 522 -4.80 -10.18 41.48
C ALA A 522 -5.63 -11.12 42.34
N GLN A 523 -6.07 -10.63 43.50
CA GLN A 523 -7.11 -11.31 44.27
C GLN A 523 -8.50 -10.94 43.78
N MET A 524 -8.63 -9.74 43.20
CA MET A 524 -9.89 -9.29 42.60
C MET A 524 -10.05 -9.98 41.25
N ASP A 525 -10.65 -11.17 41.30
CA ASP A 525 -10.81 -11.98 40.09
C ASP A 525 -11.98 -11.48 39.25
N VAL A 526 -11.96 -10.20 38.91
CA VAL A 526 -12.96 -9.65 38.00
C VAL A 526 -12.52 -9.73 36.55
N ARG A 527 -11.23 -9.90 36.30
CA ARG A 527 -10.67 -10.03 34.97
C ARG A 527 -10.48 -11.51 34.62
N GLN A 528 -9.72 -11.76 33.54
CA GLN A 528 -9.63 -13.09 32.94
C GLN A 528 -8.18 -13.55 32.88
N HIS A 529 -7.92 -14.60 32.09
CA HIS A 529 -6.65 -15.32 32.03
C HIS A 529 -5.42 -14.41 32.09
N GLY A 530 -4.36 -14.91 32.74
CA GLY A 530 -3.17 -14.12 33.01
C GLY A 530 -1.99 -14.43 32.11
N HIS A 531 -1.09 -15.28 32.59
CA HIS A 531 0.16 -15.65 31.91
C HIS A 531 1.06 -14.41 31.74
N PRO A 532 1.62 -13.88 32.83
CA PRO A 532 2.53 -12.73 32.76
C PRO A 532 3.82 -13.04 32.01
N PRO B 36 -52.53 -11.05 7.26
CA PRO B 36 -52.21 -10.38 6.00
C PRO B 36 -51.34 -11.24 5.09
N TRP B 37 -50.49 -12.06 5.69
CA TRP B 37 -49.57 -12.92 4.93
C TRP B 37 -50.20 -14.29 4.64
N HIS B 38 -51.40 -14.29 4.08
CA HIS B 38 -52.06 -15.49 3.60
C HIS B 38 -52.41 -15.41 2.13
N HIS B 39 -52.93 -14.28 1.66
CA HIS B 39 -53.26 -14.09 0.26
C HIS B 39 -52.10 -13.39 -0.42
N ILE B 40 -51.12 -14.20 -0.84
CA ILE B 40 -49.94 -13.68 -1.54
C ILE B 40 -50.01 -14.12 -3.00
N GLU B 41 -50.14 -15.42 -3.23
CA GLU B 41 -50.24 -16.06 -4.54
C GLU B 41 -48.99 -15.89 -5.39
N ASN B 42 -47.97 -15.20 -4.89
CA ASN B 42 -46.73 -14.94 -5.62
C ASN B 42 -45.53 -15.19 -4.72
N LEU B 43 -45.52 -16.36 -4.08
CA LEU B 43 -44.49 -16.69 -3.09
C LEU B 43 -43.08 -16.50 -3.64
N ASP B 44 -42.90 -16.67 -4.96
CA ASP B 44 -41.61 -16.43 -5.56
C ASP B 44 -41.14 -15.01 -5.30
N LEU B 45 -41.97 -14.03 -5.68
CA LEU B 45 -41.60 -12.63 -5.50
C LEU B 45 -41.51 -12.27 -4.01
N PHE B 46 -42.37 -12.86 -3.19
CA PHE B 46 -42.34 -12.57 -1.76
C PHE B 46 -41.02 -13.02 -1.15
N PHE B 47 -40.59 -14.24 -1.46
CA PHE B 47 -39.34 -14.73 -0.90
C PHE B 47 -38.14 -14.00 -1.49
N SER B 48 -38.22 -13.63 -2.78
CA SER B 48 -37.16 -12.83 -3.37
C SER B 48 -37.02 -11.49 -2.64
N ARG B 49 -38.14 -10.87 -2.30
CA ARG B 49 -38.08 -9.59 -1.58
C ARG B 49 -37.59 -9.78 -0.15
N VAL B 50 -38.01 -10.86 0.51
CA VAL B 50 -37.53 -11.13 1.86
C VAL B 50 -36.03 -11.32 1.86
N TYR B 51 -35.48 -11.97 0.84
CA TYR B 51 -34.04 -12.14 0.75
C TYR B 51 -33.34 -10.82 0.40
N ASN B 52 -33.91 -10.06 -0.52
CA ASN B 52 -33.28 -8.83 -0.98
C ASN B 52 -33.27 -7.76 0.10
N LEU B 53 -34.28 -7.74 0.97
CA LEU B 53 -34.28 -6.75 2.04
C LEU B 53 -33.24 -7.06 3.10
N HIS B 54 -32.96 -8.35 3.32
CA HIS B 54 -31.88 -8.73 4.23
C HIS B 54 -30.51 -8.49 3.59
N GLN B 55 -30.38 -8.70 2.29
CA GLN B 55 -29.10 -8.48 1.64
C GLN B 55 -28.79 -6.99 1.49
N LYS B 56 -29.80 -6.13 1.61
CA LYS B 56 -29.61 -4.69 1.52
C LYS B 56 -29.48 -4.03 2.89
N ASN B 57 -29.37 -4.81 3.96
CA ASN B 57 -29.11 -4.31 5.31
C ASN B 57 -30.24 -3.43 5.84
N GLY B 58 -31.48 -3.85 5.59
CA GLY B 58 -32.62 -3.17 6.14
C GLY B 58 -33.46 -2.47 5.08
N PHE B 59 -34.36 -1.62 5.55
CA PHE B 59 -35.31 -0.89 4.71
C PHE B 59 -34.81 0.50 4.34
N THR B 60 -34.28 1.24 5.31
CA THR B 60 -33.83 2.60 5.03
C THR B 60 -32.66 2.60 4.05
N CYS B 61 -31.77 1.61 4.15
CA CYS B 61 -30.65 1.54 3.22
C CYS B 61 -31.12 1.22 1.81
N MET B 62 -32.12 0.34 1.68
CA MET B 62 -32.67 0.03 0.37
C MET B 62 -33.33 1.26 -0.26
N LEU B 63 -34.16 1.96 0.52
CA LEU B 63 -34.79 3.18 0.03
C LEU B 63 -33.76 4.20 -0.40
N ILE B 64 -32.71 4.37 0.40
CA ILE B 64 -31.69 5.36 0.11
C ILE B 64 -30.88 4.98 -1.12
N GLY B 65 -30.60 3.70 -1.32
CA GLY B 65 -29.91 3.27 -2.52
C GLY B 65 -30.73 3.54 -3.77
N GLU B 66 -32.03 3.22 -3.71
CA GLU B 66 -32.89 3.49 -4.87
C GLU B 66 -32.95 4.97 -5.17
N ILE B 67 -33.07 5.80 -4.12
CA ILE B 67 -33.13 7.25 -4.31
C ILE B 67 -31.83 7.74 -4.96
N PHE B 68 -30.68 7.24 -4.50
CA PHE B 68 -29.42 7.70 -5.10
C PHE B 68 -29.27 7.21 -6.53
N GLU B 69 -29.79 6.03 -6.86
CA GLU B 69 -29.76 5.60 -8.26
C GLU B 69 -30.55 6.55 -9.15
N LEU B 70 -31.78 6.87 -8.73
CA LEU B 70 -32.58 7.84 -9.49
C LEU B 70 -31.87 9.18 -9.60
N MET B 71 -31.26 9.63 -8.50
CA MET B 71 -30.55 10.92 -8.52
C MET B 71 -29.31 10.85 -9.41
N GLN B 72 -28.66 9.69 -9.50
CA GLN B 72 -27.51 9.56 -10.38
C GLN B 72 -27.92 9.73 -11.83
N PHE B 73 -29.01 9.06 -12.23
CA PHE B 73 -29.49 9.23 -13.61
C PHE B 73 -29.86 10.68 -13.88
N LEU B 74 -30.65 11.28 -12.98
CA LEU B 74 -31.08 12.66 -13.19
C LEU B 74 -29.89 13.61 -13.25
N PHE B 75 -28.90 13.40 -12.38
CA PHE B 75 -27.73 14.27 -12.35
C PHE B 75 -26.92 14.15 -13.63
N VAL B 76 -26.70 12.93 -14.11
CA VAL B 76 -25.97 12.76 -15.36
C VAL B 76 -26.65 13.51 -16.48
N VAL B 77 -27.96 13.32 -16.63
CA VAL B 77 -28.68 13.95 -17.75
C VAL B 77 -28.63 15.47 -17.61
N ALA B 78 -28.93 15.99 -16.42
CA ALA B 78 -29.00 17.43 -16.23
C ALA B 78 -27.62 18.08 -16.41
N PHE B 79 -26.57 17.45 -15.90
CA PHE B 79 -25.23 18.00 -16.02
C PHE B 79 -24.77 18.02 -17.46
N THR B 80 -25.05 16.95 -18.21
CA THR B 80 -24.68 16.94 -19.62
C THR B 80 -25.43 18.01 -20.40
N THR B 81 -26.72 18.16 -20.14
CA THR B 81 -27.50 19.20 -20.82
C THR B 81 -26.97 20.60 -20.48
N PHE B 82 -26.65 20.82 -19.21
CA PHE B 82 -26.13 22.12 -18.78
C PHE B 82 -24.78 22.41 -19.46
N LEU B 83 -23.91 21.41 -19.52
CA LEU B 83 -22.62 21.59 -20.19
C LEU B 83 -22.81 21.89 -21.67
N VAL B 84 -23.81 21.26 -22.30
CA VAL B 84 -23.99 21.44 -23.74
C VAL B 84 -24.57 22.81 -24.05
N SER B 85 -25.52 23.28 -23.24
CA SER B 85 -26.30 24.46 -23.57
C SER B 85 -25.89 25.73 -22.83
N CYS B 86 -25.86 25.69 -21.49
CA CYS B 86 -25.71 26.91 -20.72
C CYS B 86 -24.35 27.55 -20.92
N VAL B 87 -23.27 26.83 -20.58
CA VAL B 87 -21.93 27.41 -20.63
C VAL B 87 -21.60 27.79 -22.07
N ASP B 88 -20.82 28.86 -22.22
CA ASP B 88 -20.51 29.42 -23.54
C ASP B 88 -19.10 29.15 -24.02
N TYR B 89 -18.15 28.94 -23.10
CA TYR B 89 -16.78 28.56 -23.42
C TYR B 89 -16.02 29.64 -24.20
N ASP B 90 -16.64 30.79 -24.43
CA ASP B 90 -15.94 31.89 -25.08
C ASP B 90 -15.24 32.77 -24.05
N ILE B 91 -16.01 33.33 -23.10
CA ILE B 91 -15.41 34.09 -22.01
C ILE B 91 -14.84 33.19 -20.92
N LEU B 92 -14.92 31.86 -21.11
CA LEU B 92 -14.26 30.94 -20.19
C LEU B 92 -12.82 30.68 -20.62
N PHE B 93 -12.61 30.45 -21.92
CA PHE B 93 -11.28 30.25 -22.47
C PHE B 93 -10.54 31.56 -22.70
N ALA B 94 -11.11 32.68 -22.27
CA ALA B 94 -10.50 34.01 -22.39
C ALA B 94 -10.19 34.34 -23.85
N ASN B 95 -11.25 34.37 -24.66
CA ASN B 95 -11.14 34.76 -26.06
C ASN B 95 -12.50 35.17 -26.63
N VAL B 108 -9.39 42.72 -15.30
CA VAL B 108 -10.18 42.25 -14.17
C VAL B 108 -10.43 40.75 -14.29
N LYS B 109 -10.36 40.05 -13.16
CA LYS B 109 -10.54 38.61 -13.15
C LYS B 109 -11.99 38.24 -13.41
N VAL B 110 -12.20 37.20 -14.19
CA VAL B 110 -13.52 36.79 -14.65
C VAL B 110 -14.01 35.67 -13.74
N THR B 111 -15.26 35.77 -13.29
CA THR B 111 -15.84 34.77 -12.40
C THR B 111 -16.40 33.59 -13.21
N LEU B 112 -16.69 32.51 -12.49
CA LEU B 112 -17.42 31.40 -13.11
C LEU B 112 -18.84 31.79 -13.49
N PRO B 113 -19.64 32.45 -12.64
CA PRO B 113 -21.01 32.80 -13.03
C PRO B 113 -21.12 33.66 -14.29
N ASP B 114 -20.05 34.36 -14.70
CA ASP B 114 -20.12 35.08 -15.96
C ASP B 114 -20.25 34.13 -17.15
N ALA B 115 -19.51 33.02 -17.13
CA ALA B 115 -19.60 32.05 -18.22
C ALA B 115 -20.96 31.36 -18.29
N PHE B 116 -21.70 31.34 -17.18
CA PHE B 116 -23.02 30.74 -17.17
C PHE B 116 -24.03 31.71 -17.76
N LEU B 117 -24.74 31.27 -18.80
CA LEU B 117 -25.81 32.08 -19.35
C LEU B 117 -26.98 32.17 -18.37
N PRO B 118 -27.70 33.29 -18.36
CA PRO B 118 -28.89 33.37 -17.51
C PRO B 118 -29.92 32.32 -17.90
N ALA B 119 -30.82 32.03 -16.96
CA ALA B 119 -31.72 30.90 -17.11
C ALA B 119 -32.58 31.03 -18.37
N GLN B 120 -33.01 32.25 -18.70
CA GLN B 120 -33.94 32.43 -19.81
C GLN B 120 -33.29 32.10 -21.14
N VAL B 121 -32.10 32.63 -21.39
CA VAL B 121 -31.46 32.38 -22.68
C VAL B 121 -31.00 30.93 -22.77
N CYS B 122 -30.64 30.32 -21.65
CA CYS B 122 -30.27 28.91 -21.67
C CYS B 122 -31.47 28.03 -21.99
N SER B 123 -32.63 28.35 -21.41
CA SER B 123 -33.85 27.62 -21.75
C SER B 123 -34.23 27.82 -23.21
N ALA B 124 -34.02 29.03 -23.73
CA ALA B 124 -34.32 29.30 -25.14
C ALA B 124 -33.38 28.51 -26.04
N ARG B 125 -32.11 28.39 -25.65
CA ARG B 125 -31.16 27.61 -26.45
C ARG B 125 -31.44 26.12 -26.35
N ILE B 126 -31.97 25.66 -25.21
CA ILE B 126 -32.31 24.26 -25.05
C ILE B 126 -33.52 23.92 -25.91
N GLN B 127 -34.58 24.73 -25.83
CA GLN B 127 -35.83 24.45 -26.52
C GLN B 127 -35.78 24.73 -28.01
N GLU B 128 -34.61 24.98 -28.59
CA GLU B 128 -34.48 25.19 -30.03
C GLU B 128 -33.49 24.23 -30.67
N ASN B 129 -32.91 23.30 -29.91
CA ASN B 129 -31.89 22.42 -30.46
C ASN B 129 -32.49 21.34 -31.35
N GLY B 130 -33.71 20.89 -31.07
CA GLY B 130 -34.35 19.90 -31.89
C GLY B 130 -33.79 18.50 -31.73
N SER B 131 -32.49 18.34 -32.00
CA SER B 131 -31.83 17.06 -31.83
C SER B 131 -31.48 16.77 -30.38
N LEU B 132 -31.78 17.69 -29.47
CA LEU B 132 -31.57 17.49 -28.04
C LEU B 132 -32.87 17.33 -27.27
N ILE B 133 -33.93 18.04 -27.66
CA ILE B 133 -35.21 17.89 -26.98
C ILE B 133 -35.82 16.53 -27.25
N THR B 134 -35.53 15.94 -28.42
CA THR B 134 -36.03 14.60 -28.71
C THR B 134 -35.31 13.53 -27.90
N ILE B 135 -34.08 13.81 -27.45
CA ILE B 135 -33.41 12.90 -26.53
C ILE B 135 -33.89 13.14 -25.11
N LEU B 136 -34.14 14.41 -24.76
CA LEU B 136 -34.60 14.73 -23.42
C LEU B 136 -36.00 14.16 -23.16
N VAL B 137 -36.86 14.13 -24.17
CA VAL B 137 -38.20 13.57 -23.98
C VAL B 137 -38.11 12.09 -23.63
N ILE B 138 -37.25 11.35 -24.35
CA ILE B 138 -37.12 9.92 -24.10
C ILE B 138 -36.44 9.66 -22.76
N ALA B 139 -35.39 10.44 -22.44
CA ALA B 139 -34.74 10.30 -21.14
C ALA B 139 -35.64 10.74 -20.00
N GLY B 140 -36.70 11.48 -20.28
CA GLY B 140 -37.67 11.84 -19.27
C GLY B 140 -38.72 10.77 -19.09
N VAL B 141 -39.20 10.17 -20.19
CA VAL B 141 -40.20 9.12 -20.04
C VAL B 141 -39.58 7.86 -19.43
N PHE B 142 -38.32 7.57 -19.74
CA PHE B 142 -37.66 6.43 -19.11
C PHE B 142 -37.49 6.66 -17.61
N TRP B 143 -37.08 7.87 -17.23
CA TRP B 143 -36.94 8.18 -15.81
C TRP B 143 -38.30 8.19 -15.10
N ILE B 144 -39.36 8.59 -15.80
CA ILE B 144 -40.69 8.55 -15.21
C ILE B 144 -41.12 7.11 -14.96
N HIS B 145 -40.88 6.22 -15.93
CA HIS B 145 -41.18 4.81 -15.71
C HIS B 145 -40.38 4.25 -14.53
N ARG B 146 -39.10 4.61 -14.45
CA ARG B 146 -38.27 4.15 -13.34
C ARG B 146 -38.80 4.65 -12.00
N LEU B 147 -39.18 5.92 -11.94
CA LEU B 147 -39.69 6.49 -10.70
C LEU B 147 -41.01 5.86 -10.29
N ILE B 148 -41.87 5.55 -11.27
CA ILE B 148 -43.13 4.89 -10.96
C ILE B 148 -42.88 3.48 -10.43
N LYS B 149 -41.94 2.76 -11.04
CA LYS B 149 -41.58 1.44 -10.55
C LYS B 149 -41.04 1.52 -9.12
N PHE B 150 -40.24 2.55 -8.84
CA PHE B 150 -39.69 2.72 -7.49
C PHE B 150 -40.79 3.01 -6.48
N ILE B 151 -41.73 3.89 -6.84
CA ILE B 151 -42.85 4.20 -5.95
C ILE B 151 -43.68 2.95 -5.67
N TYR B 152 -43.88 2.12 -6.70
CA TYR B 152 -44.62 0.89 -6.49
C TYR B 152 -43.84 -0.11 -5.63
N ASN B 153 -42.51 -0.13 -5.77
CA ASN B 153 -41.71 -1.07 -5.00
C ASN B 153 -41.62 -0.69 -3.53
N ILE B 154 -41.70 0.60 -3.21
CA ILE B 154 -41.63 1.01 -1.81
C ILE B 154 -42.87 0.52 -1.05
N CYS B 155 -44.05 0.65 -1.66
CA CYS B 155 -45.28 0.22 -1.00
C CYS B 155 -45.32 -1.30 -0.81
N CYS B 156 -44.53 -2.04 -1.58
CA CYS B 156 -44.44 -3.50 -1.41
C CYS B 156 -43.32 -3.91 -0.47
N TYR B 157 -42.26 -3.11 -0.35
CA TYR B 157 -41.20 -3.40 0.59
C TYR B 157 -41.53 -2.99 2.01
N TRP B 158 -42.43 -2.00 2.19
CA TRP B 158 -42.91 -1.71 3.54
C TRP B 158 -43.63 -2.92 4.14
N GLU B 159 -44.33 -3.69 3.31
CA GLU B 159 -45.00 -4.88 3.81
C GLU B 159 -43.99 -5.95 4.23
N ILE B 160 -42.89 -6.08 3.50
CA ILE B 160 -41.83 -7.00 3.91
C ILE B 160 -41.17 -6.52 5.18
N HIS B 161 -41.04 -5.19 5.36
CA HIS B 161 -40.54 -4.65 6.61
C HIS B 161 -41.44 -5.03 7.78
N SER B 162 -42.75 -4.89 7.59
CA SER B 162 -43.69 -5.31 8.63
C SER B 162 -43.63 -6.80 8.88
N PHE B 163 -43.42 -7.60 7.82
CA PHE B 163 -43.31 -9.04 7.98
C PHE B 163 -42.06 -9.41 8.77
N TYR B 164 -40.97 -8.66 8.58
CA TYR B 164 -39.78 -8.87 9.39
C TYR B 164 -40.02 -8.48 10.84
N LEU B 165 -40.67 -7.33 11.07
CA LEU B 165 -40.83 -6.83 12.43
C LEU B 165 -41.74 -7.71 13.26
N HIS B 166 -42.89 -8.10 12.72
CA HIS B 166 -43.92 -8.79 13.50
C HIS B 166 -43.80 -10.30 13.39
N ALA B 167 -43.84 -10.84 12.17
CA ALA B 167 -43.92 -12.29 12.00
C ALA B 167 -42.62 -12.98 12.41
N LEU B 168 -41.47 -12.35 12.17
CA LEU B 168 -40.19 -12.97 12.52
C LEU B 168 -39.62 -12.45 13.84
N ARG B 169 -40.15 -11.35 14.38
CA ARG B 169 -39.65 -10.76 15.62
C ARG B 169 -38.17 -10.41 15.50
N ILE B 170 -37.79 -9.89 14.34
CA ILE B 170 -36.42 -9.41 14.10
C ILE B 170 -36.47 -7.91 13.89
N PRO B 171 -35.93 -7.11 14.81
CA PRO B 171 -35.94 -5.66 14.60
C PRO B 171 -35.07 -5.28 13.41
N MET B 172 -35.39 -4.12 12.82
CA MET B 172 -34.64 -3.63 11.67
C MET B 172 -33.24 -3.19 12.03
N SER B 173 -32.87 -3.20 13.30
CA SER B 173 -31.52 -2.89 13.74
C SER B 173 -30.70 -4.13 14.04
N ALA B 174 -31.28 -5.32 13.90
CA ALA B 174 -30.56 -6.58 14.09
C ALA B 174 -30.38 -7.34 12.78
N LEU B 175 -30.78 -6.73 11.65
CA LEU B 175 -30.59 -7.40 10.36
C LEU B 175 -29.11 -7.56 10.00
N PRO B 176 -28.26 -6.51 10.06
CA PRO B 176 -26.87 -6.69 9.60
C PRO B 176 -26.04 -7.60 10.49
N TYR B 177 -26.65 -8.17 11.54
CA TYR B 177 -25.96 -9.06 12.46
C TYR B 177 -26.63 -10.43 12.53
N CYS B 178 -27.55 -10.72 11.62
CA CYS B 178 -28.22 -12.01 11.52
C CYS B 178 -27.85 -12.64 10.18
N THR B 179 -27.13 -13.75 10.23
CA THR B 179 -26.84 -14.49 9.01
C THR B 179 -28.12 -14.98 8.36
N TRP B 180 -28.05 -15.25 7.05
CA TRP B 180 -29.24 -15.68 6.34
C TRP B 180 -29.76 -17.02 6.85
N GLN B 181 -28.91 -17.85 7.45
CA GLN B 181 -29.38 -19.11 8.00
C GLN B 181 -30.35 -18.88 9.16
N GLU B 182 -30.08 -17.87 9.99
CA GLU B 182 -30.97 -17.58 11.10
C GLU B 182 -32.33 -17.06 10.60
N VAL B 183 -32.31 -16.20 9.58
CA VAL B 183 -33.56 -15.69 9.04
C VAL B 183 -34.35 -16.82 8.38
N GLN B 184 -33.65 -17.73 7.69
CA GLN B 184 -34.30 -18.88 7.08
C GLN B 184 -34.93 -19.78 8.14
N ALA B 185 -34.22 -20.02 9.25
CA ALA B 185 -34.76 -20.83 10.33
C ALA B 185 -35.96 -20.18 10.96
N ARG B 186 -35.92 -18.85 11.16
CA ARG B 186 -37.07 -18.16 11.73
C ARG B 186 -38.24 -18.13 10.76
N ILE B 187 -37.97 -18.18 9.45
CA ILE B 187 -39.06 -18.28 8.48
C ILE B 187 -39.71 -19.65 8.55
N VAL B 188 -38.90 -20.71 8.58
CA VAL B 188 -39.45 -22.06 8.45
C VAL B 188 -40.08 -22.53 9.75
N GLN B 189 -39.54 -22.13 10.91
CA GLN B 189 -40.02 -22.67 12.17
C GLN B 189 -41.30 -21.97 12.63
N THR B 190 -41.52 -20.73 12.22
CA THR B 190 -42.73 -20.00 12.57
C THR B 190 -43.77 -20.04 11.47
N GLN B 191 -43.73 -21.03 10.58
CA GLN B 191 -44.66 -21.07 9.46
C GLN B 191 -46.07 -21.48 9.88
N LYS B 192 -46.33 -21.66 11.17
CA LYS B 192 -47.66 -21.96 11.66
C LYS B 192 -48.46 -20.71 11.98
N GLU B 193 -47.80 -19.61 12.35
CA GLU B 193 -48.48 -18.37 12.71
C GLU B 193 -48.90 -17.58 11.47
N HIS B 194 -47.92 -17.18 10.65
CA HIS B 194 -48.24 -16.38 9.47
C HIS B 194 -48.89 -17.20 8.36
N GLN B 195 -48.78 -18.54 8.43
CA GLN B 195 -49.42 -19.48 7.51
C GLN B 195 -49.40 -18.98 6.06
N ILE B 196 -48.19 -18.76 5.56
CA ILE B 196 -48.03 -18.26 4.20
C ILE B 196 -48.30 -19.37 3.18
N CYS B 197 -47.90 -20.60 3.48
CA CYS B 197 -48.04 -21.72 2.55
C CYS B 197 -48.73 -22.87 3.27
N ILE B 198 -50.04 -23.01 3.01
CA ILE B 198 -50.81 -24.12 3.56
C ILE B 198 -51.10 -25.20 2.52
N HIS B 199 -51.12 -24.85 1.23
CA HIS B 199 -51.34 -25.84 0.19
C HIS B 199 -50.36 -27.00 0.32
N LYS B 200 -49.06 -26.70 0.30
CA LYS B 200 -48.07 -27.70 0.64
C LYS B 200 -48.15 -28.01 2.13
N ARG B 201 -47.88 -29.27 2.49
CA ARG B 201 -48.08 -29.71 3.87
C ARG B 201 -47.22 -28.91 4.84
N GLU B 202 -45.98 -28.61 4.48
CA GLU B 202 -45.08 -27.86 5.34
C GLU B 202 -44.21 -26.96 4.47
N LEU B 203 -43.34 -26.19 5.10
CA LEU B 203 -42.34 -25.39 4.40
C LEU B 203 -40.95 -25.93 4.72
N THR B 204 -40.06 -25.82 3.74
CA THR B 204 -38.74 -26.40 3.84
C THR B 204 -37.72 -25.38 3.33
N GLU B 205 -36.50 -25.47 3.85
CA GLU B 205 -35.43 -24.60 3.35
C GLU B 205 -35.20 -24.82 1.87
N LEU B 206 -35.32 -26.06 1.39
CA LEU B 206 -35.20 -26.33 -0.03
C LEU B 206 -36.32 -25.64 -0.81
N ASP B 207 -37.51 -25.52 -0.22
CA ASP B 207 -38.59 -24.81 -0.89
C ASP B 207 -38.23 -23.34 -1.09
N ILE B 208 -37.66 -22.70 -0.06
CA ILE B 208 -37.24 -21.31 -0.20
C ILE B 208 -36.14 -21.18 -1.24
N TYR B 209 -35.17 -22.10 -1.21
CA TYR B 209 -34.10 -22.08 -2.19
C TYR B 209 -34.64 -22.19 -3.61
N HIS B 210 -35.66 -23.03 -3.81
CA HIS B 210 -36.26 -23.16 -5.14
C HIS B 210 -37.05 -21.93 -5.52
N ARG B 211 -37.75 -21.32 -4.56
CA ARG B 211 -38.57 -20.16 -4.87
C ARG B 211 -37.69 -18.96 -5.25
N ILE B 212 -36.58 -18.76 -4.56
CA ILE B 212 -35.73 -17.61 -4.85
C ILE B 212 -34.99 -17.79 -6.18
N LEU B 213 -34.51 -19.00 -6.45
CA LEU B 213 -33.57 -19.25 -7.53
C LEU B 213 -34.19 -20.09 -8.65
N ARG B 214 -35.43 -19.79 -9.03
CA ARG B 214 -36.08 -20.58 -10.08
C ARG B 214 -35.53 -20.25 -11.46
N PHE B 215 -35.11 -19.00 -11.69
CA PHE B 215 -34.61 -18.59 -12.99
C PHE B 215 -33.09 -18.59 -13.08
N GLN B 216 -32.40 -18.38 -11.95
CA GLN B 216 -30.94 -18.46 -11.98
C GLN B 216 -30.46 -19.88 -12.26
N ASN B 217 -31.19 -20.88 -11.79
CA ASN B 217 -30.84 -22.26 -12.14
C ASN B 217 -31.00 -22.50 -13.63
N TYR B 218 -32.06 -21.95 -14.23
CA TYR B 218 -32.24 -22.07 -15.68
C TYR B 218 -31.11 -21.38 -16.43
N MET B 219 -30.70 -20.20 -15.95
CA MET B 219 -29.60 -19.50 -16.61
C MET B 219 -28.30 -20.28 -16.49
N VAL B 220 -28.03 -20.87 -15.33
CA VAL B 220 -26.82 -21.67 -15.14
C VAL B 220 -26.84 -22.87 -16.08
N ALA B 221 -27.97 -23.57 -16.15
CA ALA B 221 -28.06 -24.74 -17.01
C ALA B 221 -27.97 -24.37 -18.48
N LEU B 222 -28.47 -23.19 -18.86
CA LEU B 222 -28.39 -22.78 -20.26
C LEU B 222 -26.97 -22.37 -20.63
N VAL B 223 -26.26 -21.71 -19.72
CA VAL B 223 -24.91 -21.26 -20.03
C VAL B 223 -23.95 -22.44 -20.03
N ASN B 224 -24.13 -23.39 -19.11
CA ASN B 224 -23.20 -24.50 -18.97
C ASN B 224 -23.43 -25.61 -19.97
N LYS B 225 -24.53 -25.60 -20.71
CA LYS B 225 -24.75 -26.54 -21.79
C LYS B 225 -24.47 -25.94 -23.16
N SER B 226 -23.85 -24.77 -23.20
CA SER B 226 -23.49 -24.09 -24.45
C SER B 226 -24.71 -23.87 -25.33
N LEU B 227 -25.84 -23.53 -24.71
CA LEU B 227 -27.07 -23.26 -25.44
C LEU B 227 -27.25 -21.77 -25.74
N LEU B 228 -26.32 -20.93 -25.33
CA LEU B 228 -26.39 -19.50 -25.60
C LEU B 228 -25.14 -19.05 -26.35
N PRO B 229 -25.29 -18.13 -27.31
CA PRO B 229 -24.14 -17.73 -28.14
C PRO B 229 -23.23 -16.71 -27.46
N LEU B 230 -22.28 -17.18 -26.65
CA LEU B 230 -21.38 -16.29 -25.95
C LEU B 230 -19.91 -16.69 -26.15
N ARG B 231 -19.63 -17.48 -27.18
CA ARG B 231 -18.25 -17.76 -27.59
C ARG B 231 -18.11 -17.41 -29.06
N PHE B 232 -17.07 -16.67 -29.41
CA PHE B 232 -16.88 -16.20 -30.77
C PHE B 232 -15.42 -16.32 -31.17
N ARG B 233 -15.20 -16.50 -32.48
CA ARG B 233 -13.87 -16.56 -33.06
C ARG B 233 -13.61 -15.24 -33.79
N LEU B 234 -12.56 -14.54 -33.37
CA LEU B 234 -12.23 -13.26 -33.97
C LEU B 234 -10.82 -13.28 -34.58
N PRO B 235 -10.64 -12.69 -35.76
CA PRO B 235 -9.30 -12.64 -36.36
C PRO B 235 -8.36 -11.73 -35.59
N GLY B 236 -7.28 -12.29 -35.05
CA GLY B 236 -6.32 -11.56 -34.27
C GLY B 236 -6.49 -11.72 -32.77
N LEU B 237 -7.61 -12.27 -32.32
CA LEU B 237 -7.87 -12.50 -30.91
C LEU B 237 -8.11 -13.96 -30.58
N GLY B 238 -8.76 -14.71 -31.46
CA GLY B 238 -9.02 -16.11 -31.21
C GLY B 238 -10.37 -16.31 -30.55
N GLU B 239 -10.38 -17.08 -29.46
CA GLU B 239 -11.59 -17.30 -28.69
C GLU B 239 -11.90 -16.07 -27.85
N ALA B 240 -13.16 -15.64 -27.87
CA ALA B 240 -13.58 -14.49 -27.09
C ALA B 240 -14.95 -14.77 -26.50
N VAL B 241 -15.07 -14.58 -25.18
CA VAL B 241 -16.32 -14.77 -24.45
C VAL B 241 -16.94 -13.39 -24.24
N PHE B 242 -18.03 -13.12 -24.94
CA PHE B 242 -18.72 -11.84 -24.87
C PHE B 242 -20.05 -12.06 -24.14
N PHE B 243 -20.05 -11.83 -22.84
CA PHE B 243 -21.25 -11.94 -22.02
C PHE B 243 -21.33 -10.69 -21.15
N THR B 244 -22.34 -9.86 -21.40
CA THR B 244 -22.48 -8.59 -20.72
C THR B 244 -23.82 -8.54 -20.00
N ARG B 245 -24.13 -7.38 -19.40
CA ARG B 245 -25.40 -7.23 -18.70
C ARG B 245 -26.54 -7.02 -19.68
N GLY B 246 -26.29 -6.36 -20.81
CA GLY B 246 -27.32 -6.23 -21.83
C GLY B 246 -27.75 -7.56 -22.40
N LEU B 247 -26.78 -8.43 -22.71
CA LEU B 247 -27.11 -9.74 -23.26
C LEU B 247 -27.90 -10.57 -22.25
N LYS B 248 -27.50 -10.55 -20.98
CA LYS B 248 -28.22 -11.32 -19.97
C LYS B 248 -29.63 -10.78 -19.76
N TYR B 249 -29.77 -9.45 -19.72
CA TYR B 249 -31.10 -8.85 -19.61
C TYR B 249 -31.97 -9.22 -20.79
N ASN B 250 -31.40 -9.22 -21.99
CA ASN B 250 -32.19 -9.57 -23.17
C ASN B 250 -32.58 -11.05 -23.16
N PHE B 251 -31.67 -11.93 -22.73
CA PHE B 251 -32.01 -13.34 -22.62
C PHE B 251 -33.15 -13.57 -21.64
N GLU B 252 -33.06 -12.94 -20.46
CA GLU B 252 -34.11 -13.12 -19.46
C GLU B 252 -35.42 -12.48 -19.89
N LEU B 253 -35.37 -11.40 -20.66
CA LEU B 253 -36.59 -10.80 -21.17
C LEU B 253 -37.22 -11.65 -22.26
N ILE B 254 -36.39 -12.32 -23.07
CA ILE B 254 -36.91 -13.15 -24.15
C ILE B 254 -37.51 -14.43 -23.61
N LEU B 255 -36.89 -15.01 -22.58
CA LEU B 255 -37.28 -16.34 -22.12
C LEU B 255 -38.20 -16.34 -20.91
N PHE B 256 -38.05 -15.37 -19.99
CA PHE B 256 -38.74 -15.43 -18.70
C PHE B 256 -39.79 -14.36 -18.51
N TRP B 257 -39.43 -13.08 -18.64
CA TRP B 257 -40.35 -11.99 -18.37
C TRP B 257 -41.19 -11.66 -19.60
N GLY B 258 -42.25 -10.90 -19.37
CA GLY B 258 -43.15 -10.49 -20.43
C GLY B 258 -44.32 -11.43 -20.56
N PRO B 259 -45.42 -10.94 -21.13
CA PRO B 259 -46.60 -11.79 -21.33
C PRO B 259 -46.47 -12.78 -22.48
N GLY B 260 -45.39 -12.70 -23.27
CA GLY B 260 -45.16 -13.62 -24.35
C GLY B 260 -44.02 -14.58 -24.15
N SER B 261 -43.47 -14.70 -22.95
CA SER B 261 -42.34 -15.57 -22.69
C SER B 261 -42.79 -17.01 -22.59
N LEU B 262 -41.88 -17.90 -22.17
CA LEU B 262 -42.20 -19.32 -22.07
C LEU B 262 -42.94 -19.67 -20.80
N PHE B 263 -42.90 -18.82 -19.77
CA PHE B 263 -43.49 -19.12 -18.47
C PHE B 263 -44.84 -18.42 -18.37
N LEU B 264 -45.88 -19.18 -18.02
CA LEU B 264 -47.24 -18.67 -18.06
C LEU B 264 -47.45 -17.52 -17.08
N ASN B 265 -47.45 -17.79 -15.78
CA ASN B 265 -47.64 -16.75 -14.79
C ASN B 265 -46.35 -16.38 -14.06
N GLU B 266 -45.83 -17.26 -13.20
CA GLU B 266 -44.55 -17.02 -12.57
C GLU B 266 -43.77 -18.32 -12.38
N TRP B 267 -44.49 -19.43 -12.29
CA TRP B 267 -43.92 -20.68 -11.79
C TRP B 267 -44.40 -21.88 -12.59
N SER B 268 -44.83 -21.66 -13.83
CA SER B 268 -45.27 -22.74 -14.69
C SER B 268 -45.10 -22.31 -16.13
N LEU B 269 -44.21 -22.99 -16.86
CA LEU B 269 -44.11 -22.75 -18.29
C LEU B 269 -45.36 -23.30 -18.97
N LYS B 270 -45.78 -22.61 -20.03
CA LYS B 270 -47.03 -22.95 -20.70
C LYS B 270 -47.05 -24.41 -21.12
N ALA B 271 -48.18 -25.07 -20.88
CA ALA B 271 -48.27 -26.51 -21.12
C ALA B 271 -47.96 -26.87 -22.57
N GLU B 272 -48.19 -25.95 -23.50
CA GLU B 272 -47.85 -26.19 -24.89
C GLU B 272 -46.36 -26.43 -25.08
N TYR B 273 -45.53 -26.01 -24.12
CA TYR B 273 -44.10 -26.24 -24.18
C TYR B 273 -43.68 -27.56 -23.55
N LYS B 274 -44.63 -28.39 -23.15
CA LYS B 274 -44.35 -29.73 -22.63
C LYS B 274 -44.76 -30.82 -23.60
N ARG B 275 -45.15 -30.47 -24.82
CA ARG B 275 -45.56 -31.42 -25.84
C ARG B 275 -44.67 -31.28 -27.06
N GLY B 276 -44.03 -32.39 -27.44
CA GLY B 276 -43.14 -32.41 -28.58
C GLY B 276 -43.83 -32.46 -29.93
N GLY B 277 -45.16 -32.47 -29.96
CA GLY B 277 -45.88 -32.52 -31.22
C GLY B 277 -45.80 -31.26 -32.03
N GLN B 278 -45.37 -30.15 -31.43
CA GLN B 278 -45.31 -28.85 -32.09
C GLN B 278 -43.96 -28.17 -31.82
N ARG B 279 -42.87 -28.92 -31.99
CA ARG B 279 -41.54 -28.34 -31.78
C ARG B 279 -41.25 -27.26 -32.80
N LEU B 280 -41.59 -27.50 -34.06
CA LEU B 280 -41.22 -26.57 -35.13
C LEU B 280 -41.99 -25.26 -35.01
N GLU B 281 -43.29 -25.32 -34.72
CA GLU B 281 -44.09 -24.11 -34.60
C GLU B 281 -43.62 -23.25 -33.42
N LEU B 282 -43.35 -23.89 -32.27
CA LEU B 282 -42.87 -23.14 -31.13
C LEU B 282 -41.49 -22.54 -31.38
N ALA B 283 -40.62 -23.30 -32.06
CA ALA B 283 -39.31 -22.76 -32.42
C ALA B 283 -39.45 -21.55 -33.33
N GLN B 284 -40.37 -21.60 -34.29
CA GLN B 284 -40.57 -20.48 -35.20
C GLN B 284 -41.11 -19.26 -34.46
N ARG B 285 -42.05 -19.47 -33.54
CA ARG B 285 -42.59 -18.35 -32.75
C ARG B 285 -41.49 -17.73 -31.88
N LEU B 286 -40.65 -18.57 -31.26
CA LEU B 286 -39.55 -18.04 -30.47
C LEU B 286 -38.55 -17.28 -31.33
N SER B 287 -38.32 -17.75 -32.56
CA SER B 287 -37.42 -17.05 -33.46
C SER B 287 -37.99 -15.68 -33.83
N ASN B 288 -39.30 -15.60 -34.09
CA ASN B 288 -39.90 -14.31 -34.38
C ASN B 288 -39.79 -13.37 -33.17
N ARG B 289 -40.02 -13.90 -31.97
CA ARG B 289 -39.88 -13.07 -30.77
C ARG B 289 -38.46 -12.53 -30.64
N ILE B 290 -37.46 -13.39 -30.82
CA ILE B 290 -36.08 -12.97 -30.72
C ILE B 290 -35.76 -11.92 -31.77
N LEU B 291 -36.28 -12.10 -32.99
CA LEU B 291 -36.04 -11.13 -34.06
C LEU B 291 -36.62 -9.76 -33.70
N TRP B 292 -37.85 -9.74 -33.16
CA TRP B 292 -38.46 -8.46 -32.82
C TRP B 292 -37.72 -7.78 -31.67
N ILE B 293 -37.29 -8.54 -30.66
CA ILE B 293 -36.54 -7.94 -29.57
C ILE B 293 -35.20 -7.41 -30.07
N GLY B 294 -34.56 -8.12 -30.99
CA GLY B 294 -33.31 -7.64 -31.56
C GLY B 294 -33.50 -6.37 -32.38
N ILE B 295 -34.61 -6.29 -33.12
CA ILE B 295 -34.90 -5.07 -33.86
C ILE B 295 -35.11 -3.89 -32.91
N ALA B 296 -35.82 -4.13 -31.81
CA ALA B 296 -36.00 -3.07 -30.82
C ALA B 296 -34.68 -2.61 -30.24
N ASN B 297 -33.79 -3.56 -29.93
CA ASN B 297 -32.46 -3.21 -29.43
C ASN B 297 -31.68 -2.41 -30.46
N PHE B 298 -31.75 -2.81 -31.72
CA PHE B 298 -31.03 -2.09 -32.77
C PHE B 298 -31.56 -0.68 -32.92
N LEU B 299 -32.86 -0.49 -32.73
CA LEU B 299 -33.41 0.86 -32.79
C LEU B 299 -32.96 1.70 -31.60
N LEU B 300 -32.95 1.12 -30.40
CA LEU B 300 -32.56 1.87 -29.21
C LEU B 300 -31.05 2.01 -29.05
N CYS B 301 -30.25 1.36 -29.91
CA CYS B 301 -28.79 1.41 -29.83
C CYS B 301 -28.18 2.79 -29.57
N PRO B 302 -28.53 3.86 -30.32
CA PRO B 302 -27.79 5.12 -30.10
C PRO B 302 -28.01 5.73 -28.73
N LEU B 303 -29.23 5.67 -28.20
CA LEU B 303 -29.50 6.23 -26.88
C LEU B 303 -28.72 5.50 -25.80
N ILE B 304 -28.76 4.16 -25.82
CA ILE B 304 -28.02 3.38 -24.83
C ILE B 304 -26.52 3.61 -24.98
N LEU B 305 -26.05 3.76 -26.21
CA LEU B 305 -24.62 4.02 -26.42
C LEU B 305 -24.21 5.37 -25.84
N ILE B 306 -25.02 6.41 -26.06
CA ILE B 306 -24.73 7.72 -25.50
C ILE B 306 -24.72 7.65 -23.99
N TRP B 307 -25.71 6.97 -23.40
CA TRP B 307 -25.77 6.85 -21.95
C TRP B 307 -24.55 6.13 -21.41
N GLN B 308 -24.12 5.06 -22.08
CA GLN B 308 -22.97 4.30 -21.62
C GLN B 308 -21.69 5.13 -21.70
N ILE B 309 -21.52 5.88 -22.79
CA ILE B 309 -20.35 6.74 -22.92
C ILE B 309 -20.32 7.78 -21.80
N LEU B 310 -21.46 8.44 -21.58
CA LEU B 310 -21.52 9.48 -20.55
C LEU B 310 -21.26 8.90 -19.17
N TYR B 311 -21.84 7.74 -18.87
CA TYR B 311 -21.66 7.14 -17.55
C TYR B 311 -20.21 6.69 -17.36
N ALA B 312 -19.60 6.10 -18.38
CA ALA B 312 -18.22 5.67 -18.27
C ALA B 312 -17.30 6.86 -18.04
N PHE B 313 -17.54 7.97 -18.74
CA PHE B 313 -16.73 9.16 -18.53
C PHE B 313 -16.92 9.69 -17.11
N PHE B 314 -18.17 9.92 -16.71
CA PHE B 314 -18.42 10.50 -15.39
C PHE B 314 -17.98 9.58 -14.25
N SER B 315 -17.82 8.29 -14.51
CA SER B 315 -17.47 7.36 -13.43
C SER B 315 -15.99 7.00 -13.38
N TYR B 316 -15.29 6.96 -14.53
CA TYR B 316 -13.94 6.44 -14.55
C TYR B 316 -12.89 7.43 -15.05
N ALA B 317 -13.28 8.59 -15.56
CA ALA B 317 -12.31 9.51 -16.14
C ALA B 317 -11.46 10.22 -15.09
N GLU B 318 -11.76 10.05 -13.81
CA GLU B 318 -10.92 10.59 -12.75
C GLU B 318 -9.96 9.54 -12.18
N VAL B 319 -10.36 8.28 -12.18
CA VAL B 319 -9.46 7.23 -11.71
C VAL B 319 -8.25 7.10 -12.63
N LEU B 320 -8.43 7.38 -13.92
CA LEU B 320 -7.28 7.41 -14.83
C LEU B 320 -6.26 8.46 -14.41
N LYS B 321 -6.73 9.63 -14.00
CA LYS B 321 -5.83 10.71 -13.60
C LYS B 321 -5.10 10.36 -12.30
N ARG B 322 -5.86 10.00 -11.26
CA ARG B 322 -5.28 9.86 -9.92
C ARG B 322 -4.59 8.53 -9.74
N GLU B 323 -5.26 7.42 -10.05
CA GLU B 323 -4.74 6.08 -9.79
C GLU B 323 -5.11 5.16 -10.94
N PRO B 324 -4.38 5.24 -12.05
CA PRO B 324 -4.71 4.41 -13.22
C PRO B 324 -4.42 2.93 -13.03
N GLY B 325 -3.79 2.54 -11.92
CA GLY B 325 -3.58 1.13 -11.64
C GLY B 325 -4.80 0.39 -11.16
N ALA B 326 -5.86 1.11 -10.78
CA ALA B 326 -7.08 0.46 -10.33
C ALA B 326 -7.86 -0.16 -11.47
N LEU B 327 -7.62 0.26 -12.70
CA LEU B 327 -8.27 -0.33 -13.87
C LEU B 327 -7.47 -1.46 -14.47
N GLY B 328 -6.40 -1.89 -13.81
CA GLY B 328 -5.64 -3.04 -14.25
C GLY B 328 -5.93 -4.23 -13.36
N ALA B 329 -6.52 -3.96 -12.20
CA ALA B 329 -6.94 -5.03 -11.30
C ALA B 329 -8.10 -5.80 -11.91
N ARG B 330 -8.05 -7.11 -11.77
CA ARG B 330 -9.01 -8.00 -12.41
C ARG B 330 -10.24 -8.20 -11.54
N CYS B 331 -11.30 -8.71 -12.17
CA CYS B 331 -12.54 -9.01 -11.48
C CYS B 331 -13.19 -10.21 -12.15
N TRP B 332 -14.04 -10.92 -11.39
CA TRP B 332 -14.71 -12.09 -11.92
C TRP B 332 -15.75 -11.66 -12.96
N SER B 333 -15.57 -12.12 -14.20
CA SER B 333 -16.44 -11.72 -15.29
C SER B 333 -17.86 -12.24 -15.07
N LEU B 334 -18.80 -11.71 -15.86
CA LEU B 334 -20.18 -12.15 -15.77
C LEU B 334 -20.36 -13.58 -16.25
N TYR B 335 -19.47 -14.07 -17.11
CA TYR B 335 -19.53 -15.48 -17.51
C TYR B 335 -18.92 -16.38 -16.45
N GLY B 336 -17.86 -15.90 -15.79
CA GLY B 336 -17.27 -16.65 -14.69
C GLY B 336 -18.15 -16.75 -13.46
N ARG B 337 -19.17 -15.91 -13.35
CA ARG B 337 -20.14 -16.02 -12.27
C ARG B 337 -21.21 -17.05 -12.56
N CYS B 338 -21.48 -17.32 -13.84
CA CYS B 338 -22.43 -18.35 -14.22
C CYS B 338 -21.77 -19.69 -14.50
N TYR B 339 -20.46 -19.72 -14.67
CA TYR B 339 -19.74 -20.97 -14.88
C TYR B 339 -19.32 -21.63 -13.57
N LEU B 340 -19.00 -20.85 -12.54
CA LEU B 340 -18.57 -21.37 -11.26
C LEU B 340 -19.69 -21.43 -10.22
N ARG B 341 -20.95 -21.37 -10.66
CA ARG B 341 -22.08 -21.30 -9.75
C ARG B 341 -22.71 -22.68 -9.59
N HIS B 342 -22.93 -23.09 -8.35
CA HIS B 342 -23.63 -24.33 -8.07
C HIS B 342 -25.12 -24.18 -8.37
N PHE B 343 -25.83 -25.29 -8.33
CA PHE B 343 -27.28 -25.26 -8.40
C PHE B 343 -27.84 -25.03 -7.00
N ASN B 344 -28.87 -24.20 -6.92
CA ASN B 344 -29.49 -23.80 -5.65
C ASN B 344 -28.45 -23.15 -4.73
N GLU B 345 -27.86 -22.07 -5.22
CA GLU B 345 -26.84 -21.33 -4.50
C GLU B 345 -27.18 -19.85 -4.54
N LEU B 346 -27.42 -19.26 -3.38
CA LEU B 346 -27.79 -17.85 -3.31
C LEU B 346 -26.61 -16.98 -3.69
N GLU B 347 -26.88 -15.68 -3.82
CA GLU B 347 -25.85 -14.76 -4.32
C GLU B 347 -24.70 -14.60 -3.33
N HIS B 348 -25.01 -14.52 -2.04
CA HIS B 348 -23.94 -14.34 -1.05
C HIS B 348 -23.11 -15.61 -0.88
N GLU B 349 -23.74 -16.78 -1.04
CA GLU B 349 -22.98 -18.02 -0.95
C GLU B 349 -21.96 -18.14 -2.07
N LEU B 350 -22.28 -17.63 -3.26
CA LEU B 350 -21.32 -17.61 -4.36
C LEU B 350 -20.31 -16.48 -4.19
N GLN B 351 -20.75 -15.33 -3.68
CA GLN B 351 -19.84 -14.20 -3.50
C GLN B 351 -18.78 -14.51 -2.45
N SER B 352 -19.11 -15.30 -1.43
CA SER B 352 -18.09 -15.68 -0.45
C SER B 352 -16.98 -16.49 -1.09
N ARG B 353 -17.34 -17.45 -1.95
CA ARG B 353 -16.33 -18.25 -2.63
C ARG B 353 -15.53 -17.41 -3.62
N LEU B 354 -16.20 -16.49 -4.32
CA LEU B 354 -15.49 -15.63 -5.26
C LEU B 354 -14.61 -14.61 -4.55
N ASN B 355 -14.88 -14.33 -3.27
CA ASN B 355 -14.03 -13.45 -2.48
C ASN B 355 -12.82 -14.20 -1.95
N ARG B 356 -13.04 -15.40 -1.38
CA ARG B 356 -11.93 -16.16 -0.81
C ARG B 356 -10.90 -16.54 -1.88
N GLY B 357 -11.33 -16.71 -3.13
CA GLY B 357 -10.42 -17.09 -4.18
C GLY B 357 -10.02 -15.93 -5.08
N TYR B 358 -10.00 -14.72 -4.53
CA TYR B 358 -9.64 -13.54 -5.31
C TYR B 358 -8.17 -13.20 -5.24
N LYS B 359 -7.54 -13.36 -4.06
CA LYS B 359 -6.12 -13.04 -3.95
C LYS B 359 -5.24 -14.12 -4.57
N PRO B 360 -5.48 -15.42 -4.36
CA PRO B 360 -4.72 -16.42 -5.12
C PRO B 360 -4.89 -16.28 -6.63
N ALA B 361 -6.07 -15.90 -7.10
CA ALA B 361 -6.26 -15.73 -8.54
C ALA B 361 -5.47 -14.54 -9.06
N SER B 362 -5.43 -13.44 -8.30
CA SER B 362 -4.61 -12.30 -8.69
C SER B 362 -3.14 -12.66 -8.72
N LYS B 363 -2.68 -13.37 -7.69
CA LYS B 363 -1.29 -13.83 -7.67
C LYS B 363 -0.98 -14.70 -8.89
N TYR B 364 -1.89 -15.62 -9.22
CA TYR B 364 -1.67 -16.52 -10.35
C TYR B 364 -1.60 -15.75 -11.65
N MET B 365 -2.56 -14.86 -11.90
CA MET B 365 -2.55 -14.08 -13.12
C MET B 365 -1.40 -13.08 -13.17
N ASN B 366 -0.78 -12.78 -12.02
CA ASN B 366 0.42 -11.94 -12.01
C ASN B 366 1.69 -12.71 -12.32
N CYS B 367 1.65 -14.04 -12.21
CA CYS B 367 2.82 -14.88 -12.47
C CYS B 367 3.17 -14.98 -13.95
N PHE B 368 2.45 -14.28 -14.83
CA PHE B 368 2.68 -14.35 -16.27
C PHE B 368 3.23 -12.99 -16.71
N LEU B 369 4.56 -12.91 -16.80
CA LEU B 369 5.21 -11.66 -17.20
C LEU B 369 4.97 -11.37 -18.67
N SER B 370 4.49 -10.16 -18.96
CA SER B 370 4.38 -9.66 -20.32
C SER B 370 5.65 -8.88 -20.65
N PRO B 371 6.56 -9.45 -21.42
CA PRO B 371 7.88 -8.84 -21.59
C PRO B 371 7.87 -7.53 -22.37
N LEU B 372 7.18 -7.53 -23.51
CA LEU B 372 7.16 -6.35 -24.36
C LEU B 372 6.51 -5.16 -23.66
N LEU B 373 5.40 -5.41 -22.95
CA LEU B 373 4.74 -4.34 -22.22
C LEU B 373 5.63 -3.77 -21.15
N THR B 374 6.39 -4.62 -20.45
CA THR B 374 7.28 -4.14 -19.41
C THR B 374 8.43 -3.33 -19.99
N LEU B 375 8.98 -3.77 -21.13
CA LEU B 375 10.01 -2.99 -21.80
C LEU B 375 9.50 -1.61 -22.18
N LEU B 376 8.35 -1.56 -22.85
CA LEU B 376 7.80 -0.28 -23.28
C LEU B 376 7.49 0.61 -22.09
N ALA B 377 6.96 0.04 -21.01
CA ALA B 377 6.64 0.82 -19.83
C ALA B 377 7.90 1.40 -19.20
N LYS B 378 8.94 0.57 -19.03
CA LYS B 378 10.19 1.05 -18.48
C LYS B 378 10.76 2.21 -19.29
N ASN B 379 10.81 2.06 -20.62
CA ASN B 379 11.44 3.07 -21.44
C ASN B 379 10.61 4.35 -21.49
N GLY B 380 9.29 4.22 -21.63
CA GLY B 380 8.44 5.40 -21.61
C GLY B 380 8.51 6.14 -20.30
N ALA B 381 8.53 5.40 -19.18
CA ALA B 381 8.66 6.04 -17.87
C ALA B 381 10.00 6.76 -17.76
N PHE B 382 11.08 6.15 -18.26
CA PHE B 382 12.38 6.81 -18.22
C PHE B 382 12.34 8.13 -18.97
N PHE B 383 11.85 8.12 -20.21
CA PHE B 383 11.85 9.35 -21.01
C PHE B 383 10.96 10.42 -20.40
N ALA B 384 9.73 10.04 -20.01
CA ALA B 384 8.80 11.00 -19.45
C ALA B 384 9.33 11.60 -18.15
N GLY B 385 9.87 10.76 -17.27
CA GLY B 385 10.44 11.26 -16.03
C GLY B 385 11.68 12.11 -16.25
N SER B 386 12.47 11.80 -17.27
CA SER B 386 13.66 12.60 -17.55
C SER B 386 13.29 13.99 -18.05
N ILE B 387 12.20 14.11 -18.81
CA ILE B 387 11.74 15.45 -19.20
C ILE B 387 11.09 16.16 -18.02
N LEU B 388 10.31 15.42 -17.23
CA LEU B 388 9.57 16.03 -16.13
C LEU B 388 10.49 16.51 -15.02
N ALA B 389 11.63 15.83 -14.82
CA ALA B 389 12.58 16.30 -13.81
C ALA B 389 13.16 17.64 -14.19
N VAL B 390 13.52 17.82 -15.47
CA VAL B 390 14.02 19.12 -15.93
C VAL B 390 12.94 20.18 -15.76
N LEU B 391 11.70 19.86 -16.14
CA LEU B 391 10.62 20.84 -16.00
C LEU B 391 10.41 21.22 -14.54
N ILE B 392 10.45 20.25 -13.64
CA ILE B 392 10.21 20.51 -12.22
C ILE B 392 11.35 21.32 -11.62
N ALA B 393 12.59 21.03 -12.03
CA ALA B 393 13.72 21.81 -11.53
C ALA B 393 13.64 23.25 -11.99
N LEU B 394 13.33 23.46 -13.27
CA LEU B 394 13.20 24.82 -13.79
C LEU B 394 12.04 25.55 -13.12
N THR B 395 10.97 24.82 -12.78
CA THR B 395 9.86 25.43 -12.08
C THR B 395 10.23 25.83 -10.65
N ILE B 396 11.01 24.99 -9.97
CA ILE B 396 11.36 25.27 -8.58
C ILE B 396 12.36 26.41 -8.50
N TYR B 397 13.32 26.46 -9.43
CA TYR B 397 14.33 27.51 -9.39
C TYR B 397 13.70 28.89 -9.49
N ASP B 398 13.05 29.18 -10.61
CA ASP B 398 12.35 30.43 -10.83
C ASP B 398 10.94 30.10 -11.30
N GLU B 399 9.94 30.62 -10.60
CA GLU B 399 8.56 30.21 -10.84
C GLU B 399 7.88 31.00 -11.95
N ASP B 400 8.53 32.03 -12.49
CA ASP B 400 7.97 32.71 -13.66
C ASP B 400 7.84 31.77 -14.85
N VAL B 401 8.50 30.62 -14.81
CA VAL B 401 8.32 29.60 -15.84
C VAL B 401 6.91 29.04 -15.85
N LEU B 402 6.20 29.09 -14.73
CA LEU B 402 4.83 28.60 -14.69
C LEU B 402 3.88 29.42 -15.56
N ALA B 403 4.30 30.60 -16.00
CA ALA B 403 3.48 31.45 -16.85
C ALA B 403 3.66 31.17 -18.33
N VAL B 404 4.71 30.43 -18.71
CA VAL B 404 4.86 30.03 -20.11
C VAL B 404 3.67 29.15 -20.50
N GLU B 405 3.26 29.25 -21.76
CA GLU B 405 1.94 28.75 -22.16
C GLU B 405 1.78 27.28 -21.86
N HIS B 406 2.56 26.43 -22.52
CA HIS B 406 2.33 24.99 -22.50
C HIS B 406 3.21 24.27 -21.49
N VAL B 407 3.47 24.89 -20.35
CA VAL B 407 4.27 24.24 -19.31
C VAL B 407 3.38 23.49 -18.32
N LEU B 408 2.25 24.08 -17.92
CA LEU B 408 1.36 23.41 -16.97
C LEU B 408 0.75 22.15 -17.57
N THR B 409 0.23 22.26 -18.81
CA THR B 409 -0.33 21.09 -19.48
C THR B 409 0.74 20.03 -19.70
N THR B 410 1.96 20.45 -20.04
CA THR B 410 3.04 19.49 -20.24
C THR B 410 3.36 18.76 -18.95
N VAL B 411 3.46 19.48 -17.84
CA VAL B 411 3.73 18.85 -16.55
C VAL B 411 2.63 17.87 -16.20
N THR B 412 1.37 18.26 -16.40
CA THR B 412 0.25 17.39 -16.07
C THR B 412 0.29 16.12 -16.91
N LEU B 413 0.47 16.26 -18.22
CA LEU B 413 0.43 15.09 -19.11
C LEU B 413 1.64 14.19 -18.86
N LEU B 414 2.80 14.76 -18.55
CA LEU B 414 3.96 13.93 -18.27
C LEU B 414 3.82 13.21 -16.94
N GLY B 415 3.21 13.85 -15.94
CA GLY B 415 2.91 13.14 -14.71
C GLY B 415 1.95 11.99 -14.93
N VAL B 416 0.92 12.21 -15.74
CA VAL B 416 -0.02 11.13 -16.05
C VAL B 416 0.69 10.00 -16.78
N THR B 417 1.60 10.35 -17.70
CA THR B 417 2.33 9.32 -18.45
C THR B 417 3.22 8.50 -17.53
N VAL B 418 3.95 9.17 -16.63
CA VAL B 418 4.80 8.45 -15.69
C VAL B 418 3.97 7.55 -14.79
N THR B 419 2.86 8.07 -14.29
CA THR B 419 2.03 7.29 -13.37
C THR B 419 1.42 6.08 -14.08
N VAL B 420 1.03 6.24 -15.35
CA VAL B 420 0.47 5.12 -16.09
C VAL B 420 1.54 4.08 -16.40
N CYS B 421 2.72 4.54 -16.83
CA CYS B 421 3.78 3.60 -17.20
C CYS B 421 4.32 2.85 -16.00
N ARG B 422 4.37 3.49 -14.83
CA ARG B 422 4.86 2.83 -13.63
C ARG B 422 3.84 1.85 -13.04
N SER B 423 2.71 1.64 -13.72
CA SER B 423 1.70 0.70 -13.26
C SER B 423 1.75 -0.63 -14.02
N PHE B 424 2.54 -0.72 -15.08
CA PHE B 424 2.73 -1.95 -15.83
C PHE B 424 3.99 -2.69 -15.42
N ILE B 425 4.81 -2.12 -14.54
CA ILE B 425 6.07 -2.73 -14.12
C ILE B 425 5.79 -3.55 -12.86
N PRO B 426 5.93 -4.87 -12.91
CA PRO B 426 5.67 -5.69 -11.72
C PRO B 426 6.77 -5.52 -10.69
N ASP B 427 6.52 -6.12 -9.52
CA ASP B 427 7.53 -6.15 -8.47
C ASP B 427 8.70 -7.02 -8.90
N GLN B 428 9.91 -6.43 -8.89
CA GLN B 428 11.07 -7.14 -9.44
C GLN B 428 11.43 -8.36 -8.62
N HIS B 429 11.02 -8.41 -7.37
CA HIS B 429 11.28 -9.56 -6.49
C HIS B 429 9.94 -10.20 -6.15
N MET B 430 9.49 -11.10 -7.02
CA MET B 430 8.26 -11.86 -6.80
C MET B 430 8.52 -13.33 -7.09
N VAL B 431 7.86 -14.19 -6.32
CA VAL B 431 8.09 -15.63 -6.42
C VAL B 431 7.19 -16.21 -7.50
N PHE B 432 7.54 -17.40 -7.98
CA PHE B 432 6.82 -18.10 -9.03
C PHE B 432 6.40 -19.48 -8.51
N CYS B 433 5.14 -19.60 -8.08
CA CYS B 433 4.57 -20.87 -7.65
C CYS B 433 3.23 -21.09 -8.33
N PRO B 434 3.23 -21.25 -9.65
CA PRO B 434 1.96 -21.34 -10.38
C PRO B 434 1.28 -22.70 -10.30
N GLU B 435 1.75 -23.61 -9.44
CA GLU B 435 1.11 -24.91 -9.30
C GLU B 435 0.32 -25.03 -8.01
N GLN B 436 0.84 -24.49 -6.90
CA GLN B 436 0.05 -24.47 -5.67
C GLN B 436 -1.08 -23.46 -5.77
N LEU B 437 -0.92 -22.42 -6.59
CA LEU B 437 -1.95 -21.41 -6.73
C LEU B 437 -3.23 -21.98 -7.34
N LEU B 438 -3.10 -22.85 -8.34
CA LEU B 438 -4.30 -23.46 -8.90
C LEU B 438 -4.99 -24.37 -7.89
N ARG B 439 -4.22 -25.06 -7.05
CA ARG B 439 -4.83 -25.87 -6.00
C ARG B 439 -5.61 -25.00 -5.03
N VAL B 440 -5.02 -23.88 -4.60
CA VAL B 440 -5.70 -22.99 -3.67
C VAL B 440 -6.94 -22.39 -4.30
N ILE B 441 -6.88 -22.07 -5.60
CA ILE B 441 -8.03 -21.47 -6.27
C ILE B 441 -9.15 -22.50 -6.42
N LEU B 442 -8.81 -23.70 -6.91
CA LEU B 442 -9.81 -24.75 -7.08
C LEU B 442 -10.43 -25.14 -5.74
N ALA B 443 -9.69 -25.01 -4.64
CA ALA B 443 -10.26 -25.26 -3.33
C ALA B 443 -11.37 -24.28 -2.97
N HIS B 444 -11.53 -23.20 -3.73
CA HIS B 444 -12.56 -22.20 -3.48
C HIS B 444 -13.62 -22.16 -4.58
N ILE B 445 -13.21 -22.04 -5.84
CA ILE B 445 -14.17 -21.92 -6.93
C ILE B 445 -14.78 -23.26 -7.34
N HIS B 446 -14.17 -24.37 -6.94
CA HIS B 446 -14.74 -25.71 -7.06
C HIS B 446 -14.87 -26.21 -8.50
N TYR B 447 -14.54 -25.38 -9.49
CA TYR B 447 -14.72 -25.75 -10.88
C TYR B 447 -13.49 -25.37 -11.69
N MET B 448 -12.97 -26.32 -12.46
CA MET B 448 -11.82 -26.10 -13.32
C MET B 448 -11.86 -27.14 -14.42
N PRO B 449 -11.59 -26.77 -15.68
CA PRO B 449 -11.43 -27.78 -16.72
C PRO B 449 -10.36 -28.80 -16.34
N ASP B 450 -10.55 -30.03 -16.80
CA ASP B 450 -9.69 -31.12 -16.35
C ASP B 450 -8.25 -30.99 -16.84
N HIS B 451 -8.03 -30.28 -17.95
CA HIS B 451 -6.67 -30.10 -18.48
C HIS B 451 -6.04 -28.82 -17.94
N TRP B 452 -6.06 -28.65 -16.64
CA TRP B 452 -5.49 -27.49 -15.97
C TRP B 452 -4.53 -27.85 -14.84
N GLN B 453 -4.74 -28.99 -14.19
CA GLN B 453 -3.94 -29.32 -13.02
C GLN B 453 -2.48 -29.53 -13.38
N GLY B 454 -2.21 -30.38 -14.37
CA GLY B 454 -0.85 -30.65 -14.77
C GLY B 454 -0.15 -29.46 -15.40
N ASN B 455 -0.63 -29.02 -16.55
CA ASN B 455 -0.03 -27.90 -17.28
C ASN B 455 -0.57 -26.60 -16.71
N ALA B 456 0.03 -26.17 -15.60
CA ALA B 456 -0.41 -24.99 -14.87
C ALA B 456 0.22 -23.70 -15.35
N HIS B 457 1.27 -23.76 -16.18
CA HIS B 457 2.00 -22.58 -16.60
C HIS B 457 1.99 -22.35 -18.10
N ARG B 458 1.22 -23.13 -18.86
CA ARG B 458 1.20 -22.96 -20.30
C ARG B 458 0.46 -21.68 -20.68
N SER B 459 0.55 -21.33 -21.96
CA SER B 459 -0.16 -20.17 -22.48
C SER B 459 -1.63 -20.44 -22.74
N GLN B 460 -2.04 -21.71 -22.79
CA GLN B 460 -3.45 -22.04 -23.00
C GLN B 460 -4.25 -21.97 -21.71
N THR B 461 -3.65 -22.32 -20.57
CA THR B 461 -4.36 -22.25 -19.30
C THR B 461 -4.60 -20.80 -18.90
N ARG B 462 -3.65 -19.91 -19.18
CA ARG B 462 -3.83 -18.50 -18.86
C ARG B 462 -4.94 -17.88 -19.71
N ASP B 463 -4.96 -18.19 -20.99
CA ASP B 463 -5.96 -17.65 -21.91
C ASP B 463 -7.35 -18.22 -21.66
N GLU B 464 -7.46 -19.30 -20.90
CA GLU B 464 -8.75 -19.86 -20.52
C GLU B 464 -9.18 -19.45 -19.12
N PHE B 465 -8.22 -19.12 -18.25
CA PHE B 465 -8.56 -18.55 -16.95
C PHE B 465 -8.91 -17.07 -17.06
N ALA B 466 -8.32 -16.36 -18.03
CA ALA B 466 -8.60 -14.95 -18.20
C ALA B 466 -10.03 -14.68 -18.64
N GLN B 467 -10.74 -15.69 -19.14
CA GLN B 467 -12.16 -15.51 -19.44
C GLN B 467 -13.02 -15.61 -18.20
N LEU B 468 -12.53 -16.24 -17.14
CA LEU B 468 -13.20 -16.27 -15.85
C LEU B 468 -12.78 -15.11 -14.97
N PHE B 469 -11.58 -14.57 -15.18
CA PHE B 469 -10.99 -13.52 -14.35
C PHE B 469 -10.45 -12.46 -15.31
N GLN B 470 -11.30 -11.51 -15.68
CA GLN B 470 -10.97 -10.54 -16.72
C GLN B 470 -10.52 -9.22 -16.11
N TYR B 471 -9.89 -8.40 -16.95
CA TYR B 471 -9.47 -7.07 -16.53
C TYR B 471 -10.69 -6.21 -16.20
N LYS B 472 -10.43 -5.10 -15.51
CA LYS B 472 -11.48 -4.11 -15.31
C LYS B 472 -11.66 -3.23 -16.54
N ALA B 473 -10.54 -2.89 -17.20
CA ALA B 473 -10.61 -2.09 -18.42
C ALA B 473 -11.33 -2.84 -19.54
N VAL B 474 -11.12 -4.16 -19.63
CA VAL B 474 -11.84 -4.95 -20.62
C VAL B 474 -13.33 -4.98 -20.28
N PHE B 475 -13.66 -5.09 -19.00
CA PHE B 475 -15.06 -5.03 -18.58
C PHE B 475 -15.71 -3.73 -19.04
N ILE B 476 -15.05 -2.60 -18.78
CA ILE B 476 -15.59 -1.31 -19.20
C ILE B 476 -15.71 -1.23 -20.71
N LEU B 477 -14.67 -1.67 -21.42
CA LEU B 477 -14.65 -1.55 -22.87
C LEU B 477 -15.75 -2.37 -23.52
N GLU B 478 -15.99 -3.59 -23.04
CA GLU B 478 -17.06 -4.40 -23.58
C GLU B 478 -18.42 -4.05 -22.99
N GLU B 479 -18.45 -3.23 -21.95
CA GLU B 479 -19.71 -2.60 -21.54
C GLU B 479 -20.07 -1.46 -22.48
N LEU B 480 -19.05 -0.79 -23.06
CA LEU B 480 -19.31 0.27 -24.02
C LEU B 480 -19.78 -0.29 -25.36
N LEU B 481 -19.20 -1.40 -25.80
CA LEU B 481 -19.57 -2.01 -27.08
C LEU B 481 -20.83 -2.85 -27.01
N SER B 482 -21.37 -3.07 -25.81
CA SER B 482 -22.55 -3.93 -25.68
C SER B 482 -23.76 -3.45 -26.47
N PRO B 483 -24.16 -2.18 -26.45
CA PRO B 483 -25.33 -1.76 -27.24
C PRO B 483 -25.14 -1.87 -28.74
N ILE B 484 -23.91 -2.03 -29.22
CA ILE B 484 -23.67 -2.20 -30.64
C ILE B 484 -23.68 -3.66 -31.05
N VAL B 485 -23.10 -4.52 -30.23
CA VAL B 485 -22.96 -5.94 -30.58
C VAL B 485 -24.18 -6.75 -30.18
N THR B 486 -24.89 -6.36 -29.13
CA THR B 486 -26.03 -7.13 -28.65
C THR B 486 -27.09 -7.38 -29.73
N PRO B 487 -27.51 -6.40 -30.53
CA PRO B 487 -28.48 -6.72 -31.58
C PRO B 487 -27.94 -7.69 -32.62
N LEU B 488 -26.66 -7.58 -32.97
CA LEU B 488 -26.07 -8.50 -33.93
C LEU B 488 -26.04 -9.92 -33.37
N ILE B 489 -25.79 -10.05 -32.07
CA ILE B 489 -25.78 -11.38 -31.44
C ILE B 489 -27.18 -11.95 -31.38
N LEU B 490 -28.17 -11.11 -31.10
CA LEU B 490 -29.53 -11.60 -30.95
C LEU B 490 -30.19 -11.94 -32.28
N ILE B 491 -29.84 -11.22 -33.35
CA ILE B 491 -30.51 -11.43 -34.63
C ILE B 491 -29.89 -12.61 -35.38
N PHE B 492 -28.56 -12.71 -35.39
CA PHE B 492 -27.88 -13.67 -36.24
C PHE B 492 -27.41 -14.92 -35.51
N CYS B 493 -27.10 -14.83 -34.21
CA CYS B 493 -26.51 -15.94 -33.48
C CYS B 493 -27.50 -16.69 -32.61
N LEU B 494 -28.33 -15.99 -31.84
CA LEU B 494 -29.27 -16.68 -30.95
C LEU B 494 -30.49 -17.21 -31.70
N ARG B 495 -30.88 -16.53 -32.78
CA ARG B 495 -32.09 -16.95 -33.49
C ARG B 495 -32.01 -18.36 -34.08
N PRO B 496 -30.91 -18.80 -34.71
CA PRO B 496 -30.89 -20.18 -35.24
C PRO B 496 -30.97 -21.25 -34.17
N ARG B 497 -30.61 -20.95 -32.92
CA ARG B 497 -30.68 -21.94 -31.86
C ARG B 497 -32.07 -22.07 -31.25
N ALA B 498 -33.04 -21.28 -31.73
CA ALA B 498 -34.37 -21.24 -31.12
C ALA B 498 -35.03 -22.60 -31.04
N LEU B 499 -34.61 -23.57 -31.87
CA LEU B 499 -35.17 -24.90 -31.77
C LEU B 499 -34.58 -25.67 -30.60
N GLU B 500 -33.25 -25.67 -30.48
CA GLU B 500 -32.60 -26.45 -29.43
C GLU B 500 -33.08 -26.05 -28.06
N ILE B 501 -33.21 -24.74 -27.81
CA ILE B 501 -33.72 -24.26 -26.54
C ILE B 501 -35.08 -24.86 -26.25
N ILE B 502 -35.95 -24.91 -27.26
CA ILE B 502 -37.30 -25.46 -27.06
C ILE B 502 -37.21 -26.91 -26.59
N ASP B 503 -36.20 -27.64 -27.08
CA ASP B 503 -36.02 -29.01 -26.59
C ASP B 503 -35.58 -29.02 -25.13
N PHE B 504 -34.65 -28.13 -24.77
CA PHE B 504 -34.13 -28.08 -23.41
C PHE B 504 -35.25 -27.93 -22.40
N PHE B 505 -36.01 -26.83 -22.50
CA PHE B 505 -37.12 -26.59 -21.59
C PHE B 505 -38.13 -27.72 -21.60
N ARG B 506 -38.15 -28.55 -22.63
CA ARG B 506 -39.08 -29.68 -22.67
C ARG B 506 -38.49 -30.92 -22.01
N ASN B 507 -37.17 -31.10 -22.05
CA ASN B 507 -36.55 -32.30 -21.51
C ASN B 507 -35.92 -32.11 -20.15
N PHE B 508 -35.69 -30.86 -19.74
CA PHE B 508 -34.99 -30.61 -18.48
C PHE B 508 -35.80 -29.70 -17.57
N THR B 509 -37.09 -30.01 -17.41
CA THR B 509 -37.96 -29.29 -16.50
C THR B 509 -38.73 -30.31 -15.68
N VAL B 510 -38.47 -30.33 -14.37
CA VAL B 510 -39.15 -31.26 -13.47
C VAL B 510 -40.19 -30.47 -12.69
N GLU B 511 -41.08 -31.22 -12.03
CA GLU B 511 -42.20 -30.64 -11.30
C GLU B 511 -42.06 -31.00 -9.82
N VAL B 512 -41.44 -30.10 -9.06
CA VAL B 512 -41.29 -30.29 -7.62
C VAL B 512 -42.63 -29.97 -6.96
N VAL B 513 -43.13 -30.90 -6.15
CA VAL B 513 -44.44 -30.73 -5.53
C VAL B 513 -44.41 -29.54 -4.57
N GLY B 514 -45.47 -28.75 -4.59
CA GLY B 514 -45.58 -27.56 -3.78
C GLY B 514 -44.81 -26.37 -4.28
N VAL B 515 -43.76 -26.56 -5.07
CA VAL B 515 -42.97 -25.46 -5.59
C VAL B 515 -43.44 -25.12 -7.00
N GLY B 516 -43.36 -26.08 -7.91
CA GLY B 516 -43.75 -25.86 -9.28
C GLY B 516 -42.78 -26.44 -10.28
N ASP B 517 -42.67 -25.80 -11.45
CA ASP B 517 -41.79 -26.29 -12.51
C ASP B 517 -40.40 -25.69 -12.30
N THR B 518 -39.45 -26.55 -11.95
CA THR B 518 -38.07 -26.16 -11.72
C THR B 518 -37.18 -26.83 -12.74
N CYS B 519 -35.91 -26.42 -12.76
CA CYS B 519 -34.93 -26.98 -13.68
C CYS B 519 -34.33 -28.25 -13.10
N SER B 520 -33.99 -29.18 -13.98
CA SER B 520 -33.35 -30.41 -13.55
C SER B 520 -31.97 -30.09 -12.97
N PHE B 521 -31.58 -30.87 -11.97
CA PHE B 521 -30.34 -30.61 -11.23
C PHE B 521 -29.12 -31.11 -12.01
N ALA B 522 -27.98 -31.20 -11.33
CA ALA B 522 -26.72 -31.46 -12.02
C ALA B 522 -26.65 -32.90 -12.54
N GLN B 523 -27.52 -33.23 -13.49
CA GLN B 523 -27.37 -34.46 -14.27
C GLN B 523 -26.43 -34.25 -15.44
N MET B 524 -26.33 -33.01 -15.93
CA MET B 524 -25.40 -32.64 -17.00
C MET B 524 -24.00 -32.54 -16.39
N ASP B 525 -23.31 -33.68 -16.34
CA ASP B 525 -21.99 -33.73 -15.73
C ASP B 525 -20.93 -33.20 -16.67
N VAL B 526 -21.12 -31.97 -17.15
CA VAL B 526 -20.10 -31.30 -17.96
C VAL B 526 -19.15 -30.48 -17.10
N ARG B 527 -19.53 -30.15 -15.88
CA ARG B 527 -18.72 -29.41 -14.94
C ARG B 527 -18.01 -30.36 -13.98
N GLN B 528 -17.44 -29.81 -12.91
CA GLN B 528 -16.53 -30.53 -12.02
C GLN B 528 -17.04 -30.50 -10.58
N HIS B 529 -16.17 -30.85 -9.64
CA HIS B 529 -16.50 -31.08 -8.22
C HIS B 529 -17.49 -30.07 -7.65
N GLY B 530 -18.35 -30.54 -6.75
CA GLY B 530 -19.43 -29.73 -6.22
C GLY B 530 -19.19 -29.20 -4.82
N HIS B 531 -19.72 -29.90 -3.82
CA HIS B 531 -19.69 -29.52 -2.41
C HIS B 531 -20.43 -28.21 -2.18
N PRO B 532 -21.77 -28.21 -2.31
CA PRO B 532 -22.58 -27.00 -2.08
C PRO B 532 -22.51 -26.53 -0.62
N PRO C 36 24.56 -26.39 -40.53
CA PRO C 36 25.16 -25.10 -40.18
C PRO C 36 25.74 -25.08 -38.77
N TRP C 37 25.13 -25.85 -37.86
CA TRP C 37 25.58 -25.90 -36.47
C TRP C 37 26.60 -27.01 -36.24
N HIS C 38 27.63 -27.03 -37.07
CA HIS C 38 28.77 -27.92 -36.89
C HIS C 38 30.08 -27.17 -36.75
N HIS C 39 30.31 -26.15 -37.57
CA HIS C 39 31.53 -25.34 -37.50
C HIS C 39 31.23 -24.11 -36.64
N ILE C 40 31.34 -24.29 -35.33
CA ILE C 40 31.13 -23.20 -34.39
C ILE C 40 32.46 -22.79 -33.78
N GLU C 41 33.17 -23.76 -33.20
CA GLU C 41 34.48 -23.62 -32.57
C GLU C 41 34.46 -22.69 -31.35
N ASN C 42 33.31 -22.14 -30.98
CA ASN C 42 33.17 -21.23 -29.86
C ASN C 42 31.95 -21.59 -29.04
N LEU C 43 31.85 -22.88 -28.68
CA LEU C 43 30.66 -23.39 -27.99
C LEU C 43 30.34 -22.58 -26.73
N ASP C 44 31.33 -21.98 -26.10
CA ASP C 44 31.08 -21.12 -24.95
C ASP C 44 30.13 -19.98 -25.32
N LEU C 45 30.49 -19.21 -26.34
CA LEU C 45 29.67 -18.08 -26.76
C LEU C 45 28.34 -18.55 -27.31
N PHE C 46 28.33 -19.68 -28.02
CA PHE C 46 27.08 -20.20 -28.57
C PHE C 46 26.09 -20.55 -27.47
N PHE C 47 26.55 -21.27 -26.44
CA PHE C 47 25.65 -21.62 -25.35
C PHE C 47 25.26 -20.40 -24.52
N SER C 48 26.19 -19.45 -24.35
CA SER C 48 25.83 -18.21 -23.68
C SER C 48 24.72 -17.48 -24.42
N ARG C 49 24.79 -17.45 -25.75
CA ARG C 49 23.74 -16.78 -26.52
C ARG C 49 22.44 -17.56 -26.48
N VAL C 50 22.51 -18.89 -26.53
CA VAL C 50 21.29 -19.70 -26.43
C VAL C 50 20.60 -19.46 -25.09
N TYR C 51 21.37 -19.30 -24.02
CA TYR C 51 20.77 -19.02 -22.72
C TYR C 51 20.23 -17.59 -22.66
N ASN C 52 20.98 -16.64 -23.20
CA ASN C 52 20.58 -15.23 -23.11
C ASN C 52 19.35 -14.94 -23.93
N LEU C 53 19.16 -15.64 -25.06
CA LEU C 53 17.98 -15.41 -25.87
C LEU C 53 16.72 -15.96 -25.19
N HIS C 54 16.86 -17.03 -24.42
CA HIS C 54 15.74 -17.54 -23.64
C HIS C 54 15.46 -16.65 -22.43
N GLN C 55 16.51 -16.10 -21.81
CA GLN C 55 16.30 -15.24 -20.66
C GLN C 55 15.73 -13.88 -21.05
N LYS C 56 15.83 -13.52 -22.33
CA LYS C 56 15.30 -12.26 -22.82
C LYS C 56 13.92 -12.41 -23.47
N ASN C 57 13.30 -13.58 -23.34
CA ASN C 57 11.92 -13.82 -23.77
C ASN C 57 11.77 -13.69 -25.29
N GLY C 58 12.73 -14.21 -26.03
CA GLY C 58 12.64 -14.26 -27.48
C GLY C 58 13.65 -13.34 -28.16
N PHE C 59 13.43 -13.14 -29.46
CA PHE C 59 14.31 -12.35 -30.31
C PHE C 59 13.86 -10.91 -30.44
N THR C 60 12.56 -10.68 -30.66
CA THR C 60 12.07 -9.32 -30.84
C THR C 60 12.27 -8.50 -29.57
N CYS C 61 12.09 -9.12 -28.39
CA CYS C 61 12.28 -8.39 -27.14
C CYS C 61 13.74 -8.03 -26.94
N MET C 62 14.65 -8.93 -27.31
CA MET C 62 16.08 -8.62 -27.21
C MET C 62 16.47 -7.47 -28.13
N LEU C 63 16.02 -7.53 -29.38
CA LEU C 63 16.30 -6.46 -30.34
C LEU C 63 15.76 -5.14 -29.82
N ILE C 64 14.54 -5.15 -29.29
CA ILE C 64 13.90 -3.93 -28.83
C ILE C 64 14.60 -3.38 -27.60
N GLY C 65 15.06 -4.24 -26.69
CA GLY C 65 15.82 -3.76 -25.55
C GLY C 65 17.13 -3.11 -25.95
N GLU C 66 17.85 -3.73 -26.90
CA GLU C 66 19.09 -3.13 -27.36
C GLU C 66 18.84 -1.78 -28.03
N ILE C 67 17.78 -1.70 -28.84
CA ILE C 67 17.44 -0.44 -29.51
C ILE C 67 17.12 0.64 -28.47
N PHE C 68 16.36 0.29 -27.43
CA PHE C 68 16.04 1.30 -26.43
C PHE C 68 17.26 1.70 -25.61
N GLU C 69 18.21 0.79 -25.39
CA GLU C 69 19.45 1.19 -24.71
C GLU C 69 20.21 2.23 -25.54
N LEU C 70 20.39 1.94 -26.83
CA LEU C 70 21.04 2.91 -27.71
C LEU C 70 20.30 4.24 -27.71
N MET C 71 18.96 4.18 -27.78
CA MET C 71 18.18 5.41 -27.80
C MET C 71 18.27 6.15 -26.47
N GLN C 72 18.42 5.43 -25.35
CA GLN C 72 18.58 6.09 -24.05
C GLN C 72 19.88 6.89 -24.02
N PHE C 73 20.98 6.28 -24.48
CA PHE C 73 22.24 7.02 -24.52
C PHE C 73 22.13 8.24 -25.42
N LEU C 74 21.61 8.04 -26.64
CA LEU C 74 21.50 9.15 -27.58
C LEU C 74 20.61 10.26 -27.03
N PHE C 75 19.50 9.90 -26.39
CA PHE C 75 18.59 10.89 -25.85
C PHE C 75 19.22 11.67 -24.72
N VAL C 76 19.93 11.00 -23.81
CA VAL C 76 20.60 11.71 -22.73
C VAL C 76 21.57 12.75 -23.29
N VAL C 77 22.41 12.32 -24.23
CA VAL C 77 23.43 13.22 -24.77
C VAL C 77 22.76 14.40 -25.49
N ALA C 78 21.79 14.11 -26.35
CA ALA C 78 21.15 15.16 -27.14
C ALA C 78 20.38 16.14 -26.27
N PHE C 79 19.67 15.63 -25.26
CA PHE C 79 18.90 16.49 -24.38
C PHE C 79 19.80 17.38 -23.55
N THR C 80 20.91 16.84 -23.05
CA THR C 80 21.84 17.68 -22.28
C THR C 80 22.45 18.76 -23.17
N THR C 81 22.85 18.40 -24.40
CA THR C 81 23.40 19.41 -25.30
C THR C 81 22.38 20.48 -25.63
N PHE C 82 21.13 20.08 -25.88
CA PHE C 82 20.07 21.04 -26.19
C PHE C 82 19.82 21.99 -25.01
N LEU C 83 19.80 21.44 -23.80
CA LEU C 83 19.61 22.28 -22.62
C LEU C 83 20.77 23.25 -22.45
N VAL C 84 21.98 22.81 -22.76
CA VAL C 84 23.15 23.67 -22.55
C VAL C 84 23.20 24.79 -23.59
N SER C 85 22.88 24.49 -24.84
CA SER C 85 23.11 25.42 -25.93
C SER C 85 21.86 26.15 -26.42
N CYS C 86 20.82 25.43 -26.80
CA CYS C 86 19.69 26.05 -27.50
C CYS C 86 18.93 27.03 -26.61
N VAL C 87 18.38 26.54 -25.49
CA VAL C 87 17.55 27.39 -24.65
C VAL C 87 18.38 28.54 -24.09
N ASP C 88 17.73 29.69 -23.91
CA ASP C 88 18.41 30.92 -23.51
C ASP C 88 18.17 31.31 -22.06
N TYR C 89 17.05 30.91 -21.47
CA TYR C 89 16.74 31.14 -20.06
C TYR C 89 16.61 32.61 -19.71
N ASP C 90 16.69 33.50 -20.68
CA ASP C 90 16.45 34.92 -20.41
C ASP C 90 14.97 35.26 -20.58
N ILE C 91 14.42 35.02 -21.77
CA ILE C 91 12.99 35.20 -21.98
C ILE C 91 12.17 34.05 -21.43
N LEU C 92 12.82 33.06 -20.81
CA LEU C 92 12.09 32.00 -20.12
C LEU C 92 11.79 32.39 -18.68
N PHE C 93 12.80 32.94 -17.99
CA PHE C 93 12.64 33.42 -16.63
C PHE C 93 11.98 34.80 -16.56
N ALA C 94 11.52 35.33 -17.70
CA ALA C 94 10.85 36.62 -17.77
C ALA C 94 11.73 37.75 -17.22
N ASN C 95 12.89 37.92 -17.85
CA ASN C 95 13.80 39.00 -17.50
C ASN C 95 14.78 39.29 -18.63
N VAL C 108 1.62 40.20 -23.18
CA VAL C 108 1.29 39.02 -23.98
C VAL C 108 2.03 37.81 -23.44
N LYS C 109 1.36 36.66 -23.42
CA LYS C 109 1.95 35.44 -22.88
C LYS C 109 3.02 34.92 -23.82
N VAL C 110 4.11 34.43 -23.26
CA VAL C 110 5.28 33.99 -24.01
C VAL C 110 5.20 32.48 -24.17
N THR C 111 5.45 32.00 -25.39
CA THR C 111 5.39 30.57 -25.68
C THR C 111 6.72 29.90 -25.34
N LEU C 112 6.69 28.57 -25.28
CA LEU C 112 7.93 27.80 -25.17
C LEU C 112 8.81 27.95 -26.41
N PRO C 113 8.31 27.84 -27.64
CA PRO C 113 9.19 27.97 -28.81
C PRO C 113 9.91 29.30 -28.91
N ASP C 114 9.47 30.36 -28.23
CA ASP C 114 10.24 31.59 -28.23
C ASP C 114 11.57 31.41 -27.52
N ALA C 115 11.59 30.70 -26.40
CA ALA C 115 12.83 30.46 -25.67
C ALA C 115 13.80 29.59 -26.44
N PHE C 116 13.31 28.80 -27.39
CA PHE C 116 14.19 27.96 -28.20
C PHE C 116 14.82 28.79 -29.31
N LEU C 117 16.14 28.81 -29.36
CA LEU C 117 16.84 29.48 -30.44
C LEU C 117 16.62 28.73 -31.74
N PRO C 118 16.58 29.44 -32.88
CA PRO C 118 16.48 28.75 -34.17
C PRO C 118 17.67 27.84 -34.40
N ALA C 119 17.49 26.87 -35.29
CA ALA C 119 18.46 25.80 -35.47
C ALA C 119 19.84 26.34 -35.84
N GLN C 120 19.88 27.39 -36.67
CA GLN C 120 21.16 27.89 -37.17
C GLN C 120 22.01 28.49 -36.05
N VAL C 121 21.42 29.37 -35.25
CA VAL C 121 22.19 30.01 -34.19
C VAL C 121 22.54 29.01 -33.10
N CYS C 122 21.69 28.01 -32.87
CA CYS C 122 22.04 26.98 -31.89
C CYS C 122 23.20 26.12 -32.37
N SER C 123 23.21 25.78 -33.66
CA SER C 123 24.35 25.04 -34.21
C SER C 123 25.62 25.88 -34.15
N ALA C 124 25.49 27.19 -34.40
CA ALA C 124 26.66 28.06 -34.33
C ALA C 124 27.18 28.17 -32.90
N ARG C 125 26.29 28.19 -31.92
CA ARG C 125 26.70 28.22 -30.52
C ARG C 125 27.30 26.90 -30.07
N ILE C 126 26.82 25.79 -30.65
CA ILE C 126 27.37 24.48 -30.33
C ILE C 126 28.79 24.35 -30.89
N GLN C 127 28.96 24.68 -32.17
CA GLN C 127 30.24 24.48 -32.86
C GLN C 127 31.28 25.52 -32.47
N GLU C 128 31.06 26.34 -31.45
CA GLU C 128 32.06 27.30 -30.98
C GLU C 128 32.40 27.12 -29.52
N ASN C 129 31.84 26.11 -28.84
CA ASN C 129 32.07 25.96 -27.42
C ASN C 129 33.46 25.41 -27.12
N GLY C 130 34.00 24.58 -28.00
CA GLY C 130 35.33 24.04 -27.80
C GLY C 130 35.41 22.97 -26.73
N SER C 131 35.04 23.32 -25.50
CA SER C 131 35.02 22.37 -24.41
C SER C 131 33.80 21.46 -24.43
N LEU C 132 32.91 21.64 -25.41
CA LEU C 132 31.75 20.78 -25.59
C LEU C 132 31.85 19.90 -26.82
N ILE C 133 32.44 20.41 -27.90
CA ILE C 133 32.59 19.60 -29.11
C ILE C 133 33.61 18.48 -28.88
N THR C 134 34.59 18.70 -28.01
CA THR C 134 35.55 17.65 -27.69
C THR C 134 34.93 16.54 -26.85
N ILE C 135 33.86 16.84 -26.11
CA ILE C 135 33.12 15.79 -25.42
C ILE C 135 32.14 15.11 -26.37
N LEU C 136 31.54 15.89 -27.28
CA LEU C 136 30.61 15.32 -28.25
C LEU C 136 31.30 14.35 -29.20
N VAL C 137 32.55 14.65 -29.59
CA VAL C 137 33.26 13.73 -30.48
C VAL C 137 33.48 12.38 -29.81
N ILE C 138 33.86 12.39 -28.53
CA ILE C 138 34.11 11.13 -27.83
C ILE C 138 32.80 10.40 -27.58
N ALA C 139 31.75 11.13 -27.18
CA ALA C 139 30.45 10.51 -26.99
C ALA C 139 29.84 10.02 -28.29
N GLY C 140 30.35 10.49 -29.43
CA GLY C 140 29.90 9.99 -30.71
C GLY C 140 30.67 8.76 -31.13
N VAL C 141 31.99 8.73 -30.90
CA VAL C 141 32.74 7.54 -31.27
C VAL C 141 32.39 6.36 -30.36
N PHE C 142 32.11 6.63 -29.08
CA PHE C 142 31.68 5.54 -28.20
C PHE C 142 30.33 4.97 -28.64
N TRP C 143 29.39 5.85 -29.00
CA TRP C 143 28.10 5.40 -29.48
C TRP C 143 28.23 4.68 -30.81
N ILE C 144 29.17 5.09 -31.66
CA ILE C 144 29.38 4.40 -32.93
C ILE C 144 29.91 2.99 -32.68
N HIS C 145 30.87 2.86 -31.76
CA HIS C 145 31.35 1.52 -31.41
C HIS C 145 30.22 0.66 -30.86
N ARG C 146 29.38 1.24 -30.00
CA ARG C 146 28.25 0.48 -29.45
C ARG C 146 27.27 0.04 -30.53
N LEU C 147 26.97 0.95 -31.48
CA LEU C 147 26.04 0.62 -32.56
C LEU C 147 26.62 -0.46 -33.47
N ILE C 148 27.93 -0.41 -33.73
CA ILE C 148 28.55 -1.44 -34.55
C ILE C 148 28.51 -2.79 -33.85
N LYS C 149 28.78 -2.80 -32.55
CA LYS C 149 28.67 -4.05 -31.79
C LYS C 149 27.24 -4.58 -31.81
N PHE C 150 26.24 -3.70 -31.73
CA PHE C 150 24.85 -4.13 -31.79
C PHE C 150 24.50 -4.71 -33.15
N ILE C 151 24.96 -4.06 -34.23
CA ILE C 151 24.71 -4.57 -35.58
C ILE C 151 25.34 -5.94 -35.74
N TYR C 152 26.55 -6.12 -35.21
CA TYR C 152 27.19 -7.43 -35.30
C TYR C 152 26.48 -8.47 -34.46
N ASN C 153 25.92 -8.08 -33.31
CA ASN C 153 25.25 -9.04 -32.45
C ASN C 153 23.91 -9.49 -33.02
N ILE C 154 23.24 -8.62 -33.78
CA ILE C 154 21.96 -9.02 -34.37
C ILE C 154 22.15 -10.13 -35.40
N CYS C 155 23.18 -10.01 -36.23
CA CYS C 155 23.43 -11.03 -37.25
C CYS C 155 23.85 -12.36 -36.64
N CYS C 156 24.31 -12.37 -35.38
CA CYS C 156 24.64 -13.60 -34.70
C CYS C 156 23.50 -14.14 -33.87
N TYR C 157 22.58 -13.28 -33.41
CA TYR C 157 21.41 -13.74 -32.68
C TYR C 157 20.31 -14.25 -33.61
N TRP C 158 20.27 -13.77 -34.86
CA TRP C 158 19.35 -14.38 -35.82
C TRP C 158 19.66 -15.86 -36.04
N GLU C 159 20.94 -16.23 -35.98
CA GLU C 159 21.30 -17.63 -36.14
C GLU C 159 20.85 -18.45 -34.94
N ILE C 160 20.91 -17.88 -33.73
CA ILE C 160 20.39 -18.57 -32.57
C ILE C 160 18.87 -18.68 -32.64
N HIS C 161 18.21 -17.67 -33.21
CA HIS C 161 16.76 -17.76 -33.44
C HIS C 161 16.44 -18.92 -34.38
N SER C 162 17.19 -19.04 -35.47
CA SER C 162 17.00 -20.17 -36.38
C SER C 162 17.29 -21.50 -35.69
N PHE C 163 18.31 -21.53 -34.82
CA PHE C 163 18.63 -22.74 -34.09
C PHE C 163 17.52 -23.14 -33.14
N TYR C 164 16.86 -22.15 -32.54
CA TYR C 164 15.69 -22.43 -31.71
C TYR C 164 14.53 -22.96 -32.55
N LEU C 165 14.27 -22.32 -33.70
CA LEU C 165 13.09 -22.66 -34.49
C LEU C 165 13.21 -24.07 -35.09
N HIS C 166 14.35 -24.38 -35.69
CA HIS C 166 14.50 -25.62 -36.45
C HIS C 166 15.06 -26.76 -35.61
N ALA C 167 16.24 -26.55 -35.01
CA ALA C 167 16.93 -27.64 -34.33
C ALA C 167 16.20 -28.10 -33.07
N LEU C 168 15.58 -27.17 -32.34
CA LEU C 168 14.88 -27.51 -31.11
C LEU C 168 13.37 -27.64 -31.29
N ARG C 169 12.82 -27.18 -32.42
CA ARG C 169 11.39 -27.23 -32.67
C ARG C 169 10.61 -26.50 -31.58
N ILE C 170 11.14 -25.36 -31.15
CA ILE C 170 10.48 -24.50 -30.18
C ILE C 170 10.13 -23.18 -30.84
N PRO C 171 8.86 -22.88 -31.08
CA PRO C 171 8.51 -21.60 -31.69
C PRO C 171 8.89 -20.44 -30.79
N MET C 172 9.10 -19.28 -31.41
CA MET C 172 9.46 -18.08 -30.66
C MET C 172 8.31 -17.53 -29.82
N SER C 173 7.12 -18.13 -29.93
CA SER C 173 5.99 -17.76 -29.09
C SER C 173 5.78 -18.71 -27.92
N ALA C 174 6.60 -19.74 -27.79
CA ALA C 174 6.53 -20.67 -26.68
C ALA C 174 7.75 -20.55 -25.75
N LEU C 175 8.62 -19.57 -26.00
CA LEU C 175 9.77 -19.38 -25.13
C LEU C 175 9.38 -18.93 -23.72
N PRO C 176 8.53 -17.89 -23.53
CA PRO C 176 8.26 -17.43 -22.16
C PRO C 176 7.46 -18.43 -21.34
N TYR C 177 7.14 -19.59 -21.90
CA TYR C 177 6.39 -20.63 -21.20
C TYR C 177 7.15 -21.94 -21.13
N CYS C 178 8.44 -21.92 -21.46
CA CYS C 178 9.30 -23.10 -21.37
C CYS C 178 10.40 -22.81 -20.36
N THR C 179 10.40 -23.55 -19.25
CA THR C 179 11.46 -23.41 -18.28
C THR C 179 12.80 -23.80 -18.90
N TRP C 180 13.88 -23.31 -18.31
CA TRP C 180 15.21 -23.59 -18.85
C TRP C 180 15.53 -25.08 -18.83
N GLN C 181 14.93 -25.83 -17.91
CA GLN C 181 15.18 -27.28 -17.88
C GLN C 181 14.67 -27.95 -19.15
N GLU C 182 13.52 -27.51 -19.67
CA GLU C 182 13.00 -28.09 -20.89
C GLU C 182 13.88 -27.76 -22.09
N VAL C 183 14.37 -26.52 -22.16
CA VAL C 183 15.26 -26.15 -23.26
C VAL C 183 16.57 -26.91 -23.16
N GLN C 184 17.07 -27.11 -21.94
CA GLN C 184 18.30 -27.88 -21.76
C GLN C 184 18.09 -29.34 -22.19
N ALA C 185 16.94 -29.92 -21.83
CA ALA C 185 16.65 -31.30 -22.23
C ALA C 185 16.54 -31.42 -23.74
N ARG C 186 15.88 -30.45 -24.38
CA ARG C 186 15.77 -30.47 -25.84
C ARG C 186 17.12 -30.25 -26.51
N ILE C 187 18.03 -29.53 -25.86
CA ILE C 187 19.38 -29.37 -26.39
C ILE C 187 20.14 -30.69 -26.31
N VAL C 188 20.07 -31.34 -25.15
CA VAL C 188 20.93 -32.51 -24.93
C VAL C 188 20.38 -33.74 -25.65
N GLN C 189 19.06 -33.89 -25.75
CA GLN C 189 18.51 -35.12 -26.28
C GLN C 189 18.53 -35.14 -27.81
N THR C 190 18.53 -33.97 -28.45
CA THR C 190 18.60 -33.89 -29.90
C THR C 190 20.01 -33.60 -30.40
N GLN C 191 21.04 -33.92 -29.62
CA GLN C 191 22.41 -33.61 -30.01
C GLN C 191 22.94 -34.53 -31.11
N LYS C 192 22.10 -35.42 -31.64
CA LYS C 192 22.50 -36.26 -32.76
C LYS C 192 22.21 -35.63 -34.11
N GLU C 193 21.19 -34.77 -34.19
CA GLU C 193 20.81 -34.14 -35.45
C GLU C 193 21.71 -32.95 -35.78
N HIS C 194 21.74 -31.95 -34.90
CA HIS C 194 22.54 -30.76 -35.17
C HIS C 194 24.03 -31.00 -34.97
N GLN C 195 24.39 -32.08 -34.28
CA GLN C 195 25.78 -32.53 -34.07
C GLN C 195 26.73 -31.35 -33.83
N ILE C 196 26.44 -30.60 -32.77
CA ILE C 196 27.26 -29.44 -32.45
C ILE C 196 28.58 -29.85 -31.83
N CYS C 197 28.58 -30.90 -31.02
CA CYS C 197 29.78 -31.35 -30.31
C CYS C 197 29.98 -32.84 -30.57
N ILE C 198 30.88 -33.17 -31.50
CA ILE C 198 31.23 -34.55 -31.80
C ILE C 198 32.58 -34.96 -31.19
N HIS C 199 33.48 -33.99 -30.97
CA HIS C 199 34.77 -34.30 -30.35
C HIS C 199 34.58 -35.04 -29.04
N LYS C 200 33.84 -34.46 -28.10
CA LYS C 200 33.42 -35.19 -26.92
C LYS C 200 32.40 -36.25 -27.32
N ARG C 201 32.42 -37.38 -26.62
CA ARG C 201 31.59 -38.52 -26.99
C ARG C 201 30.10 -38.17 -26.97
N GLU C 202 29.66 -37.40 -25.98
CA GLU C 202 28.26 -37.03 -25.87
C GLU C 202 28.20 -35.61 -25.31
N LEU C 203 26.99 -35.10 -25.14
CA LEU C 203 26.76 -33.83 -24.47
C LEU C 203 26.01 -34.06 -23.17
N THR C 204 26.29 -33.22 -22.18
CA THR C 204 25.74 -33.40 -20.85
C THR C 204 25.27 -32.04 -20.33
N GLU C 205 24.28 -32.07 -19.44
CA GLU C 205 23.83 -30.83 -18.82
C GLU C 205 24.96 -30.15 -18.06
N LEU C 206 25.83 -30.95 -17.43
CA LEU C 206 26.99 -30.38 -16.76
C LEU C 206 27.93 -29.70 -17.75
N ASP C 207 28.02 -30.23 -18.97
CA ASP C 207 28.84 -29.57 -20.00
C ASP C 207 28.30 -28.18 -20.33
N ILE C 208 26.98 -28.07 -20.48
CA ILE C 208 26.38 -26.76 -20.76
C ILE C 208 26.60 -25.83 -19.57
N TYR C 209 26.41 -26.33 -18.35
CA TYR C 209 26.64 -25.51 -17.16
C TYR C 209 28.07 -24.99 -17.12
N HIS C 210 29.04 -25.83 -17.50
CA HIS C 210 30.43 -25.40 -17.51
C HIS C 210 30.70 -24.39 -18.63
N ARG C 211 30.07 -24.60 -19.78
CA ARG C 211 30.31 -23.71 -20.91
C ARG C 211 29.76 -22.31 -20.64
N ILE C 212 28.58 -22.23 -20.02
CA ILE C 212 27.98 -20.92 -19.78
C ILE C 212 28.72 -20.18 -18.67
N LEU C 213 29.11 -20.89 -17.62
CA LEU C 213 29.59 -20.27 -16.38
C LEU C 213 31.08 -20.52 -16.15
N ARG C 214 31.89 -20.40 -17.19
CA ARG C 214 33.32 -20.65 -17.02
C ARG C 214 34.02 -19.52 -16.29
N PHE C 215 33.55 -18.27 -16.46
CA PHE C 215 34.18 -17.13 -15.83
C PHE C 215 33.47 -16.69 -14.55
N GLN C 216 32.17 -16.93 -14.44
CA GLN C 216 31.48 -16.60 -13.19
C GLN C 216 31.97 -17.46 -12.04
N ASN C 217 32.32 -18.72 -12.31
CA ASN C 217 32.91 -19.56 -11.27
C ASN C 217 34.25 -19.00 -10.81
N TYR C 218 35.05 -18.52 -11.75
CA TYR C 218 36.33 -17.90 -11.40
C TYR C 218 36.12 -16.65 -10.56
N MET C 219 35.12 -15.84 -10.92
CA MET C 219 34.83 -14.64 -10.14
C MET C 219 34.37 -15.00 -8.73
N VAL C 220 33.52 -16.02 -8.60
CA VAL C 220 33.05 -16.44 -7.29
C VAL C 220 34.21 -16.92 -6.44
N ALA C 221 35.08 -17.75 -7.02
CA ALA C 221 36.22 -18.26 -6.28
C ALA C 221 37.21 -17.16 -5.90
N LEU C 222 37.35 -16.14 -6.76
CA LEU C 222 38.26 -15.05 -6.45
C LEU C 222 37.70 -14.15 -5.36
N VAL C 223 36.39 -13.91 -5.38
CA VAL C 223 35.78 -13.04 -4.36
C VAL C 223 35.72 -13.74 -3.02
N ASN C 224 35.43 -15.04 -3.02
CA ASN C 224 35.23 -15.77 -1.76
C ASN C 224 36.54 -16.21 -1.11
N LYS C 225 37.67 -16.08 -1.80
CA LYS C 225 38.97 -16.33 -1.20
C LYS C 225 39.69 -15.05 -0.81
N SER C 226 38.99 -13.92 -0.84
CA SER C 226 39.56 -12.62 -0.47
C SER C 226 40.80 -12.29 -1.30
N LEU C 227 40.76 -12.63 -2.59
CA LEU C 227 41.85 -12.35 -3.50
C LEU C 227 41.65 -11.04 -4.26
N LEU C 228 40.56 -10.33 -4.02
CA LEU C 228 40.31 -9.06 -4.66
C LEU C 228 40.10 -7.97 -3.62
N PRO C 229 40.61 -6.76 -3.86
CA PRO C 229 40.55 -5.70 -2.85
C PRO C 229 39.20 -5.00 -2.79
N LEU C 230 38.25 -5.56 -2.03
CA LEU C 230 36.92 -4.97 -1.93
C LEU C 230 36.49 -4.81 -0.48
N ARG C 231 37.44 -4.82 0.46
CA ARG C 231 37.17 -4.49 1.85
C ARG C 231 38.13 -3.39 2.26
N PHE C 232 37.61 -2.33 2.88
CA PHE C 232 38.43 -1.18 3.24
C PHE C 232 38.05 -0.68 4.64
N ARG C 233 39.03 -0.08 5.30
CA ARG C 233 38.85 0.52 6.61
C ARG C 233 38.83 2.04 6.45
N LEU C 234 37.72 2.66 6.85
CA LEU C 234 37.57 4.10 6.70
C LEU C 234 37.35 4.76 8.06
N PRO C 235 37.98 5.91 8.30
CA PRO C 235 37.77 6.62 9.57
C PRO C 235 36.36 7.19 9.68
N GLY C 236 35.59 6.74 10.66
CA GLY C 236 34.23 7.17 10.86
C GLY C 236 33.19 6.20 10.32
N LEU C 237 33.61 5.22 9.53
CA LEU C 237 32.70 4.23 8.97
C LEU C 237 33.07 2.80 9.36
N GLY C 238 34.37 2.50 9.46
CA GLY C 238 34.79 1.16 9.83
C GLY C 238 35.02 0.30 8.60
N GLU C 239 34.44 -0.89 8.61
CA GLU C 239 34.51 -1.80 7.47
C GLU C 239 33.58 -1.32 6.37
N ALA C 240 34.07 -1.30 5.14
CA ALA C 240 33.26 -0.88 4.00
C ALA C 240 33.58 -1.79 2.81
N VAL C 241 32.53 -2.36 2.23
CA VAL C 241 32.66 -3.21 1.05
C VAL C 241 32.32 -2.37 -0.18
N PHE C 242 33.33 -2.08 -0.99
CA PHE C 242 33.16 -1.26 -2.18
C PHE C 242 33.34 -2.17 -3.40
N PHE C 243 32.22 -2.67 -3.92
CA PHE C 243 32.22 -3.50 -5.11
C PHE C 243 31.14 -2.98 -6.04
N THR C 244 31.54 -2.43 -7.18
CA THR C 244 30.62 -1.80 -8.11
C THR C 244 30.72 -2.49 -9.47
N ARG C 245 30.00 -1.96 -10.46
CA ARG C 245 30.02 -2.52 -11.79
C ARG C 245 31.31 -2.15 -12.53
N GLY C 246 31.83 -0.95 -12.27
CA GLY C 246 33.09 -0.57 -12.87
C GLY C 246 34.25 -1.45 -12.41
N LEU C 247 34.31 -1.73 -11.11
CA LEU C 247 35.37 -2.60 -10.59
C LEU C 247 35.27 -4.00 -11.17
N LYS C 248 34.05 -4.55 -11.25
CA LYS C 248 33.90 -5.89 -11.80
C LYS C 248 34.25 -5.93 -13.28
N TYR C 249 33.82 -4.93 -14.04
CA TYR C 249 34.18 -4.84 -15.45
C TYR C 249 35.68 -4.75 -15.62
N ASN C 250 36.35 -3.97 -14.77
CA ASN C 250 37.80 -3.83 -14.88
C ASN C 250 38.50 -5.13 -14.51
N PHE C 251 38.02 -5.83 -13.49
CA PHE C 251 38.60 -7.11 -13.12
C PHE C 251 38.48 -8.10 -14.27
N GLU C 252 37.29 -8.20 -14.87
CA GLU C 252 37.09 -9.15 -15.95
C GLU C 252 37.86 -8.76 -17.21
N LEU C 253 38.06 -7.45 -17.43
CA LEU C 253 38.87 -7.01 -18.56
C LEU C 253 40.35 -7.29 -18.33
N ILE C 254 40.80 -7.18 -17.08
CA ILE C 254 42.21 -7.42 -16.77
C ILE C 254 42.53 -8.90 -16.84
N LEU C 255 41.62 -9.76 -16.38
CA LEU C 255 41.92 -11.17 -16.22
C LEU C 255 41.42 -12.05 -17.37
N PHE C 256 40.29 -11.72 -17.99
CA PHE C 256 39.65 -12.62 -18.92
C PHE C 256 39.64 -12.12 -20.36
N TRP C 257 39.11 -10.94 -20.62
CA TRP C 257 38.97 -10.44 -21.98
C TRP C 257 40.25 -9.75 -22.44
N GLY C 258 40.32 -9.51 -23.74
CA GLY C 258 41.47 -8.86 -24.34
C GLY C 258 42.50 -9.86 -24.83
N PRO C 259 43.33 -9.44 -25.79
CA PRO C 259 44.38 -10.34 -26.29
C PRO C 259 45.57 -10.48 -25.36
N GLY C 260 45.62 -9.73 -24.26
CA GLY C 260 46.68 -9.83 -23.29
C GLY C 260 46.30 -10.43 -21.96
N SER C 261 45.11 -11.02 -21.84
CA SER C 261 44.64 -11.56 -20.58
C SER C 261 45.30 -12.91 -20.30
N LEU C 262 44.83 -13.60 -19.27
CA LEU C 262 45.41 -14.88 -18.88
C LEU C 262 44.90 -16.04 -19.74
N PHE C 263 43.77 -15.88 -20.41
CA PHE C 263 43.16 -16.95 -21.18
C PHE C 263 43.50 -16.80 -22.66
N LEU C 264 44.02 -17.88 -23.25
CA LEU C 264 44.56 -17.79 -24.60
C LEU C 264 43.49 -17.43 -25.63
N ASN C 265 42.56 -18.35 -25.91
CA ASN C 265 41.50 -18.07 -26.88
C ASN C 265 40.15 -17.83 -26.22
N GLU C 266 39.52 -18.85 -25.65
CA GLU C 266 38.28 -18.67 -24.89
C GLU C 266 38.21 -19.61 -23.70
N TRP C 267 38.89 -20.74 -23.80
CA TRP C 267 38.65 -21.86 -22.90
C TRP C 267 39.95 -22.53 -22.47
N SER C 268 41.06 -21.81 -22.55
CA SER C 268 42.35 -22.35 -22.13
C SER C 268 43.25 -21.19 -21.73
N LEU C 269 43.61 -21.13 -20.46
CA LEU C 269 44.61 -20.16 -20.03
C LEU C 269 45.97 -20.56 -20.60
N LYS C 270 46.78 -19.55 -20.92
CA LYS C 270 48.05 -19.79 -21.59
C LYS C 270 48.90 -20.76 -20.78
N ALA C 271 49.52 -21.72 -21.48
CA ALA C 271 50.26 -22.78 -20.81
C ALA C 271 51.37 -22.22 -19.93
N GLU C 272 51.90 -21.05 -20.26
CA GLU C 272 52.91 -20.42 -19.43
C GLU C 272 52.39 -20.12 -18.02
N TYR C 273 51.07 -20.08 -17.83
CA TYR C 273 50.48 -19.85 -16.53
C TYR C 273 50.24 -21.14 -15.76
N LYS C 274 50.70 -22.28 -16.29
CA LYS C 274 50.61 -23.56 -15.59
C LYS C 274 51.97 -24.04 -15.10
N ARG C 275 53.01 -23.20 -15.20
CA ARG C 275 54.36 -23.55 -14.78
C ARG C 275 54.81 -22.56 -13.72
N GLY C 276 55.19 -23.09 -12.55
CA GLY C 276 55.66 -22.26 -11.46
C GLY C 276 57.07 -21.77 -11.57
N GLY C 277 57.77 -22.12 -12.65
CA GLY C 277 59.15 -21.68 -12.82
C GLY C 277 59.31 -20.20 -13.11
N GLN C 278 58.22 -19.52 -13.47
CA GLN C 278 58.25 -18.10 -13.80
C GLN C 278 57.13 -17.34 -13.11
N ARG C 279 56.96 -17.58 -11.80
CA ARG C 279 55.93 -16.88 -11.05
C ARG C 279 56.20 -15.38 -11.00
N LEU C 280 57.46 -15.00 -10.76
CA LEU C 280 57.78 -13.59 -10.56
C LEU C 280 57.61 -12.78 -11.85
N GLU C 281 58.05 -13.34 -12.98
CA GLU C 281 57.93 -12.63 -14.25
C GLU C 281 56.47 -12.44 -14.64
N LEU C 282 55.65 -13.49 -14.48
CA LEU C 282 54.24 -13.36 -14.80
C LEU C 282 53.54 -12.39 -13.86
N ALA C 283 53.90 -12.41 -12.57
CA ALA C 283 53.34 -11.45 -11.64
C ALA C 283 53.70 -10.02 -12.03
N GLN C 284 54.94 -9.80 -12.46
CA GLN C 284 55.36 -8.46 -12.87
C GLN C 284 54.61 -8.01 -14.12
N ARG C 285 54.43 -8.91 -15.09
CA ARG C 285 53.69 -8.56 -16.30
C ARG C 285 52.23 -8.23 -15.97
N LEU C 286 51.62 -9.01 -15.08
CA LEU C 286 50.25 -8.73 -14.67
C LEU C 286 50.16 -7.40 -13.93
N SER C 287 51.18 -7.07 -13.12
CA SER C 287 51.19 -5.78 -12.44
C SER C 287 51.28 -4.64 -13.43
N ASN C 288 52.11 -4.78 -14.46
CA ASN C 288 52.18 -3.74 -15.49
C ASN C 288 50.86 -3.58 -16.21
N ARG C 289 50.20 -4.71 -16.53
CA ARG C 289 48.90 -4.63 -17.18
C ARG C 289 47.88 -3.90 -16.31
N ILE C 290 47.84 -4.24 -15.03
CA ILE C 290 46.90 -3.59 -14.11
C ILE C 290 47.20 -2.10 -14.02
N LEU C 291 48.50 -1.73 -13.98
CA LEU C 291 48.86 -0.33 -13.90
C LEU C 291 48.39 0.43 -15.14
N TRP C 292 48.58 -0.15 -16.32
CA TRP C 292 48.17 0.53 -17.54
C TRP C 292 46.65 0.69 -17.61
N ILE C 293 45.91 -0.36 -17.21
CA ILE C 293 44.45 -0.26 -17.22
C ILE C 293 43.98 0.79 -16.21
N GLY C 294 44.65 0.86 -15.05
CA GLY C 294 44.29 1.88 -14.08
C GLY C 294 44.58 3.28 -14.57
N ILE C 295 45.69 3.45 -15.30
CA ILE C 295 46.00 4.76 -15.88
C ILE C 295 44.93 5.15 -16.90
N ALA C 296 44.50 4.19 -17.72
CA ALA C 296 43.44 4.48 -18.69
C ALA C 296 42.15 4.88 -17.98
N ASN C 297 41.80 4.18 -16.90
CA ASN C 297 40.61 4.56 -16.14
C ASN C 297 40.75 5.94 -15.53
N PHE C 298 41.93 6.27 -15.01
CA PHE C 298 42.14 7.59 -14.43
C PHE C 298 42.02 8.69 -15.48
N LEU C 299 42.45 8.39 -16.71
CA LEU C 299 42.30 9.37 -17.78
C LEU C 299 40.84 9.54 -18.17
N LEU C 300 40.10 8.43 -18.28
CA LEU C 300 38.70 8.52 -18.68
C LEU C 300 37.76 8.95 -17.55
N CYS C 301 38.27 9.08 -16.32
CA CYS C 301 37.45 9.46 -15.16
C CYS C 301 36.46 10.59 -15.38
N PRO C 302 36.83 11.76 -15.94
CA PRO C 302 35.84 12.86 -15.99
C PRO C 302 34.65 12.57 -16.90
N LEU C 303 34.88 11.92 -18.04
CA LEU C 303 33.78 11.61 -18.95
C LEU C 303 32.78 10.64 -18.29
N ILE C 304 33.30 9.57 -17.69
CA ILE C 304 32.43 8.61 -17.02
C ILE C 304 31.71 9.26 -15.86
N LEU C 305 32.39 10.16 -15.14
CA LEU C 305 31.74 10.84 -14.03
C LEU C 305 30.60 11.73 -14.50
N ILE C 306 30.82 12.48 -15.59
CA ILE C 306 29.76 13.32 -16.15
C ILE C 306 28.58 12.47 -16.59
N TRP C 307 28.87 11.35 -17.26
CA TRP C 307 27.79 10.47 -17.71
C TRP C 307 27.01 9.91 -16.54
N GLN C 308 27.70 9.52 -15.46
CA GLN C 308 27.02 8.96 -14.30
C GLN C 308 26.15 10.01 -13.62
N ILE C 309 26.66 11.24 -13.49
CA ILE C 309 25.87 12.31 -12.88
C ILE C 309 24.60 12.56 -13.71
N LEU C 310 24.77 12.68 -15.03
CA LEU C 310 23.62 12.96 -15.89
C LEU C 310 22.61 11.83 -15.84
N TYR C 311 23.07 10.59 -15.87
CA TYR C 311 22.15 9.45 -15.84
C TYR C 311 21.43 9.35 -14.50
N ALA C 312 22.15 9.58 -13.39
CA ALA C 312 21.51 9.53 -12.08
C ALA C 312 20.45 10.61 -11.96
N PHE C 313 20.73 11.82 -12.46
CA PHE C 313 19.73 12.87 -12.42
C PHE C 313 18.52 12.51 -13.28
N PHE C 314 18.75 12.16 -14.54
CA PHE C 314 17.64 11.86 -15.43
C PHE C 314 16.84 10.64 -15.00
N SER C 315 17.41 9.77 -14.17
CA SER C 315 16.72 8.54 -13.79
C SER C 315 16.06 8.60 -12.42
N TYR C 316 16.63 9.35 -11.47
CA TYR C 316 16.15 9.30 -10.09
C TYR C 316 15.67 10.64 -9.54
N ALA C 317 15.87 11.75 -10.24
CA ALA C 317 15.50 13.05 -9.69
C ALA C 317 14.00 13.30 -9.66
N GLU C 318 13.19 12.40 -10.24
CA GLU C 318 11.74 12.49 -10.13
C GLU C 318 11.19 11.60 -9.03
N VAL C 319 11.83 10.47 -8.75
CA VAL C 319 11.39 9.60 -7.67
C VAL C 319 11.54 10.30 -6.32
N LEU C 320 12.54 11.17 -6.20
CA LEU C 320 12.67 11.98 -4.98
C LEU C 320 11.46 12.86 -4.76
N LYS C 321 10.95 13.47 -5.83
CA LYS C 321 9.81 14.36 -5.71
C LYS C 321 8.54 13.59 -5.37
N ARG C 322 8.23 12.55 -6.15
CA ARG C 322 6.95 11.87 -6.03
C ARG C 322 6.91 10.88 -4.87
N GLU C 323 7.89 9.97 -4.82
CA GLU C 323 7.89 8.89 -3.85
C GLU C 323 9.31 8.66 -3.36
N PRO C 324 9.79 9.51 -2.44
CA PRO C 324 11.17 9.36 -1.95
C PRO C 324 11.41 8.14 -1.07
N GLY C 325 10.35 7.40 -0.73
CA GLY C 325 10.53 6.17 0.03
C GLY C 325 11.02 5.00 -0.78
N ALA C 326 11.00 5.10 -2.11
CA ALA C 326 11.48 4.02 -2.96
C ALA C 326 13.00 3.92 -2.94
N LEU C 327 13.70 4.98 -2.56
CA LEU C 327 15.15 4.96 -2.45
C LEU C 327 15.64 4.56 -1.07
N GLY C 328 14.72 4.16 -0.19
CA GLY C 328 15.10 3.64 1.12
C GLY C 328 14.96 2.14 1.16
N ALA C 329 14.24 1.59 0.18
CA ALA C 329 14.12 0.14 0.05
C ALA C 329 15.46 -0.46 -0.35
N ARG C 330 15.79 -1.59 0.27
CA ARG C 330 17.10 -2.21 0.10
C ARG C 330 17.10 -3.15 -1.10
N CYS C 331 18.30 -3.51 -1.54
CA CYS C 331 18.49 -4.44 -2.63
C CYS C 331 19.77 -5.23 -2.39
N TRP C 332 19.85 -6.41 -2.99
CA TRP C 332 21.03 -7.26 -2.83
C TRP C 332 22.21 -6.63 -3.56
N SER C 333 23.26 -6.31 -2.81
CA SER C 333 24.41 -5.63 -3.38
C SER C 333 25.14 -6.53 -4.36
N LEU C 334 26.05 -5.93 -5.13
CA LEU C 334 26.83 -6.69 -6.11
C LEU C 334 27.81 -7.65 -5.43
N TYR C 335 28.20 -7.36 -4.19
CA TYR C 335 29.05 -8.29 -3.46
C TYR C 335 28.23 -9.42 -2.86
N GLY C 336 27.00 -9.12 -2.42
CA GLY C 336 26.11 -10.15 -1.93
C GLY C 336 25.61 -11.10 -2.99
N ARG C 337 25.74 -10.75 -4.26
CA ARG C 337 25.42 -11.67 -5.34
C ARG C 337 26.56 -12.62 -5.65
N CYS C 338 27.79 -12.23 -5.35
CA CYS C 338 28.94 -13.10 -5.52
C CYS C 338 29.29 -13.88 -4.26
N TYR C 339 28.77 -13.46 -3.11
CA TYR C 339 29.03 -14.19 -1.86
C TYR C 339 28.02 -15.30 -1.62
N LEU C 340 26.77 -15.12 -2.05
CA LEU C 340 25.72 -16.11 -1.85
C LEU C 340 25.50 -17.00 -3.07
N ARG C 341 26.45 -17.05 -4.00
CA ARG C 341 26.28 -17.77 -5.25
C ARG C 341 26.96 -19.13 -5.16
N HIS C 342 26.23 -20.18 -5.55
CA HIS C 342 26.80 -21.50 -5.63
C HIS C 342 27.74 -21.61 -6.83
N PHE C 343 28.46 -22.72 -6.89
CA PHE C 343 29.23 -23.04 -8.09
C PHE C 343 28.32 -23.73 -9.10
N ASN C 344 28.49 -23.36 -10.37
CA ASN C 344 27.65 -23.89 -11.46
C ASN C 344 26.17 -23.58 -11.20
N GLU C 345 25.89 -22.28 -11.08
CA GLU C 345 24.54 -21.80 -10.81
C GLU C 345 24.22 -20.67 -11.77
N LEU C 346 23.22 -20.88 -12.62
CA LEU C 346 22.85 -19.87 -13.60
C LEU C 346 22.24 -18.65 -12.92
N GLU C 347 22.02 -17.60 -13.72
CA GLU C 347 21.58 -16.33 -13.15
C GLU C 347 20.17 -16.42 -12.59
N HIS C 348 19.26 -17.13 -13.28
CA HIS C 348 17.89 -17.22 -12.79
C HIS C 348 17.79 -18.13 -11.57
N GLU C 349 18.63 -19.15 -11.48
CA GLU C 349 18.63 -20.01 -10.30
C GLU C 349 19.04 -19.24 -9.05
N LEU C 350 19.96 -18.28 -9.20
CA LEU C 350 20.33 -17.43 -8.07
C LEU C 350 19.30 -16.35 -7.81
N GLN C 351 18.72 -15.81 -8.87
CA GLN C 351 17.71 -14.75 -8.71
C GLN C 351 16.46 -15.28 -8.03
N SER C 352 16.10 -16.54 -8.24
CA SER C 352 14.95 -17.10 -7.54
C SER C 352 15.18 -17.13 -6.03
N ARG C 353 16.37 -17.55 -5.61
CA ARG C 353 16.69 -17.57 -4.19
C ARG C 353 16.77 -16.16 -3.62
N LEU C 354 17.34 -15.22 -4.38
CA LEU C 354 17.41 -13.84 -3.89
C LEU C 354 16.05 -13.17 -3.89
N ASN C 355 15.08 -13.70 -4.64
CA ASN C 355 13.72 -13.18 -4.60
C ASN C 355 12.95 -13.75 -3.42
N ARG C 356 13.04 -15.06 -3.22
CA ARG C 356 12.31 -15.70 -2.12
C ARG C 356 12.76 -15.16 -0.76
N GLY C 357 14.02 -14.77 -0.64
CA GLY C 357 14.53 -14.27 0.62
C GLY C 357 14.63 -12.76 0.70
N TYR C 358 13.75 -12.06 -0.03
CA TYR C 358 13.77 -10.61 -0.05
C TYR C 358 12.85 -9.99 0.98
N LYS C 359 11.67 -10.57 1.21
CA LYS C 359 10.76 -10.00 2.19
C LYS C 359 11.18 -10.32 3.62
N PRO C 360 11.60 -11.55 3.96
CA PRO C 360 12.17 -11.75 5.31
C PRO C 360 13.38 -10.89 5.58
N ALA C 361 14.23 -10.64 4.57
CA ALA C 361 15.39 -9.79 4.78
C ALA C 361 14.99 -8.34 5.04
N SER C 362 13.98 -7.85 4.31
CA SER C 362 13.47 -6.51 4.57
C SER C 362 12.87 -6.40 5.97
N LYS C 363 12.09 -7.40 6.36
CA LYS C 363 11.54 -7.42 7.72
C LYS C 363 12.64 -7.40 8.76
N TYR C 364 13.70 -8.21 8.54
CA TYR C 364 14.79 -8.28 9.50
C TYR C 364 15.51 -6.95 9.61
N MET C 365 15.87 -6.36 8.48
CA MET C 365 16.56 -5.07 8.50
C MET C 365 15.65 -3.94 9.00
N ASN C 366 14.34 -4.15 9.01
CA ASN C 366 13.44 -3.15 9.59
C ASN C 366 13.31 -3.29 11.10
N CYS C 367 13.72 -4.43 11.67
CA CYS C 367 13.62 -4.66 13.11
C CYS C 367 14.65 -3.88 13.90
N PHE C 368 15.46 -3.03 13.26
CA PHE C 368 16.49 -2.26 13.93
C PHE C 368 16.09 -0.79 13.89
N LEU C 369 15.47 -0.32 14.97
CA LEU C 369 15.01 1.06 15.05
C LEU C 369 16.19 2.01 15.17
N SER C 370 16.23 3.01 14.30
CA SER C 370 17.18 4.11 14.40
C SER C 370 16.53 5.25 15.17
N PRO C 371 16.88 5.43 16.45
CA PRO C 371 16.12 6.36 17.30
C PRO C 371 16.28 7.81 16.93
N LEU C 372 17.53 8.25 16.71
CA LEU C 372 17.79 9.65 16.41
C LEU C 372 17.16 10.06 15.09
N LEU C 373 17.24 9.19 14.08
CA LEU C 373 16.63 9.50 12.79
C LEU C 373 15.11 9.62 12.92
N THR C 374 14.49 8.76 13.73
CA THR C 374 13.04 8.84 13.90
C THR C 374 12.65 10.10 14.66
N LEU C 375 13.43 10.49 15.67
CA LEU C 375 13.15 11.74 16.37
C LEU C 375 13.22 12.93 15.42
N LEU C 376 14.31 13.02 14.66
CA LEU C 376 14.47 14.14 13.73
C LEU C 376 13.38 14.15 12.68
N ALA C 377 12.99 12.98 12.18
CA ALA C 377 11.94 12.90 11.18
C ALA C 377 10.61 13.37 11.75
N LYS C 378 10.26 12.89 12.93
CA LYS C 378 9.01 13.30 13.57
C LYS C 378 8.96 14.81 13.75
N ASN C 379 10.04 15.40 14.28
CA ASN C 379 10.00 16.83 14.58
C ASN C 379 10.01 17.67 13.31
N GLY C 380 10.84 17.30 12.32
CA GLY C 380 10.82 18.02 11.06
C GLY C 380 9.49 17.94 10.36
N ALA C 381 8.87 16.75 10.37
CA ALA C 381 7.55 16.61 9.77
C ALA C 381 6.53 17.48 10.50
N PHE C 382 6.59 17.54 11.83
CA PHE C 382 5.67 18.39 12.57
C PHE C 382 5.82 19.84 12.15
N PHE C 383 7.04 20.36 12.15
CA PHE C 383 7.25 21.77 11.83
C PHE C 383 6.83 22.08 10.39
N ALA C 384 7.28 21.25 9.44
CA ALA C 384 6.96 21.50 8.04
C ALA C 384 5.46 21.43 7.79
N GLY C 385 4.78 20.42 8.35
CA GLY C 385 3.35 20.33 8.19
C GLY C 385 2.60 21.44 8.88
N SER C 386 3.12 21.95 10.01
CA SER C 386 2.46 23.04 10.70
C SER C 386 2.54 24.33 9.89
N ILE C 387 3.65 24.55 9.18
CA ILE C 387 3.70 25.72 8.29
C ILE C 387 2.85 25.50 7.05
N LEU C 388 2.89 24.28 6.50
CA LEU C 388 2.18 24.00 5.27
C LEU C 388 0.67 24.04 5.46
N ALA C 389 0.17 23.69 6.64
CA ALA C 389 -1.26 23.77 6.89
C ALA C 389 -1.74 25.22 6.85
N VAL C 390 -0.97 26.12 7.45
CA VAL C 390 -1.32 27.55 7.41
C VAL C 390 -1.28 28.04 5.97
N LEU C 391 -0.25 27.66 5.22
CA LEU C 391 -0.16 28.09 3.82
C LEU C 391 -1.34 27.58 3.01
N ILE C 392 -1.72 26.31 3.21
CA ILE C 392 -2.81 25.72 2.45
C ILE C 392 -4.15 26.36 2.82
N ALA C 393 -4.35 26.66 4.11
CA ALA C 393 -5.59 27.32 4.51
C ALA C 393 -5.68 28.72 3.91
N LEU C 394 -4.60 29.48 3.96
CA LEU C 394 -4.61 30.81 3.37
C LEU C 394 -4.81 30.75 1.87
N THR C 395 -4.28 29.70 1.23
CA THR C 395 -4.49 29.53 -0.20
C THR C 395 -5.94 29.20 -0.54
N ILE C 396 -6.57 28.36 0.29
CA ILE C 396 -7.95 27.94 0.01
C ILE C 396 -8.92 29.08 0.27
N TYR C 397 -8.68 29.87 1.33
CA TYR C 397 -9.60 30.96 1.66
C TYR C 397 -9.69 31.96 0.53
N ASP C 398 -8.58 32.62 0.21
CA ASP C 398 -8.50 33.57 -0.89
C ASP C 398 -7.31 33.19 -1.75
N GLU C 399 -7.53 32.96 -3.04
CA GLU C 399 -6.51 32.41 -3.91
C GLU C 399 -5.57 33.45 -4.50
N ASP C 400 -5.84 34.75 -4.27
CA ASP C 400 -4.87 35.76 -4.68
C ASP C 400 -3.53 35.60 -3.99
N VAL C 401 -3.49 34.81 -2.90
CA VAL C 401 -2.22 34.49 -2.25
C VAL C 401 -1.31 33.67 -3.15
N LEU C 402 -1.85 32.93 -4.11
CA LEU C 402 -1.02 32.16 -5.01
C LEU C 402 -0.15 33.04 -5.91
N ALA C 403 -0.44 34.34 -5.98
CA ALA C 403 0.35 35.26 -6.79
C ALA C 403 1.52 35.87 -6.04
N VAL C 404 1.57 35.75 -4.71
CA VAL C 404 2.73 36.20 -3.97
C VAL C 404 3.94 35.38 -4.42
N GLU C 405 5.11 36.02 -4.40
CA GLU C 405 6.27 35.50 -5.12
C GLU C 405 6.64 34.09 -4.66
N HIS C 406 7.06 33.96 -3.40
CA HIS C 406 7.67 32.73 -2.93
C HIS C 406 6.70 31.84 -2.18
N VAL C 407 5.44 31.81 -2.61
CA VAL C 407 4.44 30.94 -1.99
C VAL C 407 4.38 29.57 -2.67
N LEU C 408 4.43 29.55 -4.00
CA LEU C 408 4.36 28.28 -4.71
C LEU C 408 5.59 27.42 -4.44
N THR C 409 6.78 28.03 -4.53
CA THR C 409 8.01 27.29 -4.23
C THR C 409 8.03 26.83 -2.78
N THR C 410 7.52 27.65 -1.87
CA THR C 410 7.48 27.27 -0.46
C THR C 410 6.56 26.08 -0.25
N VAL C 411 5.37 26.11 -0.87
CA VAL C 411 4.45 24.99 -0.74
C VAL C 411 5.07 23.71 -1.30
N THR C 412 5.72 23.82 -2.46
CA THR C 412 6.33 22.65 -3.07
C THR C 412 7.43 22.07 -2.19
N LEU C 413 8.33 22.93 -1.69
CA LEU C 413 9.44 22.44 -0.88
C LEU C 413 8.98 21.90 0.45
N LEU C 414 7.94 22.50 1.04
CA LEU C 414 7.43 21.98 2.30
C LEU C 414 6.70 20.65 2.10
N GLY C 415 6.00 20.49 0.98
CA GLY C 415 5.42 19.18 0.68
C GLY C 415 6.49 18.12 0.50
N VAL C 416 7.57 18.47 -0.20
CA VAL C 416 8.68 17.52 -0.36
C VAL C 416 9.28 17.17 0.99
N THR C 417 9.44 18.17 1.87
CA THR C 417 10.03 17.92 3.19
C THR C 417 9.14 17.01 4.02
N VAL C 418 7.82 17.26 4.02
CA VAL C 418 6.91 16.41 4.77
C VAL C 418 6.93 14.99 4.23
N THR C 419 6.91 14.85 2.90
CA THR C 419 6.89 13.52 2.30
C THR C 419 8.18 12.76 2.58
N VAL C 420 9.32 13.45 2.60
CA VAL C 420 10.58 12.80 2.89
C VAL C 420 10.66 12.40 4.36
N CYS C 421 10.24 13.30 5.26
CA CYS C 421 10.33 13.03 6.68
C CYS C 421 9.37 11.92 7.11
N ARG C 422 8.20 11.83 6.48
CA ARG C 422 7.25 10.78 6.81
C ARG C 422 7.64 9.43 6.24
N SER C 423 8.82 9.31 5.62
CA SER C 423 9.30 8.04 5.10
C SER C 423 10.34 7.39 6.00
N PHE C 424 10.81 8.09 7.03
CA PHE C 424 11.74 7.53 8.00
C PHE C 424 11.05 7.04 9.26
N ILE C 425 9.74 7.26 9.38
CA ILE C 425 8.99 6.87 10.58
C ILE C 425 8.43 5.47 10.34
N PRO C 426 8.86 4.47 11.09
CA PRO C 426 8.36 3.11 10.89
C PRO C 426 6.92 2.98 11.39
N ASP C 427 6.33 1.82 11.10
CA ASP C 427 5.01 1.51 11.62
C ASP C 427 5.07 1.33 13.13
N GLN C 428 4.25 2.11 13.85
CA GLN C 428 4.34 2.14 15.30
C GLN C 428 3.95 0.81 15.93
N HIS C 429 3.18 0.00 15.21
CA HIS C 429 2.77 -1.33 15.69
C HIS C 429 3.40 -2.38 14.78
N MET C 430 4.63 -2.77 15.10
CA MET C 430 5.35 -3.81 14.38
C MET C 430 5.96 -4.77 15.38
N VAL C 431 6.00 -6.05 15.01
CA VAL C 431 6.47 -7.10 15.90
C VAL C 431 7.98 -7.24 15.77
N PHE C 432 8.59 -7.85 16.78
CA PHE C 432 10.04 -8.05 16.83
C PHE C 432 10.32 -9.54 16.97
N CYS C 433 10.66 -10.19 15.86
CA CYS C 433 11.05 -11.60 15.85
C CYS C 433 12.35 -11.76 15.06
N PRO C 434 13.46 -11.20 15.56
CA PRO C 434 14.70 -11.23 14.78
C PRO C 434 15.46 -12.54 14.83
N GLU C 435 14.86 -13.59 15.37
CA GLU C 435 15.53 -14.89 15.42
C GLU C 435 14.95 -15.88 14.42
N GLN C 436 13.64 -15.89 14.25
CA GLN C 436 13.04 -16.72 13.20
C GLN C 436 13.34 -16.16 11.82
N LEU C 437 13.54 -14.84 11.74
CA LEU C 437 13.80 -14.22 10.44
C LEU C 437 15.13 -14.69 9.86
N LEU C 438 16.17 -14.83 10.68
CA LEU C 438 17.43 -15.34 10.15
C LEU C 438 17.30 -16.78 9.70
N ARG C 439 16.49 -17.58 10.40
CA ARG C 439 16.26 -18.95 9.94
C ARG C 439 15.58 -18.97 8.57
N VAL C 440 14.54 -18.14 8.42
CA VAL C 440 13.84 -18.09 7.14
C VAL C 440 14.75 -17.59 6.02
N ILE C 441 15.62 -16.63 6.33
CA ILE C 441 16.53 -16.09 5.32
C ILE C 441 17.56 -17.14 4.93
N LEU C 442 18.22 -17.75 5.92
CA LEU C 442 19.21 -18.78 5.64
C LEU C 442 18.62 -19.96 4.90
N ALA C 443 17.32 -20.23 5.11
CA ALA C 443 16.67 -21.29 4.34
C ALA C 443 16.59 -20.96 2.85
N HIS C 444 16.89 -19.74 2.45
CA HIS C 444 16.87 -19.33 1.05
C HIS C 444 18.25 -19.00 0.50
N ILE C 445 18.99 -18.12 1.18
CA ILE C 445 20.30 -17.70 0.67
C ILE C 445 21.40 -18.72 0.92
N HIS C 446 21.17 -19.67 1.84
CA HIS C 446 22.03 -20.84 2.03
C HIS C 446 23.39 -20.51 2.61
N TYR C 447 23.71 -19.24 2.81
CA TYR C 447 25.04 -18.85 3.27
C TYR C 447 24.92 -17.80 4.36
N MET C 448 25.61 -18.02 5.47
CA MET C 448 25.63 -17.10 6.59
C MET C 448 26.89 -17.36 7.39
N PRO C 449 27.61 -16.32 7.83
CA PRO C 449 28.72 -16.55 8.77
C PRO C 449 28.23 -17.29 10.01
N ASP C 450 29.13 -18.10 10.59
CA ASP C 450 28.73 -19.00 11.66
C ASP C 450 28.34 -18.25 12.93
N HIS C 451 28.85 -17.04 13.14
CA HIS C 451 28.52 -16.26 14.34
C HIS C 451 27.32 -15.34 14.10
N TRP C 452 26.25 -15.91 13.58
CA TRP C 452 25.03 -15.16 13.29
C TRP C 452 23.78 -15.80 13.89
N GLN C 453 23.77 -17.12 14.06
CA GLN C 453 22.56 -17.81 14.51
C GLN C 453 22.19 -17.41 15.92
N GLY C 454 23.13 -17.49 16.85
CA GLY C 454 22.86 -17.15 18.24
C GLY C 454 22.58 -15.68 18.45
N ASN C 455 23.58 -14.83 18.20
CA ASN C 455 23.45 -13.39 18.41
C ASN C 455 22.81 -12.77 17.16
N ALA C 456 21.49 -12.85 17.11
CA ALA C 456 20.71 -12.40 15.96
C ALA C 456 20.32 -10.93 16.02
N HIS C 457 20.47 -10.29 17.18
CA HIS C 457 20.02 -8.92 17.35
C HIS C 457 21.12 -7.94 17.70
N ARG C 458 22.38 -8.37 17.69
CA ARG C 458 23.48 -7.48 18.04
C ARG C 458 23.68 -6.43 16.94
N SER C 459 24.52 -5.45 17.25
CA SER C 459 24.89 -4.42 16.29
C SER C 459 25.93 -4.89 15.28
N GLN C 460 26.62 -5.99 15.56
CA GLN C 460 27.60 -6.52 14.62
C GLN C 460 26.97 -7.35 13.52
N THR C 461 25.90 -8.08 13.83
CA THR C 461 25.22 -8.88 12.81
C THR C 461 24.52 -7.97 11.79
N ARG C 462 23.95 -6.86 12.26
CA ARG C 462 23.29 -5.94 11.33
C ARG C 462 24.29 -5.29 10.40
N ASP C 463 25.43 -4.86 10.94
CA ASP C 463 26.46 -4.20 10.14
C ASP C 463 27.17 -5.16 9.18
N GLU C 464 27.00 -6.46 9.36
CA GLU C 464 27.55 -7.45 8.44
C GLU C 464 26.52 -7.96 7.45
N PHE C 465 25.24 -7.90 7.81
CA PHE C 465 24.18 -8.22 6.86
C PHE C 465 23.91 -7.06 5.92
N ALA C 466 24.13 -5.82 6.37
CA ALA C 466 23.91 -4.66 5.53
C ALA C 466 24.88 -4.58 4.36
N GLN C 467 25.99 -5.32 4.40
CA GLN C 467 26.88 -5.39 3.25
C GLN C 467 26.37 -6.34 2.19
N LEU C 468 25.50 -7.29 2.57
CA LEU C 468 24.84 -8.16 1.61
C LEU C 468 23.52 -7.59 1.13
N PHE C 469 22.89 -6.73 1.93
CA PHE C 469 21.58 -6.16 1.67
C PHE C 469 21.68 -4.67 1.92
N GLN C 470 22.06 -3.91 0.89
CA GLN C 470 22.37 -2.51 1.03
C GLN C 470 21.19 -1.63 0.60
N TYR C 471 21.25 -0.36 0.97
CA TYR C 471 20.25 0.60 0.57
C TYR C 471 20.30 0.80 -0.94
N LYS C 472 19.23 1.41 -1.47
CA LYS C 472 19.25 1.82 -2.87
C LYS C 472 20.00 3.14 -3.03
N ALA C 473 19.83 4.05 -2.06
CA ALA C 473 20.54 5.33 -2.12
C ALA C 473 22.05 5.12 -2.00
N VAL C 474 22.48 4.16 -1.18
CA VAL C 474 23.90 3.85 -1.09
C VAL C 474 24.41 3.27 -2.41
N PHE C 475 23.60 2.41 -3.04
CA PHE C 475 23.94 1.88 -4.35
C PHE C 475 24.17 3.01 -5.35
N ILE C 476 23.24 3.95 -5.42
CA ILE C 476 23.38 5.07 -6.34
C ILE C 476 24.62 5.90 -6.01
N LEU C 477 24.80 6.19 -4.71
CA LEU C 477 25.89 7.06 -4.30
C LEU C 477 27.25 6.46 -4.62
N GLU C 478 27.43 5.17 -4.39
CA GLU C 478 28.69 4.51 -4.72
C GLU C 478 28.77 4.12 -6.19
N GLU C 479 27.67 4.22 -6.93
CA GLU C 479 27.77 4.21 -8.39
C GLU C 479 28.28 5.53 -8.92
N LEU C 480 27.99 6.63 -8.23
CA LEU C 480 28.51 7.93 -8.63
C LEU C 480 30.00 8.07 -8.34
N LEU C 481 30.45 7.55 -7.19
CA LEU C 481 31.85 7.64 -6.81
C LEU C 481 32.72 6.59 -7.48
N SER C 482 32.14 5.64 -8.20
CA SER C 482 32.94 4.57 -8.80
C SER C 482 34.00 5.06 -9.78
N PRO C 483 33.72 5.98 -10.72
CA PRO C 483 34.79 6.42 -11.64
C PRO C 483 35.91 7.18 -10.95
N ILE C 484 35.73 7.62 -9.71
CA ILE C 484 36.79 8.31 -8.98
C ILE C 484 37.63 7.33 -8.17
N VAL C 485 37.00 6.35 -7.54
CA VAL C 485 37.70 5.43 -6.65
C VAL C 485 38.30 4.24 -7.41
N THR C 486 37.68 3.82 -8.51
CA THR C 486 38.15 2.65 -9.23
C THR C 486 39.62 2.74 -9.64
N PRO C 487 40.12 3.85 -10.21
CA PRO C 487 41.56 3.89 -10.53
C PRO C 487 42.44 3.79 -9.30
N LEU C 488 42.03 4.41 -8.18
CA LEU C 488 42.83 4.32 -6.95
C LEU C 488 42.86 2.89 -6.44
N ILE C 489 41.76 2.15 -6.59
CA ILE C 489 41.73 0.76 -6.15
C ILE C 489 42.60 -0.11 -7.05
N LEU C 490 42.56 0.17 -8.36
CA LEU C 490 43.31 -0.66 -9.30
C LEU C 490 44.80 -0.40 -9.25
N ILE C 491 45.22 0.84 -8.98
CA ILE C 491 46.64 1.16 -9.02
C ILE C 491 47.34 0.77 -7.73
N PHE C 492 46.72 1.04 -6.58
CA PHE C 492 47.38 0.89 -5.29
C PHE C 492 47.00 -0.38 -4.55
N CYS C 493 45.80 -0.92 -4.75
CA CYS C 493 45.32 -2.05 -3.95
C CYS C 493 45.39 -3.38 -4.70
N LEU C 494 44.96 -3.43 -5.95
CA LEU C 494 44.97 -4.70 -6.68
C LEU C 494 46.36 -5.04 -7.20
N ARG C 495 47.17 -4.04 -7.51
CA ARG C 495 48.49 -4.30 -8.08
C ARG C 495 49.41 -5.12 -7.17
N PRO C 496 49.52 -4.85 -5.86
CA PRO C 496 50.42 -5.67 -5.03
C PRO C 496 49.99 -7.13 -4.92
N ARG C 497 48.72 -7.45 -5.16
CA ARG C 497 48.25 -8.83 -5.09
C ARG C 497 48.53 -9.62 -6.36
N ALA C 498 49.11 -8.98 -7.39
CA ALA C 498 49.29 -9.62 -8.68
C ALA C 498 50.05 -10.94 -8.61
N LEU C 499 50.82 -11.16 -7.56
CA LEU C 499 51.50 -12.44 -7.41
C LEU C 499 50.55 -13.52 -6.93
N GLU C 500 49.79 -13.24 -5.87
CA GLU C 500 48.91 -14.27 -5.30
C GLU C 500 47.93 -14.79 -6.33
N ILE C 501 47.33 -13.89 -7.11
CA ILE C 501 46.41 -14.30 -8.17
C ILE C 501 47.09 -15.31 -9.10
N ILE C 502 48.33 -15.03 -9.48
CA ILE C 502 49.05 -15.93 -10.38
C ILE C 502 49.15 -17.32 -9.78
N ASP C 503 49.28 -17.41 -8.45
CA ASP C 503 49.30 -18.72 -7.81
C ASP C 503 47.93 -19.38 -7.91
N PHE C 504 46.85 -18.61 -7.67
CA PHE C 504 45.51 -19.15 -7.69
C PHE C 504 45.21 -19.86 -9.01
N PHE C 505 45.30 -19.11 -10.11
CA PHE C 505 45.05 -19.69 -11.43
C PHE C 505 45.97 -20.87 -11.74
N ARG C 506 47.09 -20.99 -11.02
CA ARG C 506 47.98 -22.12 -11.24
C ARG C 506 47.61 -23.33 -10.39
N ASN C 507 47.04 -23.12 -9.21
CA ASN C 507 46.73 -24.20 -8.29
C ASN C 507 45.26 -24.60 -8.30
N PHE C 508 44.38 -23.75 -8.82
CA PHE C 508 42.95 -24.03 -8.76
C PHE C 508 42.32 -23.99 -10.14
N THR C 509 42.94 -24.66 -11.11
CA THR C 509 42.41 -24.78 -12.45
C THR C 509 42.51 -26.24 -12.87
N VAL C 510 41.37 -26.88 -13.05
CA VAL C 510 41.32 -28.29 -13.46
C VAL C 510 40.95 -28.34 -14.94
N GLU C 511 41.13 -29.51 -15.52
CA GLU C 511 40.93 -29.72 -16.95
C GLU C 511 39.82 -30.75 -17.13
N VAL C 512 38.59 -30.28 -17.28
CA VAL C 512 37.45 -31.15 -17.53
C VAL C 512 37.48 -31.59 -18.98
N VAL C 513 37.42 -32.90 -19.21
CA VAL C 513 37.53 -33.43 -20.57
C VAL C 513 36.35 -32.97 -21.40
N GLY C 514 36.62 -32.60 -22.64
CA GLY C 514 35.60 -32.10 -23.54
C GLY C 514 35.19 -30.66 -23.32
N VAL C 515 35.35 -30.13 -22.12
CA VAL C 515 34.97 -28.75 -21.81
C VAL C 515 36.20 -27.86 -21.93
N GLY C 516 37.22 -28.14 -21.10
CA GLY C 516 38.42 -27.34 -21.11
C GLY C 516 38.92 -27.02 -19.72
N ASP C 517 39.57 -25.87 -19.57
CA ASP C 517 40.14 -25.45 -18.29
C ASP C 517 39.06 -24.74 -17.48
N THR C 518 38.61 -25.37 -16.40
CA THR C 518 37.60 -24.80 -15.53
C THR C 518 38.19 -24.58 -14.14
N CYS C 519 37.42 -23.91 -13.29
CA CYS C 519 37.85 -23.62 -11.93
C CYS C 519 37.54 -24.79 -11.01
N SER C 520 38.41 -25.00 -10.02
CA SER C 520 38.17 -26.05 -9.04
C SER C 520 36.91 -25.74 -8.24
N PHE C 521 36.19 -26.79 -7.88
CA PHE C 521 34.90 -26.65 -7.21
C PHE C 521 35.07 -26.34 -5.73
N ALA C 522 34.00 -26.46 -4.96
CA ALA C 522 34.00 -25.98 -3.58
C ALA C 522 34.87 -26.85 -2.68
N GLN C 523 36.18 -26.85 -2.94
CA GLN C 523 37.15 -27.38 -1.99
C GLN C 523 37.54 -26.35 -0.94
N MET C 524 37.43 -25.06 -1.29
CA MET C 524 37.67 -23.97 -0.36
C MET C 524 36.46 -23.84 0.55
N ASP C 525 36.48 -24.60 1.63
CA ASP C 525 35.35 -24.63 2.55
C ASP C 525 35.36 -23.42 3.48
N VAL C 526 35.40 -22.22 2.89
CA VAL C 526 35.30 -21.00 3.67
C VAL C 526 33.85 -20.54 3.80
N ARG C 527 32.95 -21.02 2.94
CA ARG C 527 31.54 -20.70 2.97
C ARG C 527 30.77 -21.79 3.71
N GLN C 528 29.45 -21.76 3.58
CA GLN C 528 28.54 -22.59 4.38
C GLN C 528 27.65 -23.46 3.50
N HIS C 529 26.58 -24.01 4.09
CA HIS C 529 25.73 -25.03 3.48
C HIS C 529 25.41 -24.76 2.00
N GLY C 530 25.30 -25.84 1.23
CA GLY C 530 25.15 -25.76 -0.21
C GLY C 530 23.73 -26.00 -0.70
N HIS C 531 23.46 -27.25 -1.13
CA HIS C 531 22.19 -27.67 -1.72
C HIS C 531 21.92 -26.92 -3.02
N PRO C 532 22.69 -27.20 -4.09
CA PRO C 532 22.49 -26.56 -5.39
C PRO C 532 21.15 -26.93 -6.01
N POV D . 3.88 16.18 28.75
P POV D . 0.27 13.97 30.45
C1 POV D . -1.23 15.88 31.35
C2 POV D . -1.63 17.30 30.95
C3 POV D . -0.41 18.13 30.58
C210 POV D . -2.97 22.52 41.77
C310 POV D . 0.00 29.12 35.39
C11 POV D . 2.80 14.76 30.50
O11 POV D . -0.82 15.19 30.22
C211 POV D . -3.97 23.57 42.11
C311 POV D . -0.80 29.67 36.57
C12 POV D . 3.44 16.13 30.22
O12 POV D . 1.56 15.00 31.02
C312 POV D . -0.38 31.10 36.85
C13 POV D . 5.07 15.26 28.55
O13 POV D . -0.11 13.23 31.68
C14 POV D . 2.74 15.72 27.86
O14 POV D . 0.79 13.48 29.13
C15 POV D . 4.26 17.61 28.37
C21 POV D . -3.53 18.46 31.73
O21 POV D . -2.31 17.95 32.02
C22 POV D . -4.37 18.86 32.91
O22 POV D . -3.88 18.56 30.57
C23 POV D . -3.60 19.91 33.71
C24 POV D . -4.28 20.14 35.05
C25 POV D . -3.51 21.16 35.89
C26 POV D . -4.11 21.21 37.28
C27 POV D . -3.33 22.18 38.17
C28 POV D . -3.98 22.24 39.54
C29 POV D . -2.97 21.91 40.59
C31 POV D . 0.89 19.51 31.95
O31 POV D . -0.34 19.27 31.41
C32 POV D . 0.90 20.56 33.03
O32 POV D . 1.86 18.90 31.56
C33 POV D . -0.23 21.54 32.74
C34 POV D . -0.19 22.72 33.69
C35 POV D . -1.14 23.81 33.21
C36 POV D . -0.87 25.10 33.95
C37 POV D . -0.79 26.26 32.97
C38 POV D . 0.00 27.41 33.58
C39 POV D . -0.59 27.80 34.93
C310 POV E . -1.70 29.30 24.41
C311 POV E . -0.77 30.12 23.51
C312 POV E . -1.59 30.84 22.45
C313 POV E . -0.78 31.98 21.86
C314 POV E . -1.71 32.96 21.14
C31 POV E . -1.47 21.01 28.87
C32 POV E . -0.59 22.17 28.49
C33 POV E . -1.29 23.45 28.91
C34 POV E . -0.48 24.67 28.52
C35 POV E . -1.31 25.94 28.72
C36 POV E . -0.51 27.15 28.28
C37 POV E . -1.43 28.35 28.10
C38 POV E . -2.00 28.36 26.69
C39 POV E . -1.02 29.01 25.73
N POV F . -11.84 0.74 6.10
P POV F . -14.99 3.03 8.77
C1 POV F . -14.20 5.42 9.39
C2 POV F . -14.56 6.45 10.46
C3 POV F . -16.05 6.41 10.78
C11 POV F . -12.64 2.42 7.78
O11 POV F . -15.29 4.61 9.15
C12 POV F . -13.04 1.21 6.93
O12 POV F . -13.66 3.33 7.70
C13 POV F . -12.12 -0.63 5.52
O13 POV F . -14.32 2.38 9.93
C14 POV F . -11.61 1.71 4.97
O14 POV F . -16.04 2.51 7.85
C15 POV F . -10.57 0.69 6.95
C21 POV F . -13.80 8.60 11.04
O21 POV F . -14.22 7.76 10.05
C22 POV F . -13.50 10.01 10.62
O22 POV F . -13.69 8.18 12.18
C23 POV F . -12.27 9.99 9.71
C24 POV F . -12.29 11.18 8.77
C25 POV F . -12.39 12.47 9.56
C26 POV F . -12.47 13.67 8.62
C27 POV F . -13.84 13.73 7.96
C28 POV F . -13.98 15.04 7.21
C31 POV F . -17.94 7.78 10.81
O31 POV F . -16.66 7.63 10.41
C32 POV F . -18.68 8.95 10.21
O32 POV F . -18.43 6.98 11.60
C33 POV F . -17.86 9.47 9.03
C34 POV F . -17.25 10.82 9.36
C35 POV F . -18.33 11.78 9.85
C36 POV F . -18.32 13.04 8.99
C37 POV F . -19.00 12.77 7.65
C38 POV F . -18.34 13.58 6.56
C39 POV F . -18.31 15.06 6.94
N POV G . -16.24 5.15 22.75
P POV G . -16.14 4.06 17.88
C1 POV G . -18.30 5.35 17.20
C2 POV G . -18.78 6.74 16.78
C3 POV G . -18.04 7.23 15.54
C310 POV G . -9.27 16.34 13.77
C11 POV G . -15.58 4.60 20.39
O11 POV G . -16.91 5.29 17.10
C311 POV G . -9.49 17.45 12.76
C12 POV G . -15.90 5.74 21.37
O12 POV G . -16.60 4.56 19.48
C312 POV G . -8.23 18.31 12.66
C13 POV G . -15.01 4.48 23.32
O13 POV G . -16.94 2.82 17.69
C313 POV G . -8.10 19.19 13.89
C14 POV G . -16.66 6.26 23.67
O14 POV G . -14.67 4.29 17.89
C314 POV G . -9.06 20.38 13.79
C15 POV G . -17.37 4.14 22.64
C315 POV G . -8.97 21.24 15.04
C316 POV G . -9.75 22.52 14.85
O21 POV G . -18.59 7.68 17.83
C31 POV G . -16.83 9.11 14.86
O31 POV G . -17.84 8.63 15.64
C32 POV G . -16.70 10.61 14.82
O32 POV G . -16.11 8.34 14.26
C33 POV G . -15.55 10.95 13.89
C34 POV G . -15.63 12.40 13.42
C35 POV G . -14.74 13.28 14.27
C36 POV G . -13.61 13.87 13.44
C37 POV G . -12.76 14.80 14.29
C38 POV G . -11.50 15.21 13.55
C39 POV G . -10.57 15.99 14.48
C210 POV H . -19.38 13.99 32.31
C211 POV H . -19.86 14.03 30.87
C212 POV H . -19.18 12.94 30.07
C213 POV H . -19.14 13.30 28.59
C214 POV H . -18.64 12.12 27.78
C215 POV H . -18.56 12.51 26.31
C216 POV H . -18.21 11.29 25.47
C21 POV H . -24.89 14.91 39.36
O21 POV H . -24.30 13.91 40.03
C22 POV H . -24.30 15.23 38.01
O22 POV H . -25.84 15.50 39.86
C23 POV H . -25.05 16.43 37.43
C24 POV H . -24.22 17.13 36.37
C25 POV H . -23.81 16.14 35.28
C26 POV H . -22.30 16.17 35.09
C27 POV H . -21.75 14.77 35.08
C28 POV H . -21.44 14.32 33.66
C29 POV H . -20.16 14.97 33.16
C210 POV I . -10.46 28.28 6.15
C211 POV I . -10.06 27.10 5.27
C212 POV I . -10.09 25.82 6.10
C213 POV I . -9.36 24.70 5.37
C214 POV I . -8.39 24.00 6.31
C215 POV I . -7.82 22.74 5.65
C216 POV I . -6.35 22.60 5.97
C21 POV I . -8.69 38.54 8.30
O21 POV I . -9.68 38.89 7.44
C22 POV I . -7.84 37.37 7.88
O22 POV I . -8.54 39.18 9.34
C23 POV I . -8.68 36.10 8.05
C24 POV I . -7.95 34.90 7.48
C25 POV I . -8.77 33.64 7.70
C26 POV I . -8.21 32.49 6.86
C27 POV I . -8.55 31.16 7.50
C28 POV I . -9.82 30.56 6.90
C29 POV I . -9.47 29.42 5.96
C310 POV J . -9.66 25.83 10.70
C311 POV J . -10.06 24.82 9.64
C312 POV J . -9.74 23.40 10.11
C31 POV J . -11.08 36.78 12.28
O31 POV J . -10.95 37.91 13.02
C32 POV J . -10.49 35.54 12.89
O32 POV J . -11.62 36.83 11.20
C33 POV J . -10.59 34.43 11.85
C34 POV J . -9.97 33.14 12.36
C35 POV J . -9.99 32.08 11.26
C36 POV J . -9.71 30.71 11.83
C37 POV J . -9.95 29.65 10.75
C38 POV J . -9.64 28.26 11.28
C39 POV J . -9.79 27.24 10.16
C310 POV K . -5.19 29.55 9.00
C311 POV K . -6.42 29.11 9.78
C31 POV K . -6.35 39.34 13.35
O31 POV K . -6.42 39.94 12.29
C32 POV K . -6.41 37.85 13.51
O32 POV K . -6.22 40.04 14.50
C33 POV K . -6.50 37.23 12.11
C34 POV K . -6.86 35.76 12.19
C35 POV K . -5.62 34.90 12.00
C36 POV K . -5.70 34.17 10.68
C37 POV K . -4.82 32.94 10.69
C38 POV K . -5.34 31.92 9.69
C39 POV K . -4.48 30.67 9.72
C210 POV L . 23.53 17.67 21.76
C211 POV L . 22.11 18.18 21.67
C212 POV L . 21.96 19.12 20.49
C213 POV L . 20.55 19.69 20.45
C214 POV L . 20.08 19.87 19.02
C215 POV L . 18.58 20.11 18.99
C216 POV L . 18.15 20.62 17.63
C21 POV L . 30.11 10.34 25.80
O21 POV L . 30.89 11.00 26.71
C22 POV L . 29.05 11.18 25.14
O22 POV L . 30.31 9.16 25.59
C23 POV L . 28.18 11.79 26.24
C24 POV L . 27.83 13.23 25.92
C25 POV L . 26.64 13.28 24.97
C26 POV L . 26.22 14.73 24.76
C27 POV L . 25.01 14.81 23.84
C28 POV L . 24.85 16.22 23.30
C29 POV L . 23.56 16.35 22.50
C210 POV M . 22.63 21.18 25.91
C211 POV M . 21.50 22.20 26.07
C212 POV M . 21.59 23.25 24.98
C213 POV M . 21.00 22.74 23.68
C214 POV M . 20.72 23.91 22.74
C215 POV M . 19.72 23.50 21.67
C216 POV M . 19.09 24.74 21.05
C21 POV M . 26.91 17.64 34.21
O21 POV M . 26.48 17.70 35.50
C22 POV M . 25.83 17.70 33.17
O22 POV M . 28.10 17.54 33.97
C23 POV M . 26.46 17.44 31.80
C24 POV M . 25.43 17.49 30.69
C25 POV M . 26.11 17.33 29.35
C26 POV M . 25.10 17.53 28.22
C27 POV M . 24.37 18.85 28.40
C28 POV M . 23.92 19.39 27.05
C29 POV M . 22.86 20.45 27.22
C210 POV N . 6.89 31.81 5.85
C211 POV N . 5.63 31.03 6.15
C212 POV N . 4.53 31.99 6.61
C213 POV N . 3.17 31.43 6.26
C214 POV N . 2.30 32.53 5.65
C215 POV N . 1.96 33.57 6.70
C21 POV N . 12.89 36.47 0.57
O21 POV N . 13.22 37.31 -0.45
C22 POV N . 12.78 35.02 0.19
O22 POV N . 12.73 36.92 1.69
C23 POV N . 12.08 34.29 1.34
C24 POV N . 10.58 34.25 1.14
C25 POV N . 9.90 33.55 2.31
C26 POV N . 10.56 32.19 2.56
C27 POV N . 9.58 31.23 3.21
C28 POV N . 8.95 31.87 4.43
C29 POV N . 7.80 31.00 4.95
C31 POV O . -24.16 3.04 10.20
O31 POV O . -23.64 2.78 8.98
C32 POV O . -23.60 4.25 10.89
O32 POV O . -25.02 2.31 10.67
C33 POV O . -23.95 5.48 10.03
C34 POV O . -24.05 6.72 10.88
C35 POV O . -24.61 7.88 10.06
C36 POV O . -23.59 8.33 9.02
C37 POV O . -24.00 9.68 8.45
C38 POV O . -22.82 10.33 7.74
C39 POV O . -23.10 11.80 7.46
N POV P . 9.23 45.71 5.17
P POV P . 12.18 41.89 6.41
C1 POV P . 12.29 39.30 6.47
C2 POV P . 11.55 38.04 6.93
C210 POV P . 8.56 32.45 14.05
C11 POV P . 10.13 43.42 5.69
O11 POV P . 11.65 40.43 6.96
C211 POV P . 8.60 33.94 13.96
C12 POV P . 9.35 44.62 6.25
O12 POV P . 10.70 42.75 6.74
C212 POV P . 8.00 34.55 15.22
C13 POV P . 10.51 45.81 4.35
O13 POV P . 13.10 42.47 7.41
C213 POV P . 8.25 36.05 15.24
C14 POV P . 8.07 45.39 4.26
O14 POV P . 12.24 41.89 4.92
C214 POV P . 7.39 36.71 16.30
C15 POV P . 8.96 47.06 5.83
C215 POV P . 7.94 36.45 17.68
C216 POV P . 6.89 36.74 18.75
C217 POV P . 7.38 36.30 20.12
C218 POV P . 6.22 36.11 21.06
C21 POV P . 11.92 35.80 6.26
O21 POV P . 12.40 36.91 6.91
C22 POV P . 10.50 35.40 6.60
O22 POV P . 12.62 35.21 5.48
C23 POV P . 10.52 34.63 7.91
C24 POV P . 9.20 34.80 8.66
C25 POV P . 9.10 33.82 9.81
C26 POV P . 8.24 32.63 9.43
C27 POV P . 8.18 31.63 10.59
C28 POV P . 7.56 32.31 11.80
C29 POV P . 8.08 31.71 13.05
C310 POV Q . -32.40 7.74 9.18
C311 POV Q . -31.05 8.10 8.59
C312 POV Q . -31.24 8.92 7.32
C313 POV Q . -29.90 9.37 6.78
C314 POV Q . -30.09 10.17 5.50
C315 POV Q . -28.77 10.75 5.04
C316 POV Q . -28.97 11.56 3.77
C39 POV Q . -32.22 6.89 10.43
C210 POV R . -17.26 25.55 -3.57
C211 POV R . -16.24 24.58 -4.16
C212 POV R . -16.80 23.16 -4.13
C213 POV R . -16.88 22.65 -2.70
C214 POV R . -17.50 21.27 -2.68
C215 POV R . -17.56 20.72 -1.26
C216 POV R . -18.37 19.43 -1.22
C21 POV R . -17.99 35.56 -0.97
O21 POV R . -16.82 36.24 -1.03
C22 POV R . -18.07 34.32 -1.83
O22 POV R . -18.89 35.98 -0.26
C23 POV R . -17.05 33.32 -1.29
C24 POV R . -17.47 31.90 -1.64
C25 POV R . -16.35 31.18 -2.39
C26 POV R . -16.73 29.72 -2.62
C27 POV R . -15.57 28.97 -3.27
C28 POV R . -15.75 27.46 -3.11
C29 POV R . -16.92 26.98 -3.95
N POV S . -30.45 -1.17 -13.25
P POV S . -29.20 -4.80 -15.73
C1 POV S . -29.84 -4.12 -18.14
C2 POV S . -29.85 -2.87 -19.01
C3 POV S . -30.45 -1.68 -18.27
C210 POV S . -39.59 -4.73 -25.92
C310 POV S . -38.40 4.74 -24.57
C11 POV S . -30.78 -3.53 -14.03
O11 POV S . -28.91 -3.97 -17.13
C211 POV S . -39.73 -4.33 -27.34
C311 POV S . -39.12 4.35 -25.86
C12 POV S . -31.36 -2.11 -14.05
O12 POV S . -30.66 -3.93 -15.32
C312 POV S . -40.07 5.47 -26.27
C13 POV S . -30.56 -1.50 -11.77
O13 POV S . -29.72 -6.15 -16.07
C14 POV S . -29.01 -1.37 -13.70
O14 POV S . -28.24 -4.36 -14.66
C15 POV S . -30.85 0.27 -13.50
C21 POV S . -29.93 -2.85 -21.37
O21 POV S . -30.59 -3.09 -20.20
C22 POV S . -30.58 -3.36 -22.62
O22 POV S . -28.87 -2.23 -21.35
C23 POV S . -31.98 -2.73 -22.72
C24 POV S . -32.78 -3.43 -23.81
C25 POV S . -34.19 -2.86 -23.90
C26 POV S . -35.01 -3.71 -24.85
C27 POV S . -36.44 -3.19 -24.94
C28 POV S . -37.23 -4.05 -25.92
C29 POV S . -38.44 -4.60 -25.26
C31 POV S . -32.68 -0.96 -18.28
O31 POV S . -31.56 -1.19 -19.01
C32 POV S . -33.91 -0.68 -19.09
O32 POV S . -32.64 -1.00 -17.06
C33 POV S . -33.47 -0.03 -20.40
C34 POV S . -34.66 0.42 -21.21
C35 POV S . -34.20 1.31 -22.35
C36 POV S . -35.39 2.04 -22.97
C37 POV S . -35.07 3.52 -23.14
C38 POV S . -36.36 4.32 -23.21
C39 POV S . -37.27 3.76 -24.29
C310 POV T . -28.95 10.28 -22.67
C311 POV T . -28.99 11.64 -22.01
C312 POV T . -28.00 12.58 -22.69
C313 POV T . -28.35 14.02 -22.38
C314 POV T . -27.67 14.95 -23.38
C31 POV T . -29.61 1.28 -19.97
C32 POV T . -30.16 2.64 -19.67
C33 POV T . -30.61 3.26 -20.99
C34 POV T . -31.14 4.67 -20.76
C35 POV T . -31.35 5.37 -22.10
C36 POV T . -31.82 6.80 -21.88
C37 POV T . -31.65 7.62 -23.14
C38 POV T . -30.26 8.23 -23.19
C39 POV T . -30.22 9.52 -22.38
N POV U . 0.80 -5.71 -12.01
P POV U . -0.56 -6.10 -16.53
C1 POV U . -2.30 -4.29 -17.18
C2 POV U . -3.34 -4.12 -18.30
C3 POV U . -2.84 -4.71 -19.61
C11 POV U . -0.73 -5.45 -13.99
O11 POV U . -1.27 -5.10 -17.63
C12 POV U . 0.58 -6.09 -13.50
O12 POV U . -0.48 -4.94 -15.23
C13 POV U . 1.90 -6.59 -11.43
O13 POV U . -1.58 -7.06 -16.03
C14 POV U . 1.24 -4.27 -11.94
O14 POV U . 0.87 -6.30 -16.86
C15 POV U . -0.49 -5.89 -11.21
C21 POV U . -4.94 -2.50 -18.85
O21 POV U . -3.65 -2.75 -18.50
C22 POV U . -5.27 -1.05 -19.14
O22 POV U . -5.75 -3.41 -18.92
C23 POV U . -5.14 -0.27 -17.83
C24 POV U . -4.82 1.19 -18.10
C25 POV U . -5.86 1.78 -19.05
C26 POV U . -5.52 3.22 -19.37
C27 POV U . -4.33 3.27 -20.33
C28 POV U . -4.14 4.69 -20.84
C31 POV U . -2.40 -4.11 -21.83
O31 POV U . -2.69 -3.68 -20.57
C32 POV U . -1.98 -3.04 -22.80
O32 POV U . -2.50 -5.30 -22.10
C33 POV U . -1.65 -1.79 -22.00
C34 POV U . -2.69 -0.70 -22.23
C35 POV U . -2.89 -0.47 -23.72
C36 POV U . -2.66 0.99 -24.04
C37 POV U . -1.17 1.32 -24.07
C38 POV U . -0.93 2.73 -23.57
C39 POV U . -1.77 3.73 -24.35
N POV V . -11.73 -12.12 -22.87
P POV V . -7.55 -10.39 -20.79
C1 POV V . -6.41 -9.54 -22.96
C2 POV V . -6.32 -8.34 -23.88
C3 POV V . -5.89 -7.08 -23.11
C310 POV V . -12.12 3.48 -19.57
C11 POV V . -10.01 -11.14 -21.35
O11 POV V . -7.00 -9.18 -21.76
C311 POV V . -11.62 4.86 -19.96
C12 POV V . -11.03 -10.82 -22.45
O12 POV V . -8.76 -10.96 -21.88
C312 POV V . -12.48 5.93 -19.29
C13 POV V . -12.56 -12.65 -21.72
O13 POV V . -6.55 -11.49 -20.80
C313 POV V . -13.82 6.02 -19.99
C14 POV V . -12.65 -11.81 -24.03
O14 POV V . -8.37 -9.84 -19.67
C314 POV V . -13.70 6.79 -21.29
C15 POV V . -10.72 -13.17 -23.31
C315 POV V . -15.04 6.84 -22.01
C316 POV V . -14.96 7.77 -23.20
O21 POV V . -7.58 -8.08 -24.48
C31 POV V . -6.64 -4.89 -22.79
O31 POV V . -6.57 -5.95 -23.64
C32 POV V . -7.21 -3.63 -23.37
O32 POV V . -6.24 -5.01 -21.64
C33 POV V . -7.16 -2.55 -22.28
C34 POV V . -7.26 -1.16 -22.88
C35 POV V . -8.71 -0.68 -22.83
C36 POV V . -8.82 0.54 -21.91
C37 POV V . -10.25 1.06 -21.90
C38 POV V . -10.44 2.11 -20.81
C39 POV V . -11.91 2.49 -20.71
C210 POV W . -20.89 -10.85 -32.57
C211 POV W . -19.53 -10.18 -32.55
C212 POV W . -18.85 -10.47 -31.22
C213 POV W . -17.83 -9.39 -30.91
C214 POV W . -17.01 -9.77 -29.69
C215 POV W . -16.02 -8.66 -29.34
C216 POV W . -15.11 -9.11 -28.22
C21 POV W . -24.04 -15.27 -39.76
O21 POV W . -24.51 -16.30 -38.99
C22 POV W . -23.38 -14.16 -39.00
O22 POV W . -24.17 -15.31 -40.97
C23 POV W . -22.99 -13.07 -40.00
C24 POV W . -22.82 -11.72 -39.30
C25 POV W . -21.81 -11.84 -38.18
C26 POV W . -22.41 -11.33 -36.88
C27 POV W . -22.18 -12.31 -35.75
C28 POV W . -21.05 -11.84 -34.85
C29 POV W . -21.53 -10.72 -33.95
C210 POV X . -9.79 16.86 -23.80
C211 POV X . -8.89 16.47 -22.65
C212 POV X . -9.07 14.99 -22.32
C213 POV X . -8.44 14.66 -20.96
C214 POV X . -9.42 13.86 -20.12
C215 POV X . -8.73 13.33 -18.86
C216 POV X . -9.67 13.42 -17.67
C21 POV X . -16.06 24.46 -27.80
O21 POV X . -15.01 24.94 -28.52
C22 POV X . -15.72 23.96 -26.43
O22 POV X . -17.18 24.46 -28.30
C23 POV X . -14.99 22.63 -26.57
C24 POV X . -14.47 22.15 -25.23
C25 POV X . -13.78 20.80 -25.38
C26 POV X . -12.99 20.46 -24.12
C27 POV X . -12.85 18.96 -23.97
C28 POV X . -11.54 18.47 -24.56
C29 POV X . -10.55 18.13 -23.46
C310 POV Y . -12.91 12.67 -23.39
C311 POV Y . -11.51 12.32 -22.91
C312 POV Y . -11.54 11.01 -22.14
C31 POV Y . -17.38 20.32 -30.18
O31 POV Y . -18.43 20.86 -30.83
C32 POV Y . -17.70 19.13 -29.31
O32 POV Y . -16.26 20.79 -30.32
C33 POV Y . -16.44 18.76 -28.54
C34 POV Y . -16.69 17.61 -27.58
C35 POV Y . -15.43 17.33 -26.77
C36 POV Y . -15.52 15.99 -26.06
C37 POV Y . -14.18 15.66 -25.43
C38 POV Y . -14.25 14.33 -24.70
C39 POV Y . -12.92 14.07 -23.99
C310 POV Z . -15.12 17.72 -20.91
C311 POV Z . -14.97 16.65 -21.96
C31 POV Z . -21.50 23.03 -27.81
O31 POV Z . -20.83 24.05 -27.80
C32 POV Z . -21.06 21.73 -27.19
O32 POV Z . -22.72 23.01 -28.38
C33 POV Z . -19.69 21.95 -26.56
C34 POV Z . -19.04 20.63 -26.19
C35 POV Z . -19.20 20.35 -24.71
C36 POV Z . -17.85 20.45 -24.01
C37 POV Z . -17.87 19.67 -22.72
C38 POV Z . -16.46 19.24 -22.35
C39 POV Z . -16.45 18.44 -21.07
C210 POV AA . -35.24 8.82 4.48
C211 POV AA . -34.65 8.91 3.09
C212 POV AA . -33.98 10.25 2.90
C213 POV AA . -33.45 10.37 1.47
C214 POV AA . -32.15 11.14 1.44
C215 POV AA . -31.47 10.97 0.09
C216 POV AA . -30.36 12.00 -0.07
C21 POV AA . -39.10 2.46 12.11
O21 POV AA . -40.42 2.71 12.16
C22 POV AA . -38.34 3.21 11.04
O22 POV AA . -38.60 1.67 12.89
C23 POV AA . -38.99 2.89 9.70
C24 POV AA . -39.08 4.15 8.83
C25 POV AA . -37.76 4.38 8.11
C26 POV AA . -37.90 5.55 7.15
C27 POV AA . -36.59 5.78 6.41
C28 POV AA . -36.61 7.17 5.77
C29 POV AA . -35.38 7.35 4.90
C210 POV BA . -39.33 9.22 0.80
C211 POV BA . -39.26 9.66 -0.65
C212 POV BA . -38.83 11.11 -0.74
C213 POV BA . -37.32 11.24 -0.57
C214 POV BA . -36.86 12.60 -1.06
C215 POV BA . -35.37 12.58 -1.38
C216 POV BA . -35.01 13.74 -2.29
C21 POV BA . -46.75 3.07 3.44
O21 POV BA . -47.57 2.32 2.66
C22 POV BA . -45.41 3.39 2.83
O22 POV BA . -47.12 3.43 4.54
C23 POV BA . -44.56 4.06 3.91
C24 POV BA . -43.18 4.42 3.37
C25 POV BA . -42.39 5.19 4.43
C26 POV BA . -41.08 5.69 3.86
C27 POV BA . -41.32 6.46 2.57
C28 POV BA . -40.24 7.50 2.37
C29 POV BA . -40.22 7.99 0.93
C210 POV CA . -19.47 24.36 -10.98
C211 POV CA . -18.80 23.24 -11.77
C212 POV CA . -18.96 23.48 -13.26
C213 POV CA . -17.80 22.87 -14.02
C214 POV CA . -17.29 23.85 -15.07
C215 POV CA . -18.31 24.04 -16.17
C21 POV CA . -19.95 32.48 -6.57
O21 POV CA . -19.62 33.77 -6.38
C22 POV CA . -19.07 31.47 -5.87
O22 POV CA . -20.92 32.19 -7.27
C23 POV CA . -19.39 30.10 -6.46
C24 POV CA . -18.46 29.78 -7.62
C25 POV CA . -18.79 28.41 -8.22
C26 POV CA . -18.83 27.36 -7.11
C27 POV CA . -18.50 25.99 -7.69
C28 POV CA . -19.39 25.69 -8.88
C29 POV CA . -18.92 24.41 -9.58
C31 POV DA . 2.87 -9.22 -24.57
O31 POV DA . 3.67 -8.65 -23.63
C32 POV DA . 1.62 -8.45 -24.88
O32 POV DA . 3.20 -10.28 -25.07
C33 POV DA . 2.03 -7.12 -25.48
C34 POV DA . 0.97 -6.58 -26.41
C35 POV DA . 1.48 -5.36 -27.17
C36 POV DA . 1.62 -4.17 -26.21
C37 POV DA . 1.80 -2.89 -27.00
C38 POV DA . 1.53 -1.69 -26.11
C39 POV DA . 1.36 -0.43 -26.94
N POV EA . -25.08 36.55 -15.36
P POV EA . -26.15 33.57 -11.52
C1 POV EA . -25.33 31.47 -10.22
C2 POV EA . -24.86 30.02 -10.40
C210 POV EA . -27.00 20.97 -12.45
C11 POV EA . -25.11 34.66 -13.69
O11 POV EA . -25.81 31.95 -11.43
C211 POV EA . -27.48 22.23 -13.09
C12 POV EA . -25.60 35.13 -15.08
O12 POV EA . -25.99 33.71 -13.24
C212 POV EA . -28.40 21.90 -14.25
C13 POV EA . -25.10 37.40 -14.10
O13 POV EA . -27.62 33.75 -11.32
C213 POV EA . -29.08 23.17 -14.76
C14 POV EA . -23.67 36.47 -15.88
O14 POV EA . -25.00 34.36 -11.00
C214 POV EA . -29.72 22.91 -16.12
C15 POV EA . -25.95 37.22 -16.42
C215 POV EA . -31.00 22.10 -15.95
C216 POV EA . -31.42 21.51 -17.29
C217 POV EA . -32.58 20.55 -17.09
C218 POV EA . -32.68 19.60 -18.28
C21 POV EA . -23.73 28.66 -8.84
O21 POV EA . -24.87 29.33 -9.15
C22 POV EA . -23.15 27.80 -9.92
O22 POV EA . -23.25 28.79 -7.72
C23 POV EA . -23.91 26.47 -9.95
C24 POV EA . -23.91 25.88 -11.35
C25 POV EA . -24.42 24.45 -11.33
C26 POV EA . -23.26 23.47 -11.36
C27 POV EA . -23.78 22.05 -11.31
C28 POV EA . -24.68 21.79 -12.51
C29 POV EA . -25.71 20.76 -12.19
C310 POV FA . 6.27 -6.99 -33.39
C311 POV FA . 5.92 -6.03 -32.26
C312 POV FA . 6.73 -4.76 -32.40
C313 POV FA . 6.33 -3.75 -31.33
C314 POV FA . 7.15 -2.48 -31.47
C315 POV FA . 6.64 -1.42 -30.51
C316 POV FA . 7.45 -0.14 -30.66
C39 POV FA . 5.49 -8.29 -33.23
C210 POV GA . 2.41 18.08 -25.28
C211 POV GA . 2.69 17.88 -23.81
C212 POV GA . 3.46 16.57 -23.60
C213 POV GA . 2.55 15.38 -23.88
C214 POV GA . 3.35 14.09 -23.75
C215 POV GA . 2.44 12.88 -23.99
C216 POV GA . 3.27 11.61 -24.06
C21 POV GA . -2.83 24.61 -31.42
O21 POV GA . -3.61 25.49 -30.74
C22 POV GA . -1.67 24.04 -30.64
O22 POV GA . -3.08 24.34 -32.58
C23 POV GA . -2.25 23.20 -29.49
C24 POV GA . -1.26 22.13 -29.05
C25 POV GA . -0.98 22.24 -27.56
C26 POV GA . -0.08 21.09 -27.10
C27 POV GA . 0.11 21.13 -25.59
C28 POV GA . 0.60 19.78 -25.09
C29 POV GA . 2.02 19.53 -25.55
C310 POV HA . 25.73 13.57 18.63
C311 POV HA . 24.67 13.67 17.55
C312 POV HA . 23.91 14.98 17.66
C313 POV HA . 22.91 15.12 16.53
C314 POV HA . 22.16 16.44 16.66
C315 POV HA . 21.27 16.65 15.45
C316 POV HA . 20.53 17.97 15.57
C39 POV HA . 26.45 12.25 18.56
C210 POV IA . 12.25 28.51 1.18
C211 POV IA . 11.01 27.64 1.07
C212 POV IA . 10.93 26.67 2.25
C213 POV IA . 12.03 25.62 2.15
C214 POV IA . 12.00 24.72 3.37
C215 POV IA . 13.05 23.63 3.26
C216 POV IA . 13.16 22.86 4.56
C21 POV IA . 17.35 35.63 -4.36
O21 POV IA . 16.89 35.79 -5.62
C22 POV IA . 16.37 35.06 -3.38
O22 POV IA . 18.50 35.96 -4.08
C23 POV IA . 16.03 33.63 -3.80
C24 POV IA . 15.59 32.80 -2.61
C25 POV IA . 14.23 32.17 -2.88
C26 POV IA . 13.84 31.23 -1.75
C27 POV IA . 12.53 30.52 -2.07
C28 POV IA . 12.37 29.29 -1.18
C29 POV IA . 12.13 29.71 0.27
N POV JA . 26.13 -1.83 -20.52
P POV JA . 28.73 -3.13 -17.00
C1 POV JA . 30.72 -1.46 -17.09
C2 POV JA . 30.97 0.00 -17.42
C3 POV JA . 30.27 0.41 -18.71
C210 POV JA . 41.97 -0.39 -22.40
C310 POV JA . 36.96 6.88 -26.30
C11 POV JA . 27.74 -3.41 -19.44
O11 POV JA . 29.40 -1.64 -16.72
C211 POV JA . 43.02 0.66 -22.26
C311 POV JA . 38.47 7.05 -26.31
C12 POV JA . 27.55 -2.41 -20.58
O12 POV JA . 28.83 -3.02 -18.74
C312 POV JA . 38.88 7.92 -27.49
C13 POV JA . 25.13 -2.91 -20.92
O13 POV JA . 29.74 -4.17 -16.69
C14 POV JA . 25.82 -1.38 -19.11
O14 POV JA . 27.26 -3.09 -16.76
C15 POV JA . 26.00 -0.64 -21.46
C21 POV JA . 32.85 1.26 -16.75
O21 POV JA . 32.36 0.26 -17.55
C22 POV JA . 34.35 1.33 -16.66
O22 POV JA . 32.09 2.01 -16.17
C23 POV JA . 34.91 1.52 -18.06
C24 POV JA . 36.42 1.32 -18.06
C25 POV JA . 37.00 1.47 -19.47
C26 POV JA . 38.47 1.06 -19.44
C27 POV JA . 39.07 1.16 -20.84
C28 POV JA . 40.54 0.79 -20.77
C29 POV JA . 40.83 -0.32 -21.72
C31 POV JA . 31.14 0.42 -20.88
O31 POV JA . 31.22 0.92 -19.62
C32 POV JA . 32.30 0.75 -21.78
O32 POV JA . 30.17 -0.25 -21.21
C33 POV JA . 32.87 2.08 -21.31
C34 POV JA . 33.95 2.57 -22.24
C35 POV JA . 34.31 4.02 -21.92
C36 POV JA . 35.13 4.61 -23.05
C37 POV JA . 34.60 5.99 -23.42
C38 POV JA . 35.01 6.34 -24.85
C39 POV JA . 36.53 6.22 -24.99
C310 POV KA . 28.75 12.79 -21.72
C311 POV KA . 27.77 13.54 -22.60
C312 POV KA . 27.48 14.91 -22.01
C313 POV KA . 26.89 15.82 -23.08
C314 POV KA . 27.00 17.28 -22.64
C31 POV KA . 30.14 3.93 -18.87
C32 POV KA . 29.70 4.72 -20.06
C33 POV KA . 30.73 5.81 -20.31
C34 POV KA . 30.33 6.69 -21.48
C35 POV KA . 31.24 7.91 -21.56
C36 POV KA . 30.80 8.82 -22.70
C37 POV KA . 31.42 10.19 -22.54
C38 POV KA . 30.54 11.07 -21.67
C39 POV KA . 29.43 11.69 -22.50
N POV LA . 11.04 1.98 6.98
P POV LA . 15.42 3.69 7.46
C1 POV LA . 16.17 5.05 5.38
C2 POV LA . 17.50 5.51 4.80
C3 POV LA . 18.50 5.85 5.90
C11 POV LA . 13.27 2.84 6.22
O11 POV LA . 16.29 4.90 6.75
C12 POV LA . 12.45 2.39 7.44
O12 POV LA . 13.95 3.97 6.57
C13 POV LA . 10.33 1.24 8.11
O13 POV LA . 15.88 2.39 6.92
C14 POV LA . 10.25 3.22 6.64
O14 POV LA . 15.03 4.08 8.85
C15 POV LA . 11.11 1.08 5.75
C21 POV LA . 18.18 6.70 2.88
O21 POV LA . 17.34 6.64 3.96
C22 POV LA . 18.06 7.93 2.03
O22 POV LA . 18.96 5.79 2.67
C23 POV LA . 16.69 7.90 1.35
C24 POV LA . 16.23 9.31 1.01
C25 POV LA . 17.29 10.01 0.17
C26 POV LA . 16.86 11.45 -0.12
C27 POV LA . 17.00 12.30 1.13
C28 POV LA . 16.80 13.76 0.78
C31 POV LA . 19.81 7.62 6.67
O31 POV LA . 18.82 7.24 5.85
C32 POV LA . 19.99 9.11 6.82
O32 POV LA . 20.50 6.78 7.23
C33 POV LA . 18.75 9.79 6.25
C34 POV LA . 19.07 10.51 4.95
C35 POV LA . 20.26 11.44 5.15
C36 POV LA . 19.89 12.86 4.75
C37 POV LA . 19.04 13.51 5.83
C38 POV LA . 18.03 14.46 5.22
C39 POV LA . 18.71 15.46 4.30
N POV MA . 28.17 -0.72 3.08
P POV MA . 23.80 0.66 5.06
C1 POV MA . 24.64 2.79 6.29
C2 POV MA . 24.90 4.28 6.07
C3 POV MA . 23.64 5.00 5.60
C310 POV MA . 20.24 10.04 -5.62
C11 POV MA . 25.75 -0.29 3.56
O11 POV MA . 23.86 2.30 5.25
C311 POV MA . 19.81 11.49 -5.73
C12 POV MA . 27.03 0.28 2.92
O12 POV MA . 25.48 0.47 4.68
C312 POV MA . 19.33 11.78 -7.15
C13 POV MA . 27.87 -1.97 2.29
O13 POV MA . 23.71 0.04 6.41
C313 POV MA . 20.52 11.87 -8.10
C14 POV MA . 29.45 -0.10 2.55
O14 POV MA . 23.15 0.31 3.77
C314 POV MA . 21.22 13.22 -7.94
C15 POV MA . 28.37 -1.08 4.55
C315 POV MA . 22.45 13.29 -8.83
C316 POV MA . 23.01 14.69 -8.84
O21 POV MA . 25.93 4.48 5.11
C31 POV MA . 22.98 6.41 3.85
O31 POV MA . 23.99 6.01 4.67
C32 POV MA . 23.28 7.58 2.97
O32 POV MA . 21.92 5.80 3.88
C33 POV MA . 22.01 7.89 2.17
C34 POV MA . 22.05 9.30 1.61
C35 POV MA . 22.57 9.29 0.18
C36 POV MA . 21.47 9.76 -0.79
C37 POV MA . 21.99 9.80 -2.21
C38 POV MA . 20.86 10.03 -3.19
C39 POV MA . 21.38 9.90 -4.62
C210 POV NA . 39.98 3.05 -2.01
C211 POV NA . 39.03 3.92 -1.21
C212 POV NA . 37.74 3.18 -0.93
C213 POV NA . 36.61 4.15 -0.70
C214 POV NA . 35.37 3.41 -0.24
C215 POV NA . 34.21 4.38 -0.05
C216 POV NA . 33.02 3.66 0.57
C21 POV NA . 48.79 2.45 -0.26
O21 POV NA . 48.79 1.11 -0.42
C22 POV NA . 47.46 3.13 -0.48
O22 POV NA . 49.83 3.03 0.02
C23 POV NA . 47.67 4.64 -0.36
C24 POV NA . 46.56 5.40 -1.06
C25 POV NA . 45.21 4.97 -0.54
C26 POV NA . 44.30 4.55 -1.69
C27 POV NA . 43.65 3.21 -1.38
C28 POV NA . 42.20 3.42 -0.95
C29 POV NA . 41.33 3.72 -2.16
C210 POV OA . 17.67 23.69 -8.67
C211 POV OA . 16.44 22.99 -8.10
C212 POV OA . 16.80 21.59 -7.66
C213 POV OA . 15.54 20.77 -7.42
C214 POV OA . 15.65 19.41 -8.11
C215 POV OA . 14.50 18.52 -7.69
C216 POV OA . 13.99 17.71 -8.88
C21 POV OA . 21.29 30.32 -16.16
O21 POV OA . 21.15 31.35 -15.30
C22 POV OA . 20.22 29.27 -16.08
O22 POV OA . 22.24 30.29 -16.93
C23 POV OA . 20.43 28.47 -14.80
C24 POV OA . 19.28 27.50 -14.58
C25 POV OA . 19.53 26.67 -13.32
C26 POV OA . 18.26 25.94 -12.90
C27 POV OA . 18.60 24.68 -12.13
C28 POV OA . 18.58 24.94 -10.63
C29 POV OA . 17.33 24.34 -10.00
C310 POV PA . 20.40 19.28 -9.41
C311 POV PA . 19.44 19.10 -8.23
C312 POV PA . 19.31 17.64 -7.88
C31 POV PA . 25.29 27.88 -14.56
O31 POV PA . 26.15 28.40 -15.47
C32 POV PA . 25.19 26.38 -14.53
O32 POV PA . 24.68 28.63 -13.81
C33 POV PA . 24.07 26.01 -13.56
C34 POV PA . 23.86 24.51 -13.52
C35 POV PA . 22.68 24.18 -12.61
C36 POV PA . 22.65 22.70 -12.27
C37 POV PA . 21.59 22.45 -11.21
C38 POV PA . 21.51 20.97 -10.87
C39 POV PA . 20.39 20.72 -9.88
C310 POV QA . 17.77 21.48 -14.38
C311 POV QA . 18.91 21.20 -13.42
C31 POV QA . 24.53 27.76 -19.97
O31 POV QA . 23.84 28.75 -19.91
C32 POV QA . 24.30 26.50 -19.18
O32 POV QA . 25.61 27.73 -20.79
C33 POV QA . 23.02 26.69 -18.36
C34 POV QA . 22.87 25.59 -17.32
C35 POV QA . 21.88 24.55 -17.79
C36 POV QA . 20.63 24.61 -16.94
C37 POV QA . 19.89 23.29 -16.99
C38 POV QA . 19.03 23.13 -15.74
C39 POV QA . 18.31 21.79 -15.76
C210 POV RA . 11.03 -4.38 -34.77
C211 POV RA . 11.79 -3.42 -33.87
C212 POV RA . 11.13 -2.05 -33.89
C213 POV RA . 11.94 -1.07 -33.06
C214 POV RA . 11.03 -0.08 -32.35
C215 POV RA . 11.82 0.67 -31.28
C216 POV RA . 11.03 1.87 -30.81
C21 POV RA . 9.20 -14.55 -37.34
O21 POV RA . 9.73 -14.71 -38.57
C22 POV RA . 9.39 -13.18 -36.73
O22 POV RA . 8.61 -15.47 -36.80
C23 POV RA . 10.89 -12.89 -36.70
C24 POV RA . 11.17 -11.45 -37.08
C25 POV RA . 10.99 -10.54 -35.88
C26 POV RA . 11.41 -9.12 -36.24
C27 POV RA . 11.25 -8.19 -35.05
C28 POV RA . 11.28 -6.74 -35.51
C29 POV RA . 11.27 -5.81 -34.31
C210 POV SA . 15.84 -3.16 -37.16
C211 POV SA . 16.80 -2.03 -36.85
C212 POV SA . 16.12 -0.69 -37.16
C213 POV SA . 15.19 -0.29 -36.02
C214 POV SA . 14.87 1.20 -36.13
C215 POV SA . 14.37 1.74 -34.79
C216 POV SA . 14.50 3.25 -34.76
C21 POV SA . 19.66 -11.46 -41.21
O21 POV SA . 20.96 -11.86 -41.29
C22 POV SA . 19.35 -10.53 -40.06
O22 POV SA . 18.85 -11.85 -42.02
C23 POV SA . 17.84 -10.33 -40.02
C24 POV SA . 17.45 -9.40 -38.88
C25 POV SA . 15.95 -9.14 -38.93
C26 POV SA . 15.56 -8.08 -37.90
C27 POV SA . 16.43 -6.85 -38.05
C28 POV SA . 15.66 -5.62 -37.59
C29 POV SA . 16.62 -4.46 -37.35
C210 POV TA . 9.79 20.46 -24.21
C211 POV TA . 10.46 20.15 -22.89
C212 POV TA . 11.63 21.09 -22.67
C213 POV TA . 11.86 21.30 -21.18
C214 POV TA . 12.08 22.77 -20.88
C215 POV TA . 13.40 23.25 -21.48
C21 POV TA . 3.68 24.56 -29.82
O21 POV TA . 2.90 25.60 -30.22
C22 POV TA . 3.04 23.61 -28.84
O22 POV TA . 4.81 24.45 -30.27
C23 POV TA . 4.14 22.73 -28.27
C24 POV TA . 4.71 23.33 -27.00
C25 POV TA . 5.82 22.45 -26.44
C26 POV TA . 5.35 21.01 -26.32
C27 POV TA . 6.12 20.28 -25.23
C28 POV TA . 7.62 20.44 -25.43
C29 POV TA . 8.37 19.90 -24.23
C31 POV UA . 21.12 6.31 14.29
O31 POV UA . 19.79 6.49 14.39
C32 POV UA . 21.74 6.77 12.99
O32 POV UA . 21.75 5.81 15.21
C33 POV UA . 21.53 8.29 12.89
C34 POV UA . 22.62 8.93 12.05
C35 POV UA . 22.52 10.45 12.14
C36 POV UA . 21.27 10.93 11.41
C37 POV UA . 21.35 12.44 11.19
C38 POV UA . 20.36 12.87 10.12
C39 POV UA . 20.65 14.29 9.65
N POV VA . 11.74 31.17 -33.20
P POV VA . 10.30 26.45 -33.89
C1 POV VA . 9.61 24.29 -32.63
C2 POV VA . 10.03 23.32 -31.51
C210 POV VA . 15.93 16.53 -28.36
C11 POV VA . 11.11 28.75 -32.86
O11 POV VA . 10.64 25.18 -32.87
C211 POV VA . 16.23 17.76 -29.15
C12 POV VA . 12.29 29.73 -33.05
O12 POV VA . 11.53 27.52 -33.27
C212 POV VA . 17.72 17.88 -29.38
C13 POV VA . 10.46 31.18 -34.01
O13 POV VA . 10.82 26.12 -35.24
C213 POV VA . 18.02 19.00 -30.38
C14 POV VA . 11.47 31.74 -31.83
O14 POV VA . 9.04 27.12 -33.48
C214 POV VA . 19.49 19.34 -30.37
C15 POV VA . 12.78 32.05 -33.90
C215 POV VA . 20.30 18.27 -31.10
C216 POV VA . 21.78 18.38 -30.73
C217 POV VA . 22.55 17.21 -31.30
C218 POV VA . 23.86 17.04 -30.56
C21 POV VA . 8.71 21.70 -30.42
O21 POV VA . 9.29 22.11 -31.59
C22 POV VA . 9.57 21.73 -29.20
O22 POV VA . 7.55 21.33 -30.44
C23 POV VA . 10.46 20.48 -29.20
C24 POV VA . 11.77 20.74 -28.46
C25 POV VA . 12.51 19.44 -28.23
C26 POV VA . 12.29 18.96 -26.79
C27 POV VA . 13.03 17.65 -26.57
C28 POV VA . 14.52 17.83 -26.81
C29 POV VA . 15.14 16.57 -27.28
#